data_8ZW7
#
_entry.id   8ZW7
#
_cell.length_a   1.00
_cell.length_b   1.00
_cell.length_c   1.00
_cell.angle_alpha   90.00
_cell.angle_beta   90.00
_cell.angle_gamma   90.00
#
_symmetry.space_group_name_H-M   'P 1'
#
loop_
_entity.id
_entity.type
_entity.pdbx_description
1 polymer Hemagglutinin
2 branched alpha-D-mannopyranose-(1-3)-[alpha-D-mannopyranose-(1-6)]beta-D-mannopyranose-(1-4)-2-acetamido-2-deoxy-beta-D-glucopyranose-(1-4)-2-acetamido-2-deoxy-beta-D-glucopyranose
3 branched 2-acetamido-2-deoxy-beta-D-glucopyranose-(1-4)-2-acetamido-2-deoxy-beta-D-glucopyranose
4 branched 'N-acetyl-alpha-neuraminic acid-(2-6)-beta-D-galactopyranose'
5 non-polymer 2-acetamido-2-deoxy-beta-D-glucopyranose
#
_entity_poly.entity_id   1
_entity_poly.type   'polypeptide(L)'
_entity_poly.pdbx_seq_one_letter_code
;LQQNLPGKDSSTATLCLGHHSVPNGTIVKTITDDQIEVTNATELVQNSSTGKICNNPHKVLDGRDCTLIDAMLGDPHCDV
FQDEKWDLFVERSSAFSNCYPYDVPDYASLRSLIASSGTLDFITESFTWAGVSQNGGSSACKRGPANGFFSRLNWLTKSG
SSYPLLNVTMPNNYNFDKLYIWGVHHPSTNQEQTNLYVQASGRVTVSTRRSQQTIVPNIGSRPWVRGQSSRISIYWTIVK
PGDVLVINSNGNLIAPRGFFKIRTGRSSIMRSDAPIETCISECITPNGSIPNDKPFQNVNKITYGACPKYVKQNTLKLAT
GMRNVPEKQTRGLFGAIAGFIENGWEGMIDGWYGFRHQNSEGTGQAADLKSTQAAIDQINGKLNRVIEKTNEKFHQIEKE
FSEVEGRIQDLEKYVEDTKVDLWSYNAELLVALENQHTIDLTDSEMNKLFEKTRRQLRENAEDMGNGCFKIYHKCDNACI
ESIRNGTYDHDIYRDEALNNRFQIRGVE
;
_entity_poly.pdbx_strand_id   A,B,C
#
loop_
_chem_comp.id
_chem_comp.type
_chem_comp.name
_chem_comp.formula
BMA D-saccharide, beta linking beta-D-mannopyranose 'C6 H12 O6'
GAL D-saccharide, beta linking beta-D-galactopyranose 'C6 H12 O6'
MAN D-saccharide, alpha linking alpha-D-mannopyranose 'C6 H12 O6'
NAG D-saccharide, beta linking 2-acetamido-2-deoxy-beta-D-glucopyranose 'C8 H15 N O6'
SIA D-saccharide, alpha linking 'N-acetyl-alpha-neuraminic acid' 'C11 H19 N O9'
#
# COMPACT_ATOMS: atom_id res chain seq x y z
N THR A 12 -30.87 41.67 -44.38
CA THR A 12 -30.28 41.10 -43.18
C THR A 12 -29.54 39.80 -43.49
N ALA A 13 -28.98 39.18 -42.46
CA ALA A 13 -28.25 37.93 -42.62
C ALA A 13 -28.27 37.18 -41.30
N THR A 14 -27.95 35.89 -41.38
CA THR A 14 -27.92 35.02 -40.21
C THR A 14 -26.58 34.32 -40.13
N LEU A 15 -26.03 34.25 -38.92
CA LEU A 15 -24.76 33.57 -38.67
C LEU A 15 -24.94 32.66 -37.46
N CYS A 16 -24.54 31.40 -37.61
CA CYS A 16 -24.72 30.41 -36.57
C CYS A 16 -23.38 29.76 -36.24
N LEU A 17 -23.26 29.32 -34.99
CA LEU A 17 -22.08 28.63 -34.49
C LEU A 17 -22.47 27.25 -33.99
N GLY A 18 -21.66 26.25 -34.32
CA GLY A 18 -21.99 24.88 -33.95
C GLY A 18 -20.75 24.02 -33.88
N HIS A 19 -20.98 22.76 -33.52
CA HIS A 19 -19.91 21.78 -33.37
C HIS A 19 -20.30 20.49 -34.09
N HIS A 20 -19.28 19.70 -34.43
CA HIS A 20 -19.50 18.51 -35.23
C HIS A 20 -20.14 17.40 -34.39
N SER A 21 -20.60 16.37 -35.08
CA SER A 21 -21.24 15.22 -34.44
C SER A 21 -20.99 13.99 -35.29
N VAL A 22 -21.16 12.82 -34.67
CA VAL A 22 -20.90 11.55 -35.36
C VAL A 22 -22.13 10.66 -35.23
N PRO A 23 -22.39 9.79 -36.22
CA PRO A 23 -23.56 8.89 -36.11
C PRO A 23 -23.47 7.90 -34.97
N ASN A 24 -22.26 7.44 -34.62
CA ASN A 24 -22.08 6.43 -33.59
C ASN A 24 -21.15 6.96 -32.51
N GLY A 25 -21.69 7.13 -31.30
CA GLY A 25 -20.93 7.62 -30.17
C GLY A 25 -20.51 6.50 -29.23
N THR A 26 -19.82 6.91 -28.16
CA THR A 26 -19.34 6.00 -27.14
C THR A 26 -19.76 6.52 -25.77
N ILE A 27 -20.13 5.60 -24.88
CA ILE A 27 -20.57 5.96 -23.54
C ILE A 27 -19.39 5.90 -22.58
N VAL A 28 -19.18 6.99 -21.83
CA VAL A 28 -18.13 7.07 -20.83
C VAL A 28 -18.76 7.53 -19.51
N LYS A 29 -17.93 7.53 -18.46
CA LYS A 29 -18.36 7.89 -17.12
C LYS A 29 -17.55 9.08 -16.62
N THR A 30 -18.23 10.05 -16.01
CA THR A 30 -17.60 11.23 -15.47
C THR A 30 -17.93 11.35 -13.98
N ILE A 31 -17.50 12.45 -13.38
CA ILE A 31 -17.73 12.66 -11.95
C ILE A 31 -19.21 12.90 -11.68
N THR A 32 -19.87 13.68 -12.53
CA THR A 32 -21.25 14.08 -12.29
C THR A 32 -22.27 13.28 -13.10
N ASP A 33 -21.84 12.49 -14.07
CA ASP A 33 -22.74 11.74 -14.93
C ASP A 33 -22.41 10.26 -14.87
N ASP A 34 -23.44 9.43 -14.67
CA ASP A 34 -23.25 7.99 -14.74
C ASP A 34 -22.89 7.54 -16.15
N GLN A 35 -23.61 8.04 -17.14
CA GLN A 35 -23.40 7.70 -18.54
C GLN A 35 -23.56 8.94 -19.40
N ILE A 36 -22.62 9.18 -20.29
CA ILE A 36 -22.67 10.29 -21.23
C ILE A 36 -22.02 9.85 -22.54
N GLU A 37 -22.60 10.27 -23.65
CA GLU A 37 -22.14 9.86 -24.98
C GLU A 37 -21.17 10.89 -25.53
N VAL A 38 -20.04 10.42 -26.05
CA VAL A 38 -19.01 11.28 -26.63
C VAL A 38 -18.73 10.80 -28.05
N THR A 39 -18.05 11.65 -28.82
CA THR A 39 -17.78 11.35 -30.22
C THR A 39 -16.68 10.33 -30.42
N ASN A 40 -15.80 10.15 -29.43
CA ASN A 40 -14.66 9.25 -29.59
C ASN A 40 -14.10 8.92 -28.21
N ALA A 41 -13.58 7.70 -28.08
CA ALA A 41 -13.01 7.24 -26.82
C ALA A 41 -11.99 6.15 -27.11
N THR A 42 -11.14 5.89 -26.12
CA THR A 42 -10.10 4.88 -26.21
C THR A 42 -10.15 3.97 -24.99
N GLU A 43 -9.69 2.73 -25.18
CA GLU A 43 -9.63 1.77 -24.09
C GLU A 43 -8.30 1.86 -23.38
N LEU A 44 -8.34 1.80 -22.04
CA LEU A 44 -7.16 1.97 -21.21
C LEU A 44 -6.71 0.68 -20.53
N VAL A 45 -7.43 -0.41 -20.71
CA VAL A 45 -7.14 -1.68 -20.04
C VAL A 45 -6.87 -2.75 -21.08
N GLN A 46 -5.71 -3.40 -20.97
CA GLN A 46 -5.37 -4.53 -21.82
C GLN A 46 -5.89 -5.81 -21.17
N ASN A 47 -6.71 -6.55 -21.90
CA ASN A 47 -7.41 -7.70 -21.33
C ASN A 47 -7.27 -8.95 -22.19
N SER A 48 -6.22 -9.03 -23.01
CA SER A 48 -6.03 -10.19 -23.87
C SER A 48 -4.55 -10.41 -24.11
N SER A 49 -4.21 -11.63 -24.50
CA SER A 49 -2.85 -12.01 -24.83
C SER A 49 -2.86 -13.00 -25.99
N THR A 50 -1.74 -13.06 -26.70
CA THR A 50 -1.62 -13.98 -27.82
C THR A 50 -1.32 -15.42 -27.40
N GLY A 51 -0.95 -15.64 -26.15
CA GLY A 51 -0.64 -16.97 -25.67
C GLY A 51 0.78 -17.44 -25.91
N LYS A 52 1.65 -16.58 -26.45
CA LYS A 52 3.04 -16.93 -26.70
C LYS A 52 3.96 -16.00 -25.91
N ILE A 53 5.17 -16.48 -25.68
CA ILE A 53 6.20 -15.71 -24.99
C ILE A 53 7.29 -15.36 -25.99
N CYS A 54 7.50 -14.06 -26.19
CA CYS A 54 8.51 -13.60 -27.13
C CYS A 54 9.91 -13.76 -26.54
N ASN A 55 10.87 -14.11 -27.39
CA ASN A 55 12.24 -14.36 -26.95
C ASN A 55 13.12 -13.12 -27.05
N ASN A 56 12.55 -11.97 -27.38
CA ASN A 56 13.31 -10.72 -27.44
C ASN A 56 12.54 -9.62 -26.72
N PRO A 57 13.24 -8.67 -26.11
CA PRO A 57 14.70 -8.54 -25.99
C PRO A 57 15.27 -9.29 -24.80
N HIS A 58 14.43 -9.82 -23.91
CA HIS A 58 14.92 -10.56 -22.76
C HIS A 58 15.40 -11.94 -23.18
N LYS A 59 16.38 -12.45 -22.44
CA LYS A 59 16.90 -13.80 -22.66
C LYS A 59 16.07 -14.77 -21.85
N VAL A 60 15.19 -15.51 -22.53
CA VAL A 60 14.27 -16.44 -21.88
C VAL A 60 14.85 -17.85 -22.01
N LEU A 61 15.02 -18.51 -20.87
CA LEU A 61 15.51 -19.88 -20.82
C LEU A 61 14.37 -20.81 -20.49
N ASP A 62 14.18 -21.85 -21.30
CA ASP A 62 13.08 -22.78 -21.14
C ASP A 62 13.58 -24.05 -20.45
N GLY A 63 13.07 -24.30 -19.24
CA GLY A 63 13.34 -25.55 -18.57
C GLY A 63 12.30 -26.58 -18.94
N ARG A 64 12.66 -27.49 -19.86
CA ARG A 64 11.68 -28.41 -20.41
C ARG A 64 11.10 -29.33 -19.33
N ASP A 65 11.94 -30.16 -18.73
CA ASP A 65 11.50 -31.12 -17.72
C ASP A 65 12.26 -30.96 -16.41
N CYS A 66 12.96 -29.84 -16.23
CA CYS A 66 13.82 -29.63 -15.09
C CYS A 66 13.41 -28.39 -14.32
N THR A 67 13.38 -28.50 -12.99
CA THR A 67 13.26 -27.33 -12.14
C THR A 67 14.62 -26.65 -12.01
N LEU A 68 14.61 -25.42 -11.49
CA LEU A 68 15.86 -24.69 -11.31
C LEU A 68 16.76 -25.39 -10.30
N ILE A 69 16.19 -25.90 -9.21
CA ILE A 69 16.99 -26.57 -8.18
C ILE A 69 17.61 -27.84 -8.75
N ASP A 70 16.84 -28.61 -9.52
CA ASP A 70 17.37 -29.83 -10.10
C ASP A 70 18.49 -29.54 -11.08
N ALA A 71 18.33 -28.49 -11.89
CA ALA A 71 19.39 -28.10 -12.82
C ALA A 71 20.64 -27.65 -12.07
N MET A 72 20.46 -26.92 -10.98
CA MET A 72 21.60 -26.49 -10.18
C MET A 72 22.33 -27.68 -9.55
N LEU A 73 21.58 -28.66 -9.05
CA LEU A 73 22.20 -29.79 -8.37
C LEU A 73 22.99 -30.67 -9.33
N GLY A 74 22.50 -30.83 -10.56
CA GLY A 74 23.17 -31.68 -11.52
C GLY A 74 22.47 -32.99 -11.80
N ASP A 75 21.15 -32.94 -11.91
CA ASP A 75 20.39 -34.13 -12.27
C ASP A 75 20.82 -34.64 -13.64
N PRO A 76 20.99 -35.95 -13.81
CA PRO A 76 21.52 -36.46 -15.08
C PRO A 76 20.72 -36.06 -16.31
N HIS A 77 19.40 -35.96 -16.20
CA HIS A 77 18.58 -35.51 -17.32
C HIS A 77 18.50 -33.99 -17.40
N CYS A 78 19.19 -33.28 -16.52
CA CYS A 78 19.29 -31.83 -16.56
C CYS A 78 20.70 -31.36 -16.87
N ASP A 79 21.54 -32.24 -17.42
CA ASP A 79 22.94 -31.91 -17.67
C ASP A 79 23.14 -30.90 -18.78
N VAL A 80 22.11 -30.63 -19.58
CA VAL A 80 22.23 -29.65 -20.67
C VAL A 80 22.18 -28.22 -20.18
N PHE A 81 21.86 -28.00 -18.90
CA PHE A 81 21.73 -26.67 -18.35
C PHE A 81 22.99 -26.19 -17.63
N GLN A 82 24.11 -26.90 -17.79
CA GLN A 82 25.33 -26.53 -17.09
C GLN A 82 25.87 -25.20 -17.61
N ASP A 83 26.26 -24.32 -16.67
CA ASP A 83 26.86 -23.02 -16.98
C ASP A 83 25.95 -22.19 -17.88
N GLU A 84 24.65 -22.18 -17.57
CA GLU A 84 23.68 -21.40 -18.32
C GLU A 84 23.38 -20.08 -17.62
N LYS A 85 22.90 -19.12 -18.41
CA LYS A 85 22.52 -17.82 -17.90
C LYS A 85 21.16 -17.44 -18.49
N TRP A 86 20.44 -16.58 -17.78
CA TRP A 86 19.09 -16.24 -18.19
C TRP A 86 18.72 -14.87 -17.64
N ASP A 87 17.73 -14.26 -18.28
CA ASP A 87 17.02 -13.11 -17.73
C ASP A 87 15.71 -13.52 -17.07
N LEU A 88 15.02 -14.50 -17.65
CA LEU A 88 13.83 -15.09 -17.05
C LEU A 88 13.89 -16.60 -17.23
N PHE A 89 13.69 -17.33 -16.14
CA PHE A 89 13.65 -18.78 -16.17
C PHE A 89 12.20 -19.24 -16.11
N VAL A 90 11.81 -20.09 -17.06
CA VAL A 90 10.43 -20.56 -17.18
C VAL A 90 10.39 -22.01 -16.71
N GLU A 91 9.59 -22.28 -15.69
CA GLU A 91 9.43 -23.62 -15.13
C GLU A 91 8.10 -24.19 -15.59
N ARG A 92 8.15 -25.35 -16.25
CA ARG A 92 6.95 -26.00 -16.73
C ARG A 92 6.33 -26.87 -15.63
N SER A 93 5.04 -27.13 -15.76
CA SER A 93 4.32 -27.93 -14.79
C SER A 93 4.56 -29.42 -14.95
N SER A 94 5.22 -29.85 -16.04
CA SER A 94 5.50 -31.25 -16.28
C SER A 94 6.90 -31.65 -15.84
N ALA A 95 7.61 -30.77 -15.13
CA ALA A 95 8.95 -31.08 -14.67
C ALA A 95 8.90 -32.17 -13.59
N PHE A 96 9.96 -32.98 -13.54
CA PHE A 96 10.02 -34.09 -12.59
C PHE A 96 11.48 -34.31 -12.19
N SER A 97 11.65 -35.00 -11.06
CA SER A 97 12.96 -35.35 -10.53
C SER A 97 13.24 -36.81 -10.80
N ASN A 98 14.47 -37.12 -11.19
CA ASN A 98 14.86 -38.48 -11.55
C ASN A 98 16.23 -38.83 -10.96
N CYS A 99 16.44 -38.49 -9.69
CA CYS A 99 17.69 -38.78 -9.02
C CYS A 99 17.37 -39.21 -7.59
N TYR A 100 18.38 -39.20 -6.74
CA TYR A 100 18.21 -39.60 -5.35
C TYR A 100 17.20 -38.69 -4.66
N PRO A 101 16.26 -39.23 -3.89
CA PRO A 101 15.27 -38.38 -3.21
C PRO A 101 15.95 -37.41 -2.24
N TYR A 102 15.41 -36.20 -2.17
CA TYR A 102 16.00 -35.16 -1.35
C TYR A 102 14.94 -34.17 -0.92
N ASP A 103 15.26 -33.37 0.09
CA ASP A 103 14.42 -32.28 0.54
C ASP A 103 15.30 -31.10 0.90
N VAL A 104 14.77 -29.90 0.73
CA VAL A 104 15.52 -28.67 0.98
C VAL A 104 14.80 -27.83 2.03
N PRO A 105 15.31 -27.74 3.25
CA PRO A 105 14.75 -26.77 4.20
C PRO A 105 14.90 -25.36 3.66
N ASP A 106 13.82 -24.58 3.78
CA ASP A 106 13.74 -23.25 3.17
C ASP A 106 14.00 -23.33 1.67
N TYR A 107 13.21 -24.18 1.00
CA TYR A 107 13.34 -24.38 -0.44
C TYR A 107 13.08 -23.08 -1.20
N ALA A 108 12.07 -22.31 -0.76
CA ALA A 108 11.70 -21.10 -1.47
C ALA A 108 12.83 -20.08 -1.45
N SER A 109 13.52 -19.93 -0.32
CA SER A 109 14.59 -18.94 -0.23
C SER A 109 15.73 -19.29 -1.17
N LEU A 110 16.15 -20.56 -1.19
CA LEU A 110 17.23 -20.97 -2.09
C LEU A 110 16.82 -20.81 -3.54
N ARG A 111 15.59 -21.19 -3.87
CA ARG A 111 15.11 -21.03 -5.24
C ARG A 111 15.11 -19.56 -5.66
N SER A 112 14.61 -18.69 -4.78
CA SER A 112 14.56 -17.27 -5.10
C SER A 112 15.95 -16.67 -5.28
N LEU A 113 16.89 -17.03 -4.40
CA LEU A 113 18.22 -16.45 -4.51
C LEU A 113 18.95 -16.97 -5.75
N ILE A 114 18.76 -18.25 -6.09
CA ILE A 114 19.38 -18.79 -7.31
C ILE A 114 18.79 -18.12 -8.53
N ALA A 115 17.46 -17.94 -8.57
CA ALA A 115 16.83 -17.28 -9.69
C ALA A 115 17.30 -15.83 -9.82
N SER A 116 17.45 -15.13 -8.70
CA SER A 116 17.90 -13.75 -8.75
C SER A 116 19.36 -13.63 -9.15
N SER A 117 20.16 -14.66 -8.86
CA SER A 117 21.56 -14.63 -9.30
C SER A 117 21.66 -14.60 -10.82
N GLY A 118 20.85 -15.41 -11.49
CA GLY A 118 20.76 -15.35 -12.94
C GLY A 118 21.80 -16.15 -13.70
N THR A 119 22.58 -16.99 -13.03
CA THR A 119 23.58 -17.79 -13.72
C THR A 119 23.82 -19.08 -12.94
N LEU A 120 24.35 -20.07 -13.65
CA LEU A 120 24.71 -21.36 -13.07
C LEU A 120 26.20 -21.64 -13.26
N ASP A 121 27.03 -20.60 -13.24
CA ASP A 121 28.46 -20.76 -13.42
C ASP A 121 29.07 -21.50 -12.24
N PHE A 122 29.81 -22.57 -12.53
CA PHE A 122 30.38 -23.43 -11.50
C PHE A 122 31.87 -23.54 -11.71
N ILE A 123 32.63 -23.38 -10.61
CA ILE A 123 34.09 -23.50 -10.63
C ILE A 123 34.48 -24.66 -9.75
N THR A 124 35.26 -25.59 -10.30
CA THR A 124 35.70 -26.77 -9.56
C THR A 124 36.91 -26.43 -8.72
N GLU A 125 36.85 -26.81 -7.44
CA GLU A 125 37.95 -26.57 -6.50
C GLU A 125 38.54 -27.91 -6.06
N SER A 126 39.83 -27.87 -5.73
CA SER A 126 40.57 -29.09 -5.39
C SER A 126 40.45 -29.36 -3.90
N PHE A 127 39.34 -29.99 -3.51
CA PHE A 127 39.15 -30.45 -2.15
C PHE A 127 39.91 -31.76 -1.94
N THR A 128 40.51 -31.90 -0.76
CA THR A 128 41.28 -33.09 -0.41
C THR A 128 40.57 -33.81 0.74
N TRP A 129 40.05 -35.00 0.45
CA TRP A 129 39.37 -35.84 1.44
C TRP A 129 40.22 -37.08 1.66
N ALA A 130 40.89 -37.14 2.81
CA ALA A 130 41.86 -38.20 3.11
C ALA A 130 41.19 -39.27 3.96
N GLY A 131 41.39 -40.53 3.56
CA GLY A 131 40.90 -41.66 4.32
C GLY A 131 39.48 -42.09 4.02
N VAL A 132 38.86 -41.55 2.97
CA VAL A 132 37.50 -41.91 2.60
C VAL A 132 37.45 -42.19 1.10
N SER A 133 36.39 -42.87 0.69
CA SER A 133 36.14 -43.16 -0.72
C SER A 133 35.14 -42.14 -1.27
N GLN A 134 35.38 -41.70 -2.49
CA GLN A 134 34.60 -40.64 -3.11
C GLN A 134 33.78 -41.19 -4.27
N ASN A 135 32.97 -40.30 -4.87
CA ASN A 135 32.18 -40.60 -6.06
C ASN A 135 31.21 -41.76 -5.82
N GLY A 136 30.47 -41.67 -4.71
CA GLY A 136 29.45 -42.65 -4.44
C GLY A 136 28.28 -42.51 -5.39
N GLY A 137 27.62 -43.64 -5.67
CA GLY A 137 26.52 -43.67 -6.60
C GLY A 137 25.35 -44.49 -6.06
N SER A 138 24.26 -44.46 -6.82
CA SER A 138 23.05 -45.18 -6.45
C SER A 138 22.29 -45.56 -7.71
N SER A 139 21.43 -46.58 -7.58
CA SER A 139 20.61 -47.03 -8.69
C SER A 139 19.41 -46.11 -8.95
N ALA A 140 19.08 -45.22 -8.02
CA ALA A 140 18.00 -44.27 -8.23
C ALA A 140 18.41 -43.10 -9.11
N CYS A 141 19.69 -42.95 -9.41
CA CYS A 141 20.22 -41.87 -10.22
C CYS A 141 21.15 -42.49 -11.26
N LYS A 142 20.60 -42.87 -12.41
CA LYS A 142 21.33 -43.59 -13.43
C LYS A 142 21.87 -42.62 -14.48
N ARG A 143 23.16 -42.76 -14.79
CA ARG A 143 23.81 -42.02 -15.87
C ARG A 143 24.12 -43.03 -16.96
N GLY A 144 23.15 -43.27 -17.84
CA GLY A 144 23.26 -44.28 -18.86
C GLY A 144 23.01 -45.66 -18.27
N PRO A 145 23.99 -46.57 -18.43
CA PRO A 145 23.86 -47.92 -17.88
C PRO A 145 24.48 -48.12 -16.51
N ALA A 146 25.08 -47.08 -15.92
CA ALA A 146 25.78 -47.20 -14.65
C ALA A 146 25.14 -46.32 -13.61
N ASN A 147 25.38 -46.66 -12.35
CA ASN A 147 24.89 -45.85 -11.23
C ASN A 147 25.61 -44.51 -11.18
N GLY A 148 24.87 -43.46 -10.80
CA GLY A 148 25.45 -42.14 -10.74
C GLY A 148 24.94 -41.31 -9.59
N PHE A 149 25.17 -40.00 -9.65
CA PHE A 149 24.79 -39.09 -8.58
C PHE A 149 24.70 -37.69 -9.17
N PHE A 150 24.39 -36.72 -8.31
CA PHE A 150 24.42 -35.32 -8.72
C PHE A 150 25.82 -34.93 -9.15
N SER A 151 25.92 -34.23 -10.29
CA SER A 151 27.23 -33.89 -10.84
C SER A 151 27.96 -32.85 -10.02
N ARG A 152 27.25 -32.08 -9.18
CA ARG A 152 27.85 -31.03 -8.39
C ARG A 152 28.05 -31.41 -6.94
N LEU A 153 27.84 -32.67 -6.58
CA LEU A 153 27.97 -33.13 -5.21
C LEU A 153 28.86 -34.36 -5.17
N ASN A 154 29.50 -34.57 -4.02
CA ASN A 154 30.41 -35.69 -3.81
C ASN A 154 29.92 -36.50 -2.62
N TRP A 155 29.65 -37.78 -2.84
CA TRP A 155 29.19 -38.68 -1.79
C TRP A 155 30.39 -39.44 -1.23
N LEU A 156 30.69 -39.22 0.04
CA LEU A 156 31.84 -39.82 0.70
C LEU A 156 31.36 -40.93 1.62
N THR A 157 32.04 -42.08 1.56
CA THR A 157 31.73 -43.22 2.42
C THR A 157 33.04 -43.73 3.02
N LYS A 158 32.93 -44.77 3.84
CA LYS A 158 34.10 -45.33 4.50
C LYS A 158 35.04 -45.97 3.50
N SER A 159 36.33 -45.92 3.82
CA SER A 159 37.38 -46.55 3.03
C SER A 159 38.02 -47.64 3.88
N GLY A 160 37.96 -48.88 3.42
CA GLY A 160 38.46 -49.98 4.22
C GLY A 160 37.47 -50.33 5.32
N SER A 161 37.81 -49.97 6.56
CA SER A 161 36.92 -50.19 7.69
C SER A 161 36.94 -49.01 8.66
N SER A 162 37.26 -47.82 8.16
CA SER A 162 37.38 -46.65 9.01
C SER A 162 36.83 -45.43 8.29
N TYR A 163 36.33 -44.48 9.07
CA TYR A 163 35.87 -43.18 8.57
C TYR A 163 36.52 -42.12 9.44
N PRO A 164 37.68 -41.62 9.05
CA PRO A 164 38.39 -40.63 9.88
C PRO A 164 37.65 -39.30 9.91
N LEU A 165 37.92 -38.55 10.98
CA LEU A 165 37.34 -37.21 11.11
C LEU A 165 37.91 -36.30 10.03
N LEU A 166 37.03 -35.59 9.34
CA LEU A 166 37.41 -34.73 8.23
C LEU A 166 37.51 -33.29 8.70
N ASN A 167 38.61 -32.62 8.33
CA ASN A 167 38.84 -31.23 8.72
C ASN A 167 39.60 -30.57 7.58
N VAL A 168 38.87 -29.90 6.68
CA VAL A 168 39.47 -29.24 5.53
C VAL A 168 39.04 -27.78 5.52
N THR A 169 39.84 -26.96 4.83
CA THR A 169 39.58 -25.53 4.75
C THR A 169 39.83 -25.06 3.33
N MET A 170 39.19 -23.94 2.98
CA MET A 170 39.36 -23.31 1.68
C MET A 170 39.08 -21.82 1.77
N PRO A 171 40.09 -20.98 1.53
CA PRO A 171 39.91 -19.53 1.65
C PRO A 171 39.38 -18.90 0.37
N ASN A 172 38.80 -17.72 0.54
CA ASN A 172 38.27 -16.93 -0.58
C ASN A 172 39.26 -15.80 -0.85
N ASN A 173 40.09 -15.98 -1.87
CA ASN A 173 41.08 -14.98 -2.26
C ASN A 173 40.64 -14.15 -3.46
N TYR A 174 39.40 -14.29 -3.90
CA TYR A 174 38.89 -13.52 -5.02
C TYR A 174 38.25 -12.24 -4.51
N ASN A 175 37.55 -11.52 -5.40
CA ASN A 175 36.87 -10.28 -5.04
C ASN A 175 35.36 -10.40 -5.20
N PHE A 176 34.83 -11.62 -5.24
CA PHE A 176 33.40 -11.84 -5.36
C PHE A 176 32.98 -12.92 -4.37
N ASP A 177 31.68 -12.94 -4.07
CA ASP A 177 31.15 -13.92 -3.13
C ASP A 177 31.12 -15.31 -3.76
N LYS A 178 31.25 -16.33 -2.91
CA LYS A 178 31.15 -17.72 -3.31
C LYS A 178 29.93 -18.35 -2.66
N LEU A 179 29.23 -19.20 -3.41
CA LEU A 179 28.09 -19.94 -2.90
C LEU A 179 28.41 -21.43 -2.94
N TYR A 180 28.29 -22.09 -1.80
CA TYR A 180 28.59 -23.51 -1.67
C TYR A 180 27.30 -24.28 -1.38
N ILE A 181 27.14 -25.41 -2.06
CA ILE A 181 26.00 -26.29 -1.86
C ILE A 181 26.51 -27.63 -1.35
N TRP A 182 26.02 -28.05 -0.18
CA TRP A 182 26.43 -29.29 0.44
C TRP A 182 25.19 -29.97 1.01
N GLY A 183 25.38 -31.19 1.52
CA GLY A 183 24.25 -31.96 1.99
C GLY A 183 24.61 -32.93 3.10
N VAL A 184 23.56 -33.47 3.72
CA VAL A 184 23.67 -34.46 4.79
C VAL A 184 22.78 -35.64 4.44
N HIS A 185 23.30 -36.85 4.66
CA HIS A 185 22.59 -38.08 4.33
C HIS A 185 21.87 -38.61 5.56
N HIS A 186 20.61 -38.98 5.40
CA HIS A 186 19.80 -39.54 6.49
C HIS A 186 19.55 -41.02 6.21
N PRO A 187 20.26 -41.93 6.89
CA PRO A 187 20.03 -43.36 6.65
C PRO A 187 18.69 -43.81 7.20
N SER A 188 18.21 -44.94 6.69
CA SER A 188 16.93 -45.48 7.09
C SER A 188 17.02 -46.38 8.32
N THR A 189 18.13 -47.09 8.50
CA THR A 189 18.30 -48.01 9.62
C THR A 189 19.67 -47.82 10.25
N ASN A 190 19.78 -48.27 11.50
CA ASN A 190 21.07 -48.21 12.19
C ASN A 190 22.12 -49.06 11.51
N GLN A 191 21.71 -50.24 11.01
CA GLN A 191 22.66 -51.10 10.30
C GLN A 191 23.20 -50.43 9.06
N GLU A 192 22.34 -49.75 8.30
CA GLU A 192 22.80 -49.01 7.13
C GLU A 192 23.74 -47.88 7.52
N GLN A 193 23.42 -47.17 8.60
CA GLN A 193 24.29 -46.09 9.06
C GLN A 193 25.68 -46.61 9.41
N THR A 194 25.74 -47.72 10.16
CA THR A 194 27.04 -48.27 10.54
C THR A 194 27.78 -48.84 9.34
N ASN A 195 27.05 -49.43 8.38
CA ASN A 195 27.69 -49.98 7.20
C ASN A 195 28.32 -48.89 6.33
N LEU A 196 27.61 -47.77 6.14
CA LEU A 196 28.15 -46.70 5.31
C LEU A 196 29.24 -45.92 6.05
N TYR A 197 28.95 -45.51 7.29
CA TYR A 197 29.89 -44.76 8.10
C TYR A 197 30.08 -45.49 9.42
N VAL A 198 31.34 -45.78 9.77
CA VAL A 198 31.61 -46.66 10.90
C VAL A 198 31.08 -46.09 12.21
N GLN A 199 30.95 -44.76 12.29
CA GLN A 199 30.41 -44.15 13.49
C GLN A 199 28.90 -44.43 13.60
N ALA A 200 28.43 -44.57 14.84
CA ALA A 200 27.02 -44.83 15.09
C ALA A 200 26.16 -43.58 15.02
N SER A 201 26.77 -42.40 14.94
CA SER A 201 26.02 -41.16 14.86
C SER A 201 26.91 -40.11 14.20
N GLY A 202 26.53 -39.68 13.00
CA GLY A 202 27.32 -38.73 12.25
C GLY A 202 27.09 -37.30 12.72
N ARG A 203 27.86 -36.39 12.13
CA ARG A 203 27.78 -34.97 12.46
C ARG A 203 28.49 -34.19 11.37
N VAL A 204 27.86 -33.10 10.92
CA VAL A 204 28.42 -32.24 9.89
C VAL A 204 28.41 -30.81 10.39
N THR A 205 29.55 -30.14 10.32
CA THR A 205 29.68 -28.75 10.75
C THR A 205 30.33 -27.95 9.63
N VAL A 206 29.64 -26.92 9.16
CA VAL A 206 30.16 -26.01 8.15
C VAL A 206 30.06 -24.59 8.70
N SER A 207 31.17 -23.86 8.69
CA SER A 207 31.19 -22.56 9.32
C SER A 207 32.20 -21.65 8.63
N THR A 208 32.01 -20.35 8.82
CA THR A 208 32.93 -19.31 8.41
C THR A 208 33.32 -18.48 9.62
N ARG A 209 34.01 -17.36 9.39
CA ARG A 209 34.41 -16.49 10.49
C ARG A 209 33.22 -15.77 11.13
N ARG A 210 32.04 -15.80 10.51
CA ARG A 210 30.89 -15.06 11.01
C ARG A 210 29.62 -15.88 11.12
N SER A 211 29.64 -17.14 10.70
CA SER A 211 28.43 -17.97 10.76
C SER A 211 28.82 -19.42 10.94
N GLN A 212 27.87 -20.23 11.38
CA GLN A 212 28.09 -21.64 11.60
C GLN A 212 26.79 -22.41 11.41
N GLN A 213 26.91 -23.68 11.01
CA GLN A 213 25.78 -24.57 10.86
C GLN A 213 26.21 -25.98 11.24
N THR A 214 25.39 -26.66 12.03
CA THR A 214 25.65 -28.04 12.41
C THR A 214 24.37 -28.85 12.27
N ILE A 215 24.46 -30.01 11.63
CA ILE A 215 23.32 -30.88 11.40
C ILE A 215 23.64 -32.26 11.94
N VAL A 216 22.70 -32.83 12.69
CA VAL A 216 22.80 -34.19 13.21
C VAL A 216 21.83 -35.06 12.40
N PRO A 217 22.32 -36.06 11.68
CA PRO A 217 21.42 -36.87 10.84
C PRO A 217 20.40 -37.64 11.66
N ASN A 218 19.25 -37.89 11.04
CA ASN A 218 18.16 -38.63 11.66
C ASN A 218 17.98 -39.95 10.95
N ILE A 219 17.80 -41.02 11.73
CA ILE A 219 17.68 -42.38 11.21
C ILE A 219 16.23 -42.82 11.37
N GLY A 220 15.64 -43.28 10.27
CA GLY A 220 14.27 -43.77 10.29
C GLY A 220 13.74 -44.11 8.92
N SER A 221 12.69 -44.92 8.86
CA SER A 221 12.11 -45.34 7.59
C SER A 221 11.29 -44.21 6.98
N ARG A 222 11.29 -44.18 5.65
CA ARG A 222 10.57 -43.18 4.87
C ARG A 222 9.91 -43.88 3.70
N PRO A 223 8.88 -43.26 3.11
CA PRO A 223 8.22 -43.88 1.95
C PRO A 223 9.20 -44.09 0.80
N TRP A 224 9.01 -45.21 0.10
CA TRP A 224 9.90 -45.56 -1.00
C TRP A 224 9.76 -44.55 -2.14
N VAL A 225 10.90 -44.05 -2.62
CA VAL A 225 10.96 -43.18 -3.78
C VAL A 225 12.08 -43.69 -4.67
N ARG A 226 11.72 -44.27 -5.81
CA ARG A 226 12.70 -44.84 -6.75
C ARG A 226 13.61 -45.85 -6.08
N GLY A 227 13.04 -46.66 -5.19
CA GLY A 227 13.78 -47.74 -4.57
C GLY A 227 14.61 -47.35 -3.36
N GLN A 228 14.48 -46.13 -2.86
CA GLN A 228 15.28 -45.66 -1.73
C GLN A 228 14.35 -45.25 -0.59
N SER A 229 14.71 -45.66 0.63
CA SER A 229 14.01 -45.23 1.83
C SER A 229 14.78 -44.16 2.60
N SER A 230 15.97 -43.80 2.14
CA SER A 230 16.77 -42.74 2.76
C SER A 230 16.51 -41.42 2.05
N ARG A 231 17.02 -40.34 2.65
CA ARG A 231 16.83 -39.00 2.12
C ARG A 231 18.13 -38.22 2.26
N ILE A 232 18.18 -37.08 1.58
CA ILE A 232 19.31 -36.16 1.63
C ILE A 232 18.76 -34.75 1.85
N SER A 233 19.34 -34.03 2.81
CA SER A 233 18.98 -32.65 3.07
C SER A 233 20.04 -31.73 2.46
N ILE A 234 19.59 -30.61 1.90
CA ILE A 234 20.44 -29.70 1.16
C ILE A 234 20.58 -28.39 1.94
N TYR A 235 21.81 -27.93 2.08
CA TYR A 235 22.11 -26.67 2.76
C TYR A 235 23.09 -25.86 1.91
N TRP A 236 23.12 -24.55 2.15
CA TRP A 236 23.98 -23.66 1.39
C TRP A 236 24.68 -22.70 2.32
N THR A 237 25.85 -22.21 1.88
CA THR A 237 26.67 -21.29 2.64
C THR A 237 27.32 -20.29 1.67
N ILE A 238 27.45 -19.04 2.10
CA ILE A 238 28.02 -17.98 1.29
C ILE A 238 29.26 -17.46 1.99
N VAL A 239 30.37 -17.37 1.25
CA VAL A 239 31.65 -16.92 1.78
C VAL A 239 31.99 -15.58 1.14
N LYS A 240 32.14 -14.55 1.97
CA LYS A 240 32.51 -13.23 1.50
C LYS A 240 33.99 -13.20 1.11
N PRO A 241 34.39 -12.24 0.28
CA PRO A 241 35.82 -12.10 -0.03
C PRO A 241 36.62 -11.81 1.22
N GLY A 242 37.81 -12.42 1.30
CA GLY A 242 38.66 -12.31 2.47
C GLY A 242 38.28 -13.23 3.61
N ASP A 243 37.22 -14.01 3.48
CA ASP A 243 36.80 -14.93 4.52
C ASP A 243 37.38 -16.31 4.24
N VAL A 244 36.94 -17.32 5.00
CA VAL A 244 37.44 -18.67 4.85
C VAL A 244 36.33 -19.64 5.22
N LEU A 245 36.34 -20.80 4.57
CA LEU A 245 35.35 -21.85 4.79
C LEU A 245 36.03 -23.06 5.44
N VAL A 246 35.40 -23.60 6.48
CA VAL A 246 35.92 -24.78 7.17
C VAL A 246 34.80 -25.82 7.22
N ILE A 247 35.10 -27.04 6.80
CA ILE A 247 34.15 -28.14 6.82
C ILE A 247 34.69 -29.21 7.77
N ASN A 248 33.94 -29.49 8.83
CA ASN A 248 34.31 -30.49 9.82
C ASN A 248 33.16 -31.50 9.92
N SER A 249 33.46 -32.77 9.70
CA SER A 249 32.42 -33.78 9.67
C SER A 249 32.93 -35.08 10.26
N ASN A 250 32.03 -35.81 10.91
CA ASN A 250 32.29 -37.15 11.41
C ASN A 250 31.60 -38.23 10.58
N GLY A 251 30.80 -37.86 9.60
CA GLY A 251 30.08 -38.82 8.78
C GLY A 251 28.82 -38.21 8.23
N ASN A 252 28.21 -38.95 7.30
CA ASN A 252 26.94 -38.55 6.67
C ASN A 252 27.07 -37.21 5.95
N LEU A 253 28.23 -36.97 5.32
CA LEU A 253 28.51 -35.71 4.66
C LEU A 253 28.43 -35.89 3.14
N ILE A 254 27.70 -35.01 2.49
CA ILE A 254 27.66 -34.92 1.03
C ILE A 254 28.50 -33.71 0.65
N ALA A 255 29.75 -33.95 0.29
CA ALA A 255 30.71 -32.87 0.10
C ALA A 255 30.46 -32.11 -1.20
N PRO A 256 30.71 -30.82 -1.22
CA PRO A 256 30.65 -30.05 -2.46
C PRO A 256 31.87 -30.27 -3.33
N ARG A 257 31.71 -29.98 -4.62
CA ARG A 257 32.81 -30.08 -5.57
C ARG A 257 33.35 -28.71 -5.97
N GLY A 258 32.73 -27.63 -5.53
CA GLY A 258 33.18 -26.31 -5.92
C GLY A 258 32.21 -25.26 -5.41
N PHE A 259 32.21 -24.11 -6.08
CA PHE A 259 31.35 -22.99 -5.69
C PHE A 259 30.66 -22.42 -6.92
N PHE A 260 29.50 -21.81 -6.69
CA PHE A 260 28.77 -21.10 -7.72
C PHE A 260 29.06 -19.60 -7.61
N LYS A 261 29.28 -18.97 -8.76
CA LYS A 261 29.51 -17.53 -8.79
C LYS A 261 28.16 -16.81 -8.73
N ILE A 262 27.94 -16.07 -7.66
CA ILE A 262 26.67 -15.40 -7.41
C ILE A 262 26.80 -13.94 -7.79
N ARG A 263 25.86 -13.45 -8.60
CA ARG A 263 25.89 -12.09 -9.13
C ARG A 263 24.66 -11.33 -8.65
N THR A 264 24.60 -10.06 -9.02
CA THR A 264 23.46 -9.19 -8.75
C THR A 264 22.96 -8.63 -10.07
N GLY A 265 21.65 -8.70 -10.27
CA GLY A 265 21.07 -8.24 -11.52
C GLY A 265 19.55 -8.15 -11.50
N ARG A 266 18.93 -8.41 -12.65
CA ARG A 266 17.49 -8.31 -12.81
C ARG A 266 16.90 -9.61 -13.35
N SER A 267 17.43 -10.74 -12.91
CA SER A 267 16.93 -12.04 -13.32
C SER A 267 15.85 -12.53 -12.35
N SER A 268 14.98 -13.39 -12.85
CA SER A 268 13.88 -13.91 -12.05
C SER A 268 13.45 -15.24 -12.63
N ILE A 269 12.39 -15.81 -12.05
CA ILE A 269 11.84 -17.10 -12.45
C ILE A 269 10.33 -16.99 -12.54
N MET A 270 9.73 -17.79 -13.41
CA MET A 270 8.29 -17.75 -13.64
C MET A 270 7.78 -19.15 -13.93
N ARG A 271 6.57 -19.43 -13.47
CA ARG A 271 5.87 -20.67 -13.77
C ARG A 271 4.85 -20.42 -14.86
N SER A 272 4.99 -21.11 -16.00
CA SER A 272 4.09 -20.92 -17.11
C SER A 272 4.13 -22.15 -18.02
N ASP A 273 3.11 -22.27 -18.85
CA ASP A 273 3.01 -23.35 -19.82
C ASP A 273 2.91 -22.86 -21.25
N ALA A 274 2.99 -21.55 -21.48
CA ALA A 274 2.87 -21.02 -22.82
C ALA A 274 4.13 -21.33 -23.64
N PRO A 275 4.00 -21.56 -24.94
CA PRO A 275 5.17 -21.80 -25.78
C PRO A 275 5.95 -20.52 -26.01
N ILE A 276 7.17 -20.71 -26.53
CA ILE A 276 8.09 -19.61 -26.81
C ILE A 276 8.23 -19.45 -28.31
N GLU A 277 8.04 -18.24 -28.80
CA GLU A 277 8.09 -17.94 -30.23
C GLU A 277 9.11 -16.84 -30.49
N THR A 278 9.32 -16.56 -31.77
CA THR A 278 10.28 -15.53 -32.20
C THR A 278 9.51 -14.25 -32.47
N CYS A 279 9.60 -13.30 -31.53
CA CYS A 279 8.97 -12.00 -31.67
C CYS A 279 9.63 -11.05 -30.68
N ILE A 280 9.09 -9.84 -30.60
CA ILE A 280 9.62 -8.79 -29.72
C ILE A 280 8.50 -8.32 -28.80
N SER A 281 8.78 -8.33 -27.50
CA SER A 281 7.82 -7.84 -26.51
C SER A 281 8.57 -7.58 -25.21
N GLU A 282 8.25 -6.46 -24.56
CA GLU A 282 8.94 -6.07 -23.35
C GLU A 282 8.24 -6.55 -22.07
N CYS A 283 7.05 -7.14 -22.19
CA CYS A 283 6.30 -7.60 -21.03
C CYS A 283 6.01 -9.08 -21.18
N ILE A 284 6.23 -9.84 -20.11
CA ILE A 284 6.00 -11.28 -20.09
C ILE A 284 5.09 -11.61 -18.92
N THR A 285 4.04 -12.38 -19.19
CA THR A 285 3.09 -12.86 -18.20
C THR A 285 2.95 -14.37 -18.37
N PRO A 286 2.48 -15.07 -17.33
CA PRO A 286 2.26 -16.52 -17.49
C PRO A 286 1.31 -16.87 -18.62
N ASN A 287 0.35 -16.00 -18.92
CA ASN A 287 -0.51 -16.22 -20.08
C ASN A 287 0.22 -15.97 -21.39
N GLY A 288 1.32 -15.23 -21.37
CA GLY A 288 2.06 -14.87 -22.55
C GLY A 288 2.43 -13.40 -22.54
N SER A 289 3.07 -12.97 -23.63
CA SER A 289 3.48 -11.59 -23.77
C SER A 289 2.28 -10.70 -24.11
N ILE A 290 2.29 -9.49 -23.58
CA ILE A 290 1.23 -8.52 -23.85
C ILE A 290 1.85 -7.19 -24.25
N PRO A 291 1.21 -6.41 -25.11
CA PRO A 291 1.73 -5.07 -25.41
C PRO A 291 1.61 -4.14 -24.21
N ASN A 292 2.50 -3.16 -24.16
CA ASN A 292 2.56 -2.22 -23.04
C ASN A 292 2.26 -0.79 -23.47
N ASP A 293 1.36 -0.63 -24.43
CA ASP A 293 0.95 0.70 -24.88
C ASP A 293 -0.18 1.28 -24.06
N LYS A 294 -0.78 0.50 -23.16
CA LYS A 294 -1.86 0.96 -22.30
C LYS A 294 -1.39 1.03 -20.85
N PRO A 295 -1.94 1.96 -20.07
CA PRO A 295 -1.44 2.14 -18.69
C PRO A 295 -1.85 1.02 -17.74
N PHE A 296 -2.89 0.26 -18.05
CA PHE A 296 -3.40 -0.77 -17.14
C PHE A 296 -3.64 -2.07 -17.90
N GLN A 297 -3.62 -3.17 -17.17
CA GLN A 297 -3.86 -4.49 -17.74
C GLN A 297 -4.66 -5.32 -16.76
N ASN A 298 -5.34 -6.33 -17.30
CA ASN A 298 -6.20 -7.22 -16.51
C ASN A 298 -5.86 -8.69 -16.73
N VAL A 299 -4.72 -8.99 -17.35
CA VAL A 299 -4.41 -10.37 -17.71
C VAL A 299 -3.93 -11.16 -16.50
N ASN A 300 -2.91 -10.66 -15.82
CA ASN A 300 -2.32 -11.38 -14.70
C ASN A 300 -1.58 -10.40 -13.80
N LYS A 301 -1.55 -10.70 -12.51
CA LYS A 301 -0.81 -9.91 -11.55
C LYS A 301 0.65 -10.33 -11.43
N ILE A 302 1.06 -11.38 -12.15
CA ILE A 302 2.45 -11.80 -12.21
C ILE A 302 3.02 -11.30 -13.53
N THR A 303 4.04 -10.44 -13.47
CA THR A 303 4.59 -9.81 -14.66
C THR A 303 6.11 -9.71 -14.53
N TYR A 304 6.76 -9.53 -15.67
CA TYR A 304 8.19 -9.33 -15.74
C TYR A 304 8.51 -8.32 -16.83
N GLY A 305 9.31 -7.32 -16.50
CA GLY A 305 9.69 -6.31 -17.46
C GLY A 305 8.88 -5.03 -17.36
N ALA A 306 8.80 -4.28 -18.45
CA ALA A 306 8.01 -3.04 -18.50
C ALA A 306 6.57 -3.42 -18.83
N CYS A 307 5.72 -3.43 -17.81
CA CYS A 307 4.36 -3.92 -17.95
C CYS A 307 3.37 -2.90 -17.41
N PRO A 308 2.14 -2.89 -17.92
CA PRO A 308 1.10 -2.06 -17.33
C PRO A 308 0.72 -2.56 -15.94
N LYS A 309 0.21 -1.64 -15.12
CA LYS A 309 -0.21 -2.00 -13.78
C LYS A 309 -1.48 -2.85 -13.82
N TYR A 310 -1.58 -3.77 -12.87
CA TYR A 310 -2.71 -4.69 -12.79
C TYR A 310 -3.86 -4.04 -12.03
N VAL A 311 -5.07 -4.12 -12.60
CA VAL A 311 -6.27 -3.60 -11.98
C VAL A 311 -7.37 -4.65 -12.08
N LYS A 312 -8.38 -4.50 -11.22
CA LYS A 312 -9.49 -5.45 -11.20
C LYS A 312 -10.46 -5.22 -12.35
N GLN A 313 -10.65 -3.97 -12.78
CA GLN A 313 -11.60 -3.67 -13.84
C GLN A 313 -11.16 -4.27 -15.16
N ASN A 314 -12.14 -4.62 -15.99
CA ASN A 314 -11.87 -5.19 -17.31
C ASN A 314 -12.00 -4.18 -18.45
N THR A 315 -12.52 -2.99 -18.17
CA THR A 315 -12.65 -1.97 -19.21
C THR A 315 -12.68 -0.59 -18.55
N LEU A 316 -12.01 0.36 -19.19
CA LEU A 316 -11.99 1.75 -18.74
C LEU A 316 -11.86 2.64 -19.97
N LYS A 317 -12.92 3.37 -20.28
CA LYS A 317 -12.97 4.20 -21.48
C LYS A 317 -12.58 5.63 -21.14
N LEU A 318 -11.64 6.19 -21.89
CA LEU A 318 -11.20 7.56 -21.72
C LEU A 318 -11.68 8.39 -22.90
N ALA A 319 -12.39 9.48 -22.61
CA ALA A 319 -12.96 10.31 -23.67
C ALA A 319 -11.87 11.09 -24.38
N THR A 320 -11.90 11.07 -25.71
CA THR A 320 -10.99 11.85 -26.54
C THR A 320 -11.74 12.77 -27.48
N GLY A 321 -13.00 13.05 -27.21
CA GLY A 321 -13.81 13.91 -28.05
C GLY A 321 -14.84 14.64 -27.22
N MET A 322 -15.60 15.49 -27.89
CA MET A 322 -16.61 16.31 -27.23
C MET A 322 -17.90 15.51 -27.06
N ARG A 323 -18.90 16.15 -26.43
CA ARG A 323 -20.20 15.53 -26.28
C ARG A 323 -20.86 15.31 -27.63
N ASN A 324 -21.57 14.19 -27.76
CA ASN A 324 -22.25 13.83 -29.00
C ASN A 324 -23.73 14.17 -28.87
N VAL A 325 -24.21 15.08 -29.72
CA VAL A 325 -25.60 15.52 -29.68
C VAL A 325 -26.21 15.37 -31.08
N PRO A 326 -27.32 14.65 -31.22
CA PRO A 326 -27.93 14.50 -32.55
C PRO A 326 -28.53 15.82 -33.03
N GLU A 327 -28.60 15.95 -34.34
CA GLU A 327 -29.20 17.13 -34.96
C GLU A 327 -30.72 16.95 -35.02
N LYS A 328 -31.45 17.92 -34.45
CA LYS A 328 -32.90 17.91 -34.55
C LYS A 328 -33.32 18.35 -35.94
N GLN A 329 -34.52 17.90 -36.34
CA GLN A 329 -35.05 18.24 -37.65
C GLN A 329 -36.00 19.43 -37.58
N ALA A 336 -34.01 27.05 -42.46
CA ALA A 336 -33.77 27.66 -41.15
C ALA A 336 -32.65 26.95 -40.41
N ILE A 337 -31.48 27.58 -40.35
CA ILE A 337 -30.33 26.99 -39.68
C ILE A 337 -30.44 27.22 -38.16
N ALA A 338 -29.73 26.38 -37.41
CA ALA A 338 -29.72 26.46 -35.96
C ALA A 338 -28.30 26.32 -35.45
N GLY A 339 -28.07 26.83 -34.24
CA GLY A 339 -26.76 26.86 -33.64
C GLY A 339 -26.46 25.63 -32.81
N PHE A 340 -25.55 25.81 -31.85
CA PHE A 340 -25.06 24.72 -31.02
C PHE A 340 -25.91 24.47 -29.78
N ILE A 341 -26.98 25.24 -29.58
CA ILE A 341 -27.82 25.06 -28.40
C ILE A 341 -28.67 23.81 -28.58
N GLU A 342 -28.25 22.72 -27.92
CA GLU A 342 -28.92 21.42 -28.00
C GLU A 342 -29.09 20.97 -29.45
N ASN A 343 -28.02 21.13 -30.22
CA ASN A 343 -28.04 20.74 -31.64
C ASN A 343 -26.62 20.58 -32.13
N GLY A 344 -26.29 19.38 -32.60
CA GLY A 344 -25.02 19.12 -33.24
C GLY A 344 -25.14 19.15 -34.76
N TRP A 345 -23.99 19.16 -35.43
CA TRP A 345 -23.94 19.18 -36.88
C TRP A 345 -23.20 17.94 -37.37
N GLU A 346 -23.86 17.13 -38.19
CA GLU A 346 -23.20 15.97 -38.77
C GLU A 346 -22.54 16.27 -40.11
N GLY A 347 -22.75 17.45 -40.66
CA GLY A 347 -22.18 17.83 -41.93
C GLY A 347 -20.80 18.46 -41.87
N MET A 348 -20.24 18.64 -40.68
CA MET A 348 -18.92 19.23 -40.53
C MET A 348 -17.86 18.13 -40.60
N ILE A 349 -16.98 18.22 -41.60
CA ILE A 349 -15.91 17.26 -41.75
C ILE A 349 -14.54 17.90 -41.56
N ASP A 350 -14.38 19.18 -41.86
CA ASP A 350 -13.06 19.80 -41.84
C ASP A 350 -12.55 20.03 -40.42
N GLY A 351 -13.44 20.31 -39.48
CA GLY A 351 -13.01 20.61 -38.13
C GLY A 351 -14.07 20.31 -37.11
N TRP A 352 -13.77 20.67 -35.86
CA TRP A 352 -14.70 20.44 -34.76
C TRP A 352 -15.68 21.59 -34.57
N TYR A 353 -15.28 22.81 -34.86
CA TYR A 353 -16.15 23.97 -34.75
C TYR A 353 -16.14 24.75 -36.06
N GLY A 354 -17.26 25.39 -36.36
CA GLY A 354 -17.36 26.10 -37.62
C GLY A 354 -18.52 27.07 -37.61
N PHE A 355 -18.74 27.69 -38.78
CA PHE A 355 -19.78 28.69 -38.96
C PHE A 355 -20.73 28.26 -40.06
N ARG A 356 -22.02 28.46 -39.83
CA ARG A 356 -23.06 28.29 -40.85
C ARG A 356 -23.80 29.61 -41.00
N HIS A 357 -23.88 30.10 -42.23
CA HIS A 357 -24.47 31.41 -42.49
C HIS A 357 -25.55 31.31 -43.56
N GLN A 358 -26.64 32.01 -43.35
CA GLN A 358 -27.70 32.18 -44.34
C GLN A 358 -27.60 33.60 -44.87
N ASN A 359 -27.44 33.72 -46.19
CA ASN A 359 -27.16 35.00 -46.83
C ASN A 359 -28.07 35.19 -48.04
N SER A 360 -28.05 36.40 -48.58
CA SER A 360 -28.79 36.67 -49.80
C SER A 360 -28.25 35.83 -50.96
N GLU A 361 -26.92 35.70 -51.04
CA GLU A 361 -26.33 34.87 -52.08
C GLU A 361 -26.71 33.40 -51.90
N GLY A 362 -26.69 32.91 -50.68
CA GLY A 362 -27.05 31.54 -50.41
C GLY A 362 -26.46 31.07 -49.09
N THR A 363 -26.72 29.80 -48.79
CA THR A 363 -26.26 29.19 -47.57
C THR A 363 -24.85 28.66 -47.74
N GLY A 364 -23.98 28.96 -46.76
CA GLY A 364 -22.61 28.49 -46.79
C GLY A 364 -22.22 27.85 -45.47
N GLN A 365 -21.00 27.33 -45.44
CA GLN A 365 -20.48 26.67 -44.25
C GLN A 365 -18.96 26.67 -44.31
N ALA A 366 -18.33 26.93 -43.16
CA ALA A 366 -16.89 26.92 -43.03
C ALA A 366 -16.53 26.31 -41.68
N ALA A 367 -15.22 26.21 -41.42
CA ALA A 367 -14.73 25.64 -40.18
C ALA A 367 -13.67 26.57 -39.58
N ASP A 368 -13.59 26.57 -38.25
CA ASP A 368 -12.62 27.36 -37.52
C ASP A 368 -11.47 26.46 -37.09
N LEU A 369 -10.25 26.83 -37.48
CA LEU A 369 -9.09 26.00 -37.21
C LEU A 369 -8.44 26.28 -35.86
N LYS A 370 -8.52 27.53 -35.37
CA LYS A 370 -7.82 27.88 -34.14
C LYS A 370 -8.41 27.12 -32.94
N SER A 371 -9.73 27.17 -32.78
CA SER A 371 -10.37 26.49 -31.64
C SER A 371 -10.21 24.99 -31.73
N THR A 372 -10.36 24.43 -32.94
CA THR A 372 -10.18 22.98 -33.11
C THR A 372 -8.76 22.56 -32.76
N GLN A 373 -7.77 23.33 -33.21
CA GLN A 373 -6.38 23.01 -32.90
C GLN A 373 -6.11 23.13 -31.41
N ALA A 374 -6.66 24.16 -30.76
CA ALA A 374 -6.47 24.31 -29.32
C ALA A 374 -7.07 23.13 -28.56
N ALA A 375 -8.28 22.72 -28.93
CA ALA A 375 -8.92 21.59 -28.27
C ALA A 375 -8.14 20.30 -28.49
N ILE A 376 -7.66 20.08 -29.72
CA ILE A 376 -6.90 18.88 -30.02
C ILE A 376 -5.60 18.86 -29.23
N ASP A 377 -4.90 20.00 -29.17
CA ASP A 377 -3.66 20.07 -28.41
C ASP A 377 -3.88 19.83 -26.94
N GLN A 378 -4.96 20.39 -26.38
CA GLN A 378 -5.26 20.14 -24.96
C GLN A 378 -5.58 18.69 -24.71
N ILE A 379 -6.35 18.05 -25.60
CA ILE A 379 -6.75 16.66 -25.39
C ILE A 379 -5.56 15.73 -25.57
N ASN A 380 -4.73 15.97 -26.58
CA ASN A 380 -3.65 15.05 -26.91
C ASN A 380 -2.63 14.97 -25.78
N GLY A 381 -2.22 13.75 -25.45
CA GLY A 381 -1.23 13.54 -24.40
C GLY A 381 -1.66 13.99 -23.03
N LYS A 382 -2.96 13.89 -22.72
CA LYS A 382 -3.44 14.35 -21.42
C LYS A 382 -3.10 13.37 -20.31
N LEU A 383 -3.17 12.07 -20.59
CA LEU A 383 -2.89 11.07 -19.55
C LEU A 383 -1.41 11.00 -19.19
N ASN A 384 -0.52 11.43 -20.09
CA ASN A 384 0.90 11.41 -19.80
C ASN A 384 1.32 12.44 -18.76
N ARG A 385 0.44 13.40 -18.44
CA ARG A 385 0.79 14.46 -17.50
C ARG A 385 0.68 14.01 -16.04
N VAL A 386 0.03 12.87 -15.78
CA VAL A 386 -0.19 12.43 -14.40
C VAL A 386 0.51 11.11 -14.16
N ILE A 387 0.13 10.08 -14.91
CA ILE A 387 0.65 8.74 -14.70
C ILE A 387 1.96 8.59 -15.49
N GLU A 388 2.86 7.78 -14.95
CA GLU A 388 4.12 7.50 -15.63
C GLU A 388 3.88 6.62 -16.85
N LYS A 389 4.85 6.65 -17.77
CA LYS A 389 4.72 5.87 -19.00
C LYS A 389 4.74 4.38 -18.69
N THR A 390 5.84 3.88 -18.14
CA THR A 390 5.97 2.46 -17.81
C THR A 390 6.74 2.32 -16.51
N ASN A 391 6.51 1.20 -15.83
CA ASN A 391 7.26 0.82 -14.65
C ASN A 391 7.93 -0.53 -14.90
N GLU A 392 9.20 -0.63 -14.56
CA GLU A 392 9.98 -1.84 -14.80
C GLU A 392 10.20 -2.57 -13.47
N LYS A 393 9.62 -3.76 -13.35
CA LYS A 393 9.80 -4.62 -12.20
C LYS A 393 10.30 -5.98 -12.69
N PHE A 394 11.33 -6.51 -12.01
CA PHE A 394 11.99 -7.72 -12.47
C PHE A 394 11.80 -8.89 -11.51
N HIS A 395 12.23 -8.76 -10.26
CA HIS A 395 12.09 -9.82 -9.28
C HIS A 395 11.20 -9.35 -8.14
N GLN A 396 10.17 -10.12 -7.84
CA GLN A 396 9.18 -9.75 -6.84
C GLN A 396 8.90 -10.98 -5.98
N ILE A 397 7.85 -10.88 -5.16
CA ILE A 397 7.45 -11.96 -4.27
C ILE A 397 6.60 -12.96 -5.05
N GLU A 398 6.39 -14.14 -4.48
CA GLU A 398 5.50 -15.13 -5.08
C GLU A 398 4.05 -14.72 -4.83
N LYS A 399 3.19 -14.98 -5.82
CA LYS A 399 1.79 -14.60 -5.74
C LYS A 399 0.83 -15.78 -5.88
N GLU A 400 1.35 -16.98 -6.15
CA GLU A 400 0.52 -18.18 -6.22
C GLU A 400 1.24 -19.29 -5.45
N PHE A 401 0.46 -20.08 -4.72
CA PHE A 401 1.00 -21.12 -3.86
C PHE A 401 0.26 -22.43 -4.08
N SER A 402 0.98 -23.53 -3.93
CA SER A 402 0.41 -24.86 -4.08
C SER A 402 0.23 -25.61 -2.77
N GLU A 403 0.78 -25.09 -1.67
CA GLU A 403 0.62 -25.69 -0.36
C GLU A 403 0.30 -24.60 0.66
N VAL A 404 -0.34 -25.00 1.75
CA VAL A 404 -0.67 -24.09 2.84
C VAL A 404 0.47 -24.07 3.84
N GLU A 405 0.89 -22.87 4.23
CA GLU A 405 2.02 -22.70 5.14
C GLU A 405 1.67 -21.91 6.40
N GLY A 406 0.84 -20.87 6.27
CA GLY A 406 0.42 -20.12 7.44
C GLY A 406 0.72 -18.64 7.41
N ARG A 407 1.60 -18.20 8.31
CA ARG A 407 1.78 -16.77 8.59
C ARG A 407 2.32 -16.02 7.38
N ILE A 408 3.42 -16.51 6.81
CA ILE A 408 4.10 -15.79 5.73
C ILE A 408 3.23 -15.73 4.49
N GLN A 409 2.57 -16.85 4.16
CA GLN A 409 1.69 -16.87 2.99
C GLN A 409 0.53 -15.90 3.16
N ASP A 410 -0.05 -15.85 4.36
CA ASP A 410 -1.12 -14.89 4.63
C ASP A 410 -0.64 -13.46 4.48
N LEU A 411 0.56 -13.16 4.99
CA LEU A 411 1.10 -11.82 4.86
C LEU A 411 1.31 -11.43 3.41
N GLU A 412 1.85 -12.35 2.60
CA GLU A 412 2.07 -12.06 1.19
C GLU A 412 0.76 -11.82 0.46
N LYS A 413 -0.24 -12.67 0.72
CA LYS A 413 -1.54 -12.49 0.08
C LYS A 413 -2.17 -11.17 0.48
N TYR A 414 -2.06 -10.79 1.76
CA TYR A 414 -2.61 -9.53 2.22
C TYR A 414 -1.94 -8.35 1.53
N VAL A 415 -0.62 -8.39 1.39
CA VAL A 415 0.10 -7.29 0.73
C VAL A 415 -0.35 -7.16 -0.72
N GLU A 416 -0.44 -8.29 -1.43
CA GLU A 416 -0.84 -8.24 -2.83
C GLU A 416 -2.26 -7.71 -2.98
N ASP A 417 -3.18 -8.16 -2.11
CA ASP A 417 -4.55 -7.70 -2.20
C ASP A 417 -4.66 -6.20 -1.94
N THR A 418 -3.93 -5.71 -0.94
CA THR A 418 -3.96 -4.28 -0.65
C THR A 418 -3.46 -3.47 -1.84
N LYS A 419 -2.34 -3.90 -2.44
CA LYS A 419 -1.82 -3.18 -3.60
C LYS A 419 -2.81 -3.15 -4.75
N VAL A 420 -3.43 -4.31 -5.04
CA VAL A 420 -4.38 -4.38 -6.15
C VAL A 420 -5.55 -3.46 -5.92
N ASP A 421 -6.11 -3.47 -4.70
CA ASP A 421 -7.26 -2.63 -4.41
C ASP A 421 -6.93 -1.15 -4.55
N LEU A 422 -5.78 -0.73 -4.01
CA LEU A 422 -5.41 0.67 -4.09
C LEU A 422 -5.22 1.12 -5.53
N TRP A 423 -4.55 0.29 -6.35
CA TRP A 423 -4.32 0.70 -7.73
C TRP A 423 -5.61 0.74 -8.53
N SER A 424 -6.54 -0.19 -8.26
CA SER A 424 -7.83 -0.14 -8.95
C SER A 424 -8.59 1.13 -8.61
N TYR A 425 -8.60 1.52 -7.33
CA TYR A 425 -9.26 2.77 -6.94
C TYR A 425 -8.62 3.96 -7.64
N ASN A 426 -7.29 3.99 -7.69
CA ASN A 426 -6.60 5.10 -8.34
C ASN A 426 -6.98 5.19 -9.81
N ALA A 427 -7.01 4.05 -10.51
CA ALA A 427 -7.36 4.06 -11.93
C ALA A 427 -8.77 4.58 -12.15
N GLU A 428 -9.73 4.11 -11.34
CA GLU A 428 -11.11 4.56 -11.50
C GLU A 428 -11.23 6.06 -11.31
N LEU A 429 -10.64 6.58 -10.23
CA LEU A 429 -10.75 8.01 -9.96
C LEU A 429 -10.09 8.84 -11.06
N LEU A 430 -8.92 8.39 -11.53
CA LEU A 430 -8.23 9.14 -12.58
C LEU A 430 -9.06 9.19 -13.86
N VAL A 431 -9.67 8.06 -14.25
CA VAL A 431 -10.46 8.05 -15.46
C VAL A 431 -11.65 9.00 -15.34
N ALA A 432 -12.34 8.97 -14.20
CA ALA A 432 -13.49 9.84 -14.02
C ALA A 432 -13.08 11.31 -14.09
N LEU A 433 -11.99 11.68 -13.41
CA LEU A 433 -11.55 13.07 -13.42
C LEU A 433 -11.17 13.53 -14.81
N GLU A 434 -10.43 12.70 -15.55
CA GLU A 434 -10.01 13.10 -16.89
C GLU A 434 -11.20 13.27 -17.82
N ASN A 435 -12.18 12.38 -17.75
CA ASN A 435 -13.37 12.53 -18.59
C ASN A 435 -14.12 13.81 -18.27
N GLN A 436 -14.29 14.12 -16.99
CA GLN A 436 -14.97 15.35 -16.60
C GLN A 436 -14.25 16.58 -17.15
N HIS A 437 -12.92 16.60 -17.01
CA HIS A 437 -12.16 17.76 -17.48
C HIS A 437 -12.22 17.88 -19.00
N THR A 438 -12.22 16.76 -19.72
CA THR A 438 -12.34 16.81 -21.17
C THR A 438 -13.66 17.45 -21.59
N ILE A 439 -14.76 17.02 -20.98
CA ILE A 439 -16.07 17.57 -21.31
C ILE A 439 -16.09 19.07 -21.01
N ASP A 440 -15.57 19.45 -19.84
CA ASP A 440 -15.58 20.85 -19.46
C ASP A 440 -14.77 21.70 -20.43
N LEU A 441 -13.59 21.22 -20.85
CA LEU A 441 -12.76 22.02 -21.74
C LEU A 441 -13.40 22.16 -23.12
N THR A 442 -14.04 21.11 -23.62
CA THR A 442 -14.71 21.24 -24.92
C THR A 442 -15.85 22.26 -24.85
N ASP A 443 -16.67 22.19 -23.80
CA ASP A 443 -17.76 23.16 -23.65
C ASP A 443 -17.21 24.58 -23.52
N SER A 444 -16.12 24.74 -22.77
CA SER A 444 -15.53 26.06 -22.59
C SER A 444 -15.00 26.60 -23.90
N GLU A 445 -14.40 25.75 -24.73
CA GLU A 445 -13.92 26.19 -26.04
C GLU A 445 -15.08 26.70 -26.91
N MET A 446 -16.18 25.95 -26.94
CA MET A 446 -17.33 26.38 -27.73
C MET A 446 -17.86 27.72 -27.22
N ASN A 447 -17.99 27.86 -25.90
CA ASN A 447 -18.51 29.11 -25.35
C ASN A 447 -17.56 30.27 -25.61
N LYS A 448 -16.25 30.03 -25.55
CA LYS A 448 -15.30 31.08 -25.83
C LYS A 448 -15.38 31.56 -27.27
N LEU A 449 -15.53 30.61 -28.21
CA LEU A 449 -15.72 31.02 -29.61
C LEU A 449 -16.97 31.85 -29.78
N PHE A 450 -18.08 31.44 -29.15
CA PHE A 450 -19.31 32.21 -29.26
C PHE A 450 -19.14 33.61 -28.67
N GLU A 451 -18.47 33.71 -27.52
CA GLU A 451 -18.29 35.01 -26.89
C GLU A 451 -17.39 35.92 -27.71
N LYS A 452 -16.33 35.37 -28.32
CA LYS A 452 -15.49 36.17 -29.20
C LYS A 452 -16.28 36.68 -30.40
N THR A 453 -17.12 35.82 -30.99
CA THR A 453 -17.95 36.26 -32.11
C THR A 453 -18.90 37.36 -31.68
N ARG A 454 -19.49 37.23 -30.49
CA ARG A 454 -20.39 38.28 -29.99
C ARG A 454 -19.63 39.59 -29.77
N ARG A 455 -18.42 39.51 -29.22
CA ARG A 455 -17.64 40.72 -28.97
C ARG A 455 -17.24 41.41 -30.27
N GLN A 456 -17.02 40.64 -31.33
CA GLN A 456 -16.65 41.26 -32.60
C GLN A 456 -17.76 42.16 -33.12
N LEU A 457 -19.00 41.70 -33.05
CA LEU A 457 -20.16 42.50 -33.48
C LEU A 457 -20.68 43.28 -32.28
N ARG A 458 -20.43 44.59 -32.27
CA ARG A 458 -20.77 45.39 -31.10
C ARG A 458 -22.27 45.58 -30.97
N GLU A 459 -22.88 46.28 -31.93
CA GLU A 459 -24.31 46.54 -31.89
C GLU A 459 -25.00 46.31 -33.23
N ASN A 460 -24.34 45.64 -34.17
CA ASN A 460 -24.93 45.35 -35.47
C ASN A 460 -25.65 44.02 -35.50
N ALA A 461 -25.67 43.27 -34.40
CA ALA A 461 -26.29 41.95 -34.37
C ALA A 461 -26.95 41.74 -33.02
N GLU A 462 -27.89 40.80 -32.99
CA GLU A 462 -28.59 40.43 -31.77
C GLU A 462 -28.57 38.91 -31.61
N ASP A 463 -28.56 38.47 -30.36
CA ASP A 463 -28.54 37.04 -30.08
C ASP A 463 -29.93 36.46 -30.31
N MET A 464 -30.03 35.51 -31.26
CA MET A 464 -31.31 34.91 -31.59
C MET A 464 -31.77 33.90 -30.54
N GLY A 465 -30.92 33.53 -29.59
CA GLY A 465 -31.30 32.65 -28.50
C GLY A 465 -31.02 31.19 -28.73
N ASN A 466 -30.61 30.80 -29.94
CA ASN A 466 -30.34 29.40 -30.26
C ASN A 466 -28.93 29.22 -30.81
N GLY A 467 -27.98 30.01 -30.32
CA GLY A 467 -26.62 29.94 -30.80
C GLY A 467 -26.38 30.60 -32.14
N CYS A 468 -27.27 31.48 -32.58
CA CYS A 468 -27.14 32.17 -33.85
C CYS A 468 -27.24 33.67 -33.63
N PHE A 469 -26.68 34.42 -34.59
CA PHE A 469 -26.70 35.86 -34.57
C PHE A 469 -27.53 36.39 -35.72
N LYS A 470 -28.29 37.45 -35.48
CA LYS A 470 -29.09 38.10 -36.51
C LYS A 470 -28.41 39.42 -36.86
N ILE A 471 -27.68 39.42 -37.97
CA ILE A 471 -27.02 40.63 -38.45
C ILE A 471 -28.04 41.50 -39.18
N TYR A 472 -28.08 42.77 -38.81
CA TYR A 472 -29.13 43.67 -39.25
C TYR A 472 -28.74 44.53 -40.45
N HIS A 473 -27.63 44.22 -41.11
CA HIS A 473 -27.22 44.91 -42.32
C HIS A 473 -26.93 43.90 -43.41
N LYS A 474 -26.69 44.40 -44.62
CA LYS A 474 -26.41 43.54 -45.77
C LYS A 474 -24.97 43.03 -45.66
N CYS A 475 -24.83 41.76 -45.31
CA CYS A 475 -23.53 41.12 -45.11
C CYS A 475 -23.34 40.07 -46.19
N ASP A 476 -22.51 40.38 -47.18
CA ASP A 476 -22.26 39.48 -48.29
C ASP A 476 -21.21 38.44 -47.88
N ASN A 477 -20.72 37.67 -48.86
CA ASN A 477 -19.75 36.62 -48.57
C ASN A 477 -18.45 37.22 -48.05
N ALA A 478 -18.02 38.35 -48.62
CA ALA A 478 -16.81 39.00 -48.13
C ALA A 478 -16.97 39.46 -46.69
N CYS A 479 -18.14 39.97 -46.33
CA CYS A 479 -18.41 40.39 -44.96
C CYS A 479 -18.35 39.20 -44.00
N ILE A 480 -18.94 38.07 -44.40
CA ILE A 480 -18.89 36.87 -43.56
C ILE A 480 -17.45 36.40 -43.40
N GLU A 481 -16.67 36.45 -44.49
CA GLU A 481 -15.26 36.05 -44.42
C GLU A 481 -14.49 36.98 -43.49
N SER A 482 -14.78 38.27 -43.53
CA SER A 482 -14.14 39.22 -42.62
C SER A 482 -14.51 38.92 -41.18
N ILE A 483 -15.76 38.57 -40.93
CA ILE A 483 -16.18 38.20 -39.57
C ILE A 483 -15.41 36.97 -39.10
N ARG A 484 -15.31 35.95 -39.96
CA ARG A 484 -14.63 34.73 -39.58
C ARG A 484 -13.14 34.96 -39.34
N ASN A 485 -12.51 35.78 -40.19
CA ASN A 485 -11.07 36.03 -40.05
C ASN A 485 -10.77 36.81 -38.78
N GLY A 486 -11.62 37.77 -38.42
CA GLY A 486 -11.38 38.64 -37.30
C GLY A 486 -11.10 40.08 -37.64
N THR A 487 -11.39 40.52 -38.87
CA THR A 487 -11.13 41.87 -39.31
C THR A 487 -12.42 42.65 -39.56
N TYR A 488 -13.52 42.25 -38.91
CA TYR A 488 -14.79 42.94 -39.09
C TYR A 488 -14.74 44.31 -38.45
N ASP A 489 -15.20 45.32 -39.18
CA ASP A 489 -15.26 46.71 -38.70
C ASP A 489 -16.72 47.10 -38.56
N HIS A 490 -17.16 47.32 -37.32
CA HIS A 490 -18.56 47.63 -37.07
C HIS A 490 -18.94 49.05 -37.47
N ASP A 491 -17.97 49.97 -37.53
CA ASP A 491 -18.28 51.36 -37.86
C ASP A 491 -18.78 51.50 -39.28
N ILE A 492 -18.42 50.56 -40.18
CA ILE A 492 -18.86 50.65 -41.57
C ILE A 492 -20.37 50.50 -41.66
N TYR A 493 -20.93 49.53 -40.94
CA TYR A 493 -22.36 49.23 -41.00
C TYR A 493 -23.10 49.72 -39.76
N ARG A 494 -22.46 50.54 -38.93
CA ARG A 494 -23.08 51.03 -37.70
C ARG A 494 -24.42 51.72 -37.98
N ASP A 495 -24.41 52.70 -38.89
CA ASP A 495 -25.62 53.48 -39.14
C ASP A 495 -26.74 52.63 -39.72
N GLU A 496 -26.41 51.78 -40.69
CA GLU A 496 -27.42 50.93 -41.31
C GLU A 496 -28.02 49.96 -40.29
N ALA A 497 -27.17 49.33 -39.46
CA ALA A 497 -27.68 48.40 -38.46
C ALA A 497 -28.55 49.11 -37.43
N LEU A 498 -28.13 50.30 -36.99
CA LEU A 498 -28.92 51.05 -36.02
C LEU A 498 -30.27 51.46 -36.62
N ASN A 499 -30.28 51.87 -37.89
CA ASN A 499 -31.53 52.22 -38.55
C ASN A 499 -32.45 51.01 -38.66
N ASN A 500 -31.89 49.84 -39.02
CA ASN A 500 -32.71 48.66 -39.20
C ASN A 500 -33.27 48.16 -37.86
N ARG A 501 -32.45 48.18 -36.80
CA ARG A 501 -32.91 47.66 -35.51
C ARG A 501 -34.04 48.50 -34.94
N PHE A 502 -33.93 49.83 -35.04
CA PHE A 502 -34.93 50.72 -34.46
C PHE A 502 -35.67 51.49 -35.55
N THR B 12 -44.74 48.86 -16.56
CA THR B 12 -43.55 48.03 -16.43
C THR B 12 -43.77 46.90 -15.43
N ALA B 13 -42.77 46.02 -15.32
CA ALA B 13 -42.86 44.88 -14.41
C ALA B 13 -41.44 44.46 -14.03
N THR B 14 -41.35 43.67 -12.96
CA THR B 14 -40.07 43.20 -12.45
C THR B 14 -40.11 41.68 -12.30
N LEU B 15 -39.02 41.04 -12.68
CA LEU B 15 -38.87 39.60 -12.57
C LEU B 15 -37.54 39.27 -11.91
N CYS B 16 -37.56 38.35 -10.96
CA CYS B 16 -36.37 38.01 -10.19
C CYS B 16 -36.14 36.50 -10.22
N LEU B 17 -34.88 36.11 -10.10
CA LEU B 17 -34.46 34.72 -10.04
C LEU B 17 -33.65 34.50 -8.77
N GLY B 18 -33.92 33.39 -8.08
CA GLY B 18 -33.24 33.13 -6.82
C GLY B 18 -33.27 31.66 -6.47
N HIS B 19 -32.67 31.36 -5.32
CA HIS B 19 -32.55 29.99 -4.84
C HIS B 19 -32.96 29.94 -3.38
N HIS B 20 -33.33 28.74 -2.92
CA HIS B 20 -33.85 28.56 -1.58
C HIS B 20 -32.71 28.55 -0.56
N SER B 21 -33.10 28.67 0.71
CA SER B 21 -32.15 28.63 1.82
C SER B 21 -32.86 28.05 3.03
N VAL B 22 -32.06 27.59 4.00
CA VAL B 22 -32.59 26.94 5.19
C VAL B 22 -32.18 27.73 6.42
N PRO B 23 -33.01 27.76 7.48
CA PRO B 23 -32.62 28.50 8.69
C PRO B 23 -31.36 27.97 9.35
N ASN B 24 -31.12 26.66 9.32
CA ASN B 24 -29.96 26.06 9.95
C ASN B 24 -29.18 25.26 8.92
N GLY B 25 -27.92 25.60 8.72
CA GLY B 25 -27.06 24.92 7.79
C GLY B 25 -25.97 24.10 8.47
N THR B 26 -25.11 23.53 7.63
CA THR B 26 -23.99 22.72 8.08
C THR B 26 -22.74 23.11 7.33
N ILE B 27 -21.59 22.90 7.97
CA ILE B 27 -20.30 23.35 7.45
C ILE B 27 -19.54 22.16 6.87
N VAL B 28 -19.09 22.30 5.63
CA VAL B 28 -18.28 21.27 4.99
C VAL B 28 -16.96 21.87 4.56
N LYS B 29 -16.08 21.05 3.97
CA LYS B 29 -14.77 21.48 3.51
C LYS B 29 -14.61 21.17 2.03
N THR B 30 -14.10 22.13 1.27
CA THR B 30 -13.86 21.97 -0.15
C THR B 30 -12.38 22.18 -0.45
N ILE B 31 -12.05 22.12 -1.74
CA ILE B 31 -10.66 22.26 -2.16
C ILE B 31 -10.16 23.68 -1.91
N THR B 32 -10.96 24.68 -2.27
CA THR B 32 -10.54 26.07 -2.19
C THR B 32 -11.10 26.80 -0.96
N ASP B 33 -11.85 26.12 -0.10
CA ASP B 33 -12.44 26.75 1.06
C ASP B 33 -12.21 25.89 2.30
N ASP B 34 -11.80 26.53 3.40
CA ASP B 34 -11.64 25.80 4.65
C ASP B 34 -12.98 25.45 5.26
N GLN B 35 -13.92 26.39 5.25
CA GLN B 35 -15.24 26.19 5.85
C GLN B 35 -16.28 26.92 5.00
N ILE B 36 -17.28 26.19 4.54
CA ILE B 36 -18.38 26.77 3.77
C ILE B 36 -19.68 26.12 4.24
N GLU B 37 -20.73 26.93 4.37
CA GLU B 37 -22.00 26.46 4.87
C GLU B 37 -22.91 26.06 3.71
N VAL B 38 -23.50 24.87 3.81
CA VAL B 38 -24.41 24.35 2.79
C VAL B 38 -25.74 24.03 3.45
N THR B 39 -26.76 23.83 2.62
CA THR B 39 -28.11 23.59 3.12
C THR B 39 -28.30 22.18 3.68
N ASN B 40 -27.51 21.22 3.23
CA ASN B 40 -27.71 19.83 3.66
C ASN B 40 -26.42 19.05 3.43
N ALA B 41 -26.15 18.10 4.33
CA ALA B 41 -24.97 17.26 4.22
C ALA B 41 -25.24 15.94 4.92
N THR B 42 -24.38 14.95 4.63
CA THR B 42 -24.51 13.62 5.18
C THR B 42 -23.16 13.16 5.73
N GLU B 43 -23.22 12.27 6.72
CA GLU B 43 -22.01 11.73 7.35
C GLU B 43 -21.54 10.48 6.62
N LEU B 44 -20.24 10.39 6.41
CA LEU B 44 -19.65 9.28 5.65
C LEU B 44 -18.86 8.31 6.51
N VAL B 45 -18.69 8.57 7.81
CA VAL B 45 -17.87 7.73 8.68
C VAL B 45 -18.76 7.17 9.78
N GLN B 46 -18.76 5.84 9.92
CA GLN B 46 -19.46 5.17 11.00
C GLN B 46 -18.53 5.08 12.21
N ASN B 47 -18.99 5.55 13.36
CA ASN B 47 -18.14 5.68 14.54
C ASN B 47 -18.81 5.16 15.80
N SER B 48 -19.74 4.22 15.67
CA SER B 48 -20.42 3.68 16.84
C SER B 48 -20.88 2.25 16.53
N SER B 49 -21.11 1.50 17.62
CA SER B 49 -21.61 0.14 17.51
C SER B 49 -22.53 -0.14 18.68
N THR B 50 -23.44 -1.10 18.48
CA THR B 50 -24.39 -1.48 19.53
C THR B 50 -23.75 -2.35 20.61
N GLY B 51 -22.55 -2.86 20.38
CA GLY B 51 -21.89 -3.70 21.36
C GLY B 51 -22.29 -5.17 21.32
N LYS B 52 -23.09 -5.57 20.34
CA LYS B 52 -23.53 -6.96 20.21
C LYS B 52 -23.11 -7.50 18.85
N ILE B 53 -22.96 -8.82 18.79
CA ILE B 53 -22.62 -9.52 17.55
C ILE B 53 -23.87 -10.23 17.06
N CYS B 54 -24.30 -9.90 15.85
CA CYS B 54 -25.49 -10.51 15.27
C CYS B 54 -25.17 -11.92 14.78
N ASN B 55 -26.11 -12.83 14.98
CA ASN B 55 -25.92 -14.23 14.63
C ASN B 55 -26.35 -14.57 13.21
N ASN B 56 -26.79 -13.58 12.44
CA ASN B 56 -27.18 -13.79 11.05
C ASN B 56 -26.56 -12.71 10.18
N PRO B 57 -26.26 -13.02 8.91
CA PRO B 57 -26.41 -14.32 8.23
C PRO B 57 -25.21 -15.24 8.41
N HIS B 58 -24.10 -14.73 8.95
CA HIS B 58 -22.93 -15.57 9.17
C HIS B 58 -23.17 -16.52 10.35
N LYS B 59 -22.56 -17.70 10.27
CA LYS B 59 -22.65 -18.69 11.34
C LYS B 59 -21.53 -18.41 12.33
N VAL B 60 -21.90 -17.92 13.51
CA VAL B 60 -20.95 -17.52 14.55
C VAL B 60 -20.96 -18.58 15.64
N LEU B 61 -19.77 -19.08 15.99
CA LEU B 61 -19.62 -20.08 17.03
C LEU B 61 -18.93 -19.45 18.24
N ASP B 62 -19.55 -19.57 19.39
CA ASP B 62 -19.02 -18.98 20.62
C ASP B 62 -18.07 -19.97 21.28
N GLY B 63 -16.81 -19.55 21.47
CA GLY B 63 -15.83 -20.41 22.07
C GLY B 63 -15.99 -20.58 23.56
N ARG B 64 -16.70 -19.66 24.23
CA ARG B 64 -16.95 -19.71 25.67
C ARG B 64 -15.60 -19.73 26.39
N ASP B 65 -15.27 -20.78 27.13
CA ASP B 65 -14.01 -20.85 27.88
C ASP B 65 -13.02 -21.80 27.22
N CYS B 66 -13.12 -21.98 25.91
CA CYS B 66 -12.24 -22.87 25.17
C CYS B 66 -11.60 -22.10 24.00
N THR B 67 -10.37 -22.47 23.69
CA THR B 67 -9.68 -21.95 22.52
C THR B 67 -9.83 -22.93 21.36
N LEU B 68 -9.51 -22.45 20.16
CA LEU B 68 -9.64 -23.29 18.98
C LEU B 68 -8.68 -24.48 19.04
N ILE B 69 -7.45 -24.23 19.48
CA ILE B 69 -6.47 -25.32 19.57
C ILE B 69 -6.90 -26.33 20.63
N ASP B 70 -7.41 -25.86 21.76
CA ASP B 70 -7.86 -26.78 22.81
C ASP B 70 -9.06 -27.59 22.34
N ALA B 71 -9.98 -26.96 21.60
CA ALA B 71 -11.12 -27.70 21.06
C ALA B 71 -10.68 -28.74 20.05
N MET B 72 -9.69 -28.40 19.22
CA MET B 72 -9.19 -29.36 18.23
C MET B 72 -8.49 -30.53 18.90
N LEU B 73 -7.70 -30.26 19.95
CA LEU B 73 -6.95 -31.32 20.60
C LEU B 73 -7.86 -32.29 21.34
N GLY B 74 -8.94 -31.79 21.94
CA GLY B 74 -9.85 -32.66 22.67
C GLY B 74 -9.80 -32.49 24.18
N ASP B 75 -9.67 -31.27 24.63
CA ASP B 75 -9.70 -30.99 26.07
C ASP B 75 -11.04 -31.46 26.65
N PRO B 76 -11.04 -32.12 27.81
CA PRO B 76 -12.29 -32.69 28.32
C PRO B 76 -13.40 -31.67 28.53
N HIS B 77 -13.07 -30.45 28.94
CA HIS B 77 -14.09 -29.42 29.11
C HIS B 77 -14.44 -28.73 27.79
N CYS B 78 -13.77 -29.10 26.70
CA CYS B 78 -14.09 -28.61 25.36
C CYS B 78 -14.70 -29.71 24.49
N ASP B 79 -15.25 -30.76 25.11
CA ASP B 79 -15.76 -31.90 24.35
C ASP B 79 -17.04 -31.57 23.58
N VAL B 80 -17.73 -30.47 23.93
CA VAL B 80 -18.95 -30.10 23.24
C VAL B 80 -18.69 -29.56 21.84
N PHE B 81 -17.43 -29.28 21.50
CA PHE B 81 -17.07 -28.69 20.22
C PHE B 81 -16.67 -29.73 19.18
N GLN B 82 -16.92 -31.01 19.44
CA GLN B 82 -16.54 -32.06 18.50
C GLN B 82 -17.38 -31.98 17.24
N ASP B 83 -16.70 -32.02 16.08
CA ASP B 83 -17.35 -32.02 14.77
C ASP B 83 -18.25 -30.80 14.60
N GLU B 84 -17.66 -29.63 14.78
CA GLU B 84 -18.38 -28.36 14.70
C GLU B 84 -17.96 -27.59 13.46
N LYS B 85 -18.88 -26.76 12.97
CA LYS B 85 -18.65 -25.90 11.81
C LYS B 85 -18.88 -24.45 12.20
N TRP B 86 -18.22 -23.54 11.48
CA TRP B 86 -18.36 -22.13 11.79
C TRP B 86 -17.98 -21.31 10.56
N ASP B 87 -18.49 -20.09 10.52
CA ASP B 87 -17.99 -19.05 9.62
C ASP B 87 -17.02 -18.11 10.33
N LEU B 88 -17.28 -17.81 11.60
CA LEU B 88 -16.38 -17.02 12.42
C LEU B 88 -16.34 -17.63 13.81
N PHE B 89 -15.14 -17.95 14.28
CA PHE B 89 -14.94 -18.48 15.62
C PHE B 89 -14.57 -17.33 16.55
N VAL B 90 -15.28 -17.21 17.66
CA VAL B 90 -15.08 -16.12 18.61
C VAL B 90 -14.37 -16.67 19.84
N GLU B 91 -13.19 -16.13 20.12
CA GLU B 91 -12.38 -16.54 21.26
C GLU B 91 -12.52 -15.51 22.37
N ARG B 92 -12.91 -15.96 23.56
CA ARG B 92 -13.06 -15.07 24.70
C ARG B 92 -11.77 -14.99 25.49
N SER B 93 -11.60 -13.89 26.22
CA SER B 93 -10.41 -13.68 27.02
C SER B 93 -10.40 -14.49 28.31
N SER B 94 -11.51 -15.14 28.65
CA SER B 94 -11.60 -15.96 29.85
C SER B 94 -11.33 -17.43 29.60
N ALA B 95 -10.91 -17.79 28.39
CA ALA B 95 -10.62 -19.17 28.07
C ALA B 95 -9.38 -19.65 28.82
N PHE B 96 -9.36 -20.95 29.13
CA PHE B 96 -8.26 -21.54 29.88
C PHE B 96 -8.11 -23.00 29.48
N SER B 97 -6.94 -23.55 29.78
CA SER B 97 -6.63 -24.94 29.51
C SER B 97 -6.70 -25.74 30.81
N ASN B 98 -7.21 -26.97 30.71
CA ASN B 98 -7.39 -27.83 31.88
C ASN B 98 -6.99 -29.26 31.56
N CYS B 99 -5.85 -29.43 30.90
CA CYS B 99 -5.35 -30.76 30.54
C CYS B 99 -3.84 -30.76 30.71
N TYR B 100 -3.18 -31.75 30.13
CA TYR B 100 -1.73 -31.87 30.22
C TYR B 100 -1.07 -30.65 29.62
N PRO B 101 -0.06 -30.07 30.28
CA PRO B 101 0.62 -28.90 29.73
C PRO B 101 1.30 -29.23 28.40
N TYR B 102 1.28 -28.26 27.49
CA TYR B 102 1.81 -28.47 26.16
C TYR B 102 2.24 -27.15 25.55
N ASP B 103 3.02 -27.24 24.48
CA ASP B 103 3.43 -26.08 23.70
C ASP B 103 3.40 -26.45 22.23
N VAL B 104 3.07 -25.47 21.39
CA VAL B 104 2.97 -25.69 19.95
C VAL B 104 3.98 -24.81 19.23
N PRO B 105 5.06 -25.36 18.68
CA PRO B 105 5.92 -24.57 17.81
C PRO B 105 5.14 -24.06 16.60
N ASP B 106 5.35 -22.78 16.27
CA ASP B 106 4.58 -22.10 15.24
C ASP B 106 3.08 -22.20 15.54
N TYR B 107 2.73 -21.74 16.74
CA TYR B 107 1.35 -21.82 17.19
C TYR B 107 0.42 -21.00 16.31
N ALA B 108 0.86 -19.81 15.90
CA ALA B 108 0.02 -18.92 15.10
C ALA B 108 -0.32 -19.54 13.75
N SER B 109 0.65 -20.22 13.13
CA SER B 109 0.41 -20.83 11.83
C SER B 109 -0.66 -21.92 11.92
N LEU B 110 -0.55 -22.79 12.93
CA LEU B 110 -1.54 -23.85 13.10
C LEU B 110 -2.92 -23.26 13.43
N ARG B 111 -2.96 -22.23 14.28
CA ARG B 111 -4.22 -21.59 14.60
C ARG B 111 -4.88 -21.01 13.36
N SER B 112 -4.09 -20.31 12.53
CA SER B 112 -4.62 -19.73 11.31
C SER B 112 -5.11 -20.81 10.35
N LEU B 113 -4.34 -21.89 10.22
CA LEU B 113 -4.74 -22.99 9.33
C LEU B 113 -6.07 -23.59 9.76
N ILE B 114 -6.21 -23.89 11.06
CA ILE B 114 -7.44 -24.48 11.55
C ILE B 114 -8.61 -23.51 11.38
N ALA B 115 -8.39 -22.23 11.69
CA ALA B 115 -9.46 -21.25 11.55
C ALA B 115 -9.91 -21.12 10.10
N SER B 116 -8.96 -21.09 9.17
CA SER B 116 -9.30 -20.95 7.76
C SER B 116 -9.96 -22.20 7.21
N SER B 117 -9.65 -23.37 7.78
CA SER B 117 -10.30 -24.60 7.36
C SER B 117 -11.81 -24.54 7.60
N GLY B 118 -12.20 -24.03 8.77
CA GLY B 118 -13.60 -23.80 9.07
C GLY B 118 -14.40 -24.98 9.57
N THR B 119 -13.75 -26.10 9.89
CA THR B 119 -14.48 -27.26 10.39
C THR B 119 -13.57 -28.06 11.31
N LEU B 120 -14.20 -28.87 12.16
CA LEU B 120 -13.51 -29.77 13.08
C LEU B 120 -13.93 -31.21 12.84
N ASP B 121 -14.20 -31.57 11.59
CA ASP B 121 -14.62 -32.93 11.27
C ASP B 121 -13.44 -33.89 11.43
N PHE B 122 -13.66 -34.97 12.18
CA PHE B 122 -12.62 -35.93 12.50
C PHE B 122 -13.05 -37.32 12.07
N ILE B 123 -12.15 -38.04 11.41
CA ILE B 123 -12.39 -39.40 10.95
C ILE B 123 -11.39 -40.31 11.66
N THR B 124 -11.91 -41.33 12.34
CA THR B 124 -11.05 -42.27 13.05
C THR B 124 -10.49 -43.31 12.09
N GLU B 125 -9.19 -43.58 12.20
CA GLU B 125 -8.51 -44.56 11.38
C GLU B 125 -7.94 -45.66 12.26
N SER B 126 -7.85 -46.86 11.70
CA SER B 126 -7.44 -48.05 12.46
C SER B 126 -5.92 -48.17 12.40
N PHE B 127 -5.25 -47.47 13.31
CA PHE B 127 -3.81 -47.62 13.47
C PHE B 127 -3.51 -48.84 14.33
N THR B 128 -2.45 -49.56 13.98
CA THR B 128 -2.02 -50.74 14.70
C THR B 128 -0.68 -50.47 15.36
N TRP B 129 -0.65 -50.51 16.69
CA TRP B 129 0.56 -50.29 17.47
C TRP B 129 0.87 -51.58 18.21
N ALA B 130 1.79 -52.38 17.67
CA ALA B 130 2.08 -53.70 18.20
C ALA B 130 3.19 -53.62 19.24
N GLY B 131 2.95 -54.23 20.39
CA GLY B 131 3.96 -54.32 21.44
C GLY B 131 3.99 -53.19 22.43
N VAL B 132 2.99 -52.31 22.43
CA VAL B 132 2.93 -51.18 23.35
C VAL B 132 1.54 -51.09 23.95
N SER B 133 1.46 -50.37 25.06
CA SER B 133 0.19 -50.11 25.73
C SER B 133 -0.34 -48.74 25.33
N GLN B 134 -1.65 -48.65 25.12
CA GLN B 134 -2.29 -47.45 24.61
C GLN B 134 -3.16 -46.81 25.69
N ASN B 135 -3.77 -45.67 25.32
CA ASN B 135 -4.72 -44.96 26.17
C ASN B 135 -4.10 -44.56 27.51
N GLY B 136 -2.92 -43.94 27.45
CA GLY B 136 -2.31 -43.41 28.64
C GLY B 136 -3.07 -42.22 29.18
N GLY B 137 -3.00 -42.03 30.50
CA GLY B 137 -3.72 -40.96 31.15
C GLY B 137 -2.86 -40.26 32.18
N SER B 138 -3.42 -39.19 32.74
CA SER B 138 -2.73 -38.40 33.75
C SER B 138 -3.76 -37.76 34.67
N SER B 139 -3.31 -37.39 35.87
CA SER B 139 -4.18 -36.72 36.81
C SER B 139 -4.38 -35.24 36.47
N ALA B 140 -3.51 -34.67 35.64
CA ALA B 140 -3.68 -33.29 35.20
C ALA B 140 -4.80 -33.13 34.20
N CYS B 141 -5.35 -34.22 33.68
CA CYS B 141 -6.44 -34.19 32.70
C CYS B 141 -7.48 -35.21 33.17
N LYS B 142 -8.52 -34.74 33.86
CA LYS B 142 -9.51 -35.60 34.48
C LYS B 142 -10.75 -35.68 33.59
N ARG B 143 -11.12 -36.90 33.20
CA ARG B 143 -12.37 -37.15 32.48
C ARG B 143 -13.40 -37.63 33.50
N GLY B 144 -13.93 -36.68 34.25
CA GLY B 144 -14.84 -36.99 35.33
C GLY B 144 -14.10 -37.37 36.60
N PRO B 145 -14.33 -38.59 37.09
CA PRO B 145 -13.65 -39.04 38.31
C PRO B 145 -12.31 -39.71 38.03
N ALA B 146 -12.10 -40.14 36.78
CA ALA B 146 -10.92 -40.91 36.41
C ALA B 146 -9.94 -40.06 35.61
N ASN B 147 -8.71 -40.54 35.52
CA ASN B 147 -7.69 -39.88 34.73
C ASN B 147 -8.01 -39.98 33.24
N GLY B 148 -7.62 -38.95 32.49
CA GLY B 148 -7.87 -38.92 31.07
C GLY B 148 -6.78 -38.27 30.25
N PHE B 149 -7.07 -37.96 29.00
CA PHE B 149 -6.11 -37.37 28.08
C PHE B 149 -6.88 -36.68 26.97
N PHE B 150 -6.14 -36.09 26.03
CA PHE B 150 -6.77 -35.50 24.85
C PHE B 150 -7.52 -36.58 24.07
N SER B 151 -8.74 -36.27 23.66
CA SER B 151 -9.58 -37.26 23.01
C SER B 151 -9.05 -37.63 21.62
N ARG B 152 -8.33 -36.73 20.97
CA ARG B 152 -7.84 -36.96 19.62
C ARG B 152 -6.40 -37.47 19.58
N LEU B 153 -5.79 -37.73 20.73
CA LEU B 153 -4.41 -38.19 20.79
C LEU B 153 -4.31 -39.49 21.57
N ASN B 154 -3.33 -40.30 21.22
CA ASN B 154 -3.09 -41.59 21.85
C ASN B 154 -1.71 -41.59 22.47
N TRP B 155 -1.65 -41.83 23.78
CA TRP B 155 -0.38 -41.87 24.50
C TRP B 155 0.09 -43.31 24.61
N LEU B 156 1.22 -43.61 23.99
CA LEU B 156 1.78 -44.95 23.95
C LEU B 156 2.93 -45.06 24.94
N THR B 157 2.92 -46.13 25.74
CA THR B 157 3.98 -46.40 26.69
C THR B 157 4.43 -47.84 26.53
N LYS B 158 5.42 -48.24 27.32
CA LYS B 158 5.96 -49.59 27.23
C LYS B 158 4.91 -50.61 27.66
N SER B 159 5.01 -51.81 27.09
CA SER B 159 4.18 -52.94 27.46
C SER B 159 5.08 -54.01 28.05
N GLY B 160 4.77 -54.44 29.28
CA GLY B 160 5.65 -55.37 29.96
C GLY B 160 6.95 -54.70 30.36
N SER B 161 8.04 -55.04 29.67
CA SER B 161 9.33 -54.41 29.93
C SER B 161 10.07 -54.10 28.64
N SER B 162 9.35 -53.85 27.55
CA SER B 162 9.97 -53.58 26.26
C SER B 162 9.17 -52.52 25.51
N TYR B 163 9.86 -51.79 24.65
CA TYR B 163 9.25 -50.80 23.76
C TYR B 163 9.79 -51.05 22.36
N PRO B 164 9.11 -51.87 21.57
CA PRO B 164 9.62 -52.19 20.23
C PRO B 164 9.57 -50.99 19.30
N LEU B 165 10.44 -51.03 18.29
CA LEU B 165 10.44 -49.99 17.27
C LEU B 165 9.13 -50.02 16.50
N LEU B 166 8.51 -48.86 16.33
CA LEU B 166 7.22 -48.74 15.67
C LEU B 166 7.41 -48.27 14.25
N ASN B 167 6.77 -48.97 13.30
CA ASN B 167 6.86 -48.65 11.88
C ASN B 167 5.51 -48.94 11.25
N VAL B 168 4.69 -47.91 11.09
CA VAL B 168 3.34 -48.04 10.55
C VAL B 168 3.19 -47.12 9.36
N THR B 169 2.23 -47.43 8.51
CA THR B 169 1.97 -46.68 7.29
C THR B 169 0.47 -46.49 7.11
N MET B 170 0.11 -45.42 6.40
CA MET B 170 -1.29 -45.12 6.11
C MET B 170 -1.40 -44.35 4.80
N PRO B 171 -1.99 -44.95 3.77
CA PRO B 171 -2.09 -44.27 2.48
C PRO B 171 -3.36 -43.42 2.35
N ASN B 172 -3.26 -42.40 1.52
CA ASN B 172 -4.38 -41.50 1.25
C ASN B 172 -5.01 -41.91 -0.07
N ASN B 173 -6.09 -42.69 0.01
CA ASN B 173 -6.81 -43.16 -1.16
C ASN B 173 -8.04 -42.32 -1.48
N TYR B 174 -8.27 -41.24 -0.75
CA TYR B 174 -9.39 -40.35 -1.02
C TYR B 174 -8.98 -39.31 -2.06
N ASN B 175 -9.83 -38.30 -2.26
CA ASN B 175 -9.54 -37.21 -3.18
C ASN B 175 -9.47 -35.87 -2.47
N PHE B 176 -9.18 -35.86 -1.17
CA PHE B 176 -9.04 -34.64 -0.41
C PHE B 176 -7.84 -34.76 0.52
N ASP B 177 -7.34 -33.61 0.96
CA ASP B 177 -6.18 -33.57 1.83
C ASP B 177 -6.54 -34.05 3.23
N LYS B 178 -5.58 -34.70 3.89
CA LYS B 178 -5.71 -35.13 5.26
C LYS B 178 -4.75 -34.33 6.14
N LEU B 179 -5.21 -33.97 7.33
CA LEU B 179 -4.40 -33.27 8.32
C LEU B 179 -4.25 -34.15 9.54
N TYR B 180 -3.01 -34.42 9.92
CA TYR B 180 -2.69 -35.27 11.06
C TYR B 180 -2.06 -34.45 12.16
N ILE B 181 -2.51 -34.67 13.40
CA ILE B 181 -1.98 -33.99 14.58
C ILE B 181 -1.34 -35.05 15.48
N TRP B 182 -0.05 -34.87 15.76
CA TRP B 182 0.69 -35.80 16.60
C TRP B 182 1.57 -35.00 17.55
N GLY B 183 2.24 -35.70 18.46
CA GLY B 183 3.03 -35.02 19.47
C GLY B 183 4.19 -35.85 19.96
N VAL B 184 5.07 -35.19 20.72
CA VAL B 184 6.26 -35.79 21.31
C VAL B 184 6.29 -35.43 22.79
N HIS B 185 6.57 -36.42 23.64
CA HIS B 185 6.60 -36.22 25.08
C HIS B 185 8.00 -35.87 25.54
N HIS B 186 8.10 -34.88 26.42
CA HIS B 186 9.38 -34.45 26.97
C HIS B 186 9.43 -34.79 28.46
N PRO B 187 10.11 -35.85 28.86
CA PRO B 187 10.18 -36.20 30.28
C PRO B 187 11.04 -35.20 31.05
N SER B 188 10.83 -35.18 32.36
CA SER B 188 11.54 -34.25 33.23
C SER B 188 12.85 -34.81 33.77
N THR B 189 12.94 -36.13 33.93
CA THR B 189 14.14 -36.76 34.48
C THR B 189 14.50 -37.98 33.64
N ASN B 190 15.78 -38.37 33.72
CA ASN B 190 16.23 -39.58 33.03
C ASN B 190 15.52 -40.81 33.56
N GLN B 191 15.30 -40.89 34.86
CA GLN B 191 14.60 -42.03 35.44
C GLN B 191 13.18 -42.13 34.90
N GLU B 192 12.49 -40.99 34.79
CA GLU B 192 11.15 -40.99 34.21
C GLU B 192 11.16 -41.45 32.76
N GLN B 193 12.15 -40.98 31.99
CA GLN B 193 12.26 -41.40 30.60
C GLN B 193 12.47 -42.90 30.49
N THR B 194 13.34 -43.45 31.33
CA THR B 194 13.59 -44.89 31.31
C THR B 194 12.35 -45.67 31.74
N ASN B 195 11.65 -45.18 32.77
CA ASN B 195 10.48 -45.90 33.25
C ASN B 195 9.35 -45.92 32.23
N LEU B 196 9.10 -44.79 31.57
CA LEU B 196 8.02 -44.74 30.59
C LEU B 196 8.40 -45.51 29.32
N TYR B 197 9.60 -45.28 28.80
CA TYR B 197 10.09 -45.95 27.61
C TYR B 197 11.46 -46.56 27.90
N VAL B 198 11.67 -47.79 27.42
CA VAL B 198 12.87 -48.53 27.79
C VAL B 198 14.12 -47.81 27.29
N GLN B 199 14.10 -47.32 26.06
CA GLN B 199 15.26 -46.66 25.50
C GLN B 199 15.57 -45.36 26.25
N ALA B 200 16.86 -45.07 26.37
CA ALA B 200 17.31 -43.88 27.07
C ALA B 200 17.19 -42.61 26.25
N SER B 201 16.93 -42.72 24.95
CA SER B 201 16.80 -41.54 24.08
C SER B 201 15.78 -41.86 23.01
N GLY B 202 14.62 -41.20 23.06
CA GLY B 202 13.58 -41.44 22.09
C GLY B 202 13.84 -40.73 20.78
N ARG B 203 12.97 -41.02 19.81
CA ARG B 203 13.08 -40.44 18.47
C ARG B 203 11.76 -40.66 17.75
N VAL B 204 11.26 -39.60 17.10
CA VAL B 204 10.01 -39.67 16.36
C VAL B 204 10.26 -39.12 14.97
N THR B 205 9.90 -39.91 13.94
CA THR B 205 10.05 -39.51 12.55
C THR B 205 8.72 -39.68 11.85
N VAL B 206 8.19 -38.59 11.27
CA VAL B 206 6.97 -38.61 10.49
C VAL B 206 7.28 -38.00 9.13
N SER B 207 6.96 -38.72 8.05
CA SER B 207 7.36 -38.28 6.73
C SER B 207 6.35 -38.76 5.69
N THR B 208 6.34 -38.07 4.56
CA THR B 208 5.60 -38.45 3.37
C THR B 208 6.59 -38.60 2.21
N ARG B 209 6.06 -38.75 1.00
CA ARG B 209 6.92 -38.87 -0.18
C ARG B 209 7.64 -37.57 -0.52
N ARG B 210 7.24 -36.44 0.07
CA ARG B 210 7.82 -35.16 -0.28
C ARG B 210 8.29 -34.33 0.92
N SER B 211 8.12 -34.82 2.14
CA SER B 211 8.50 -34.06 3.32
C SER B 211 8.83 -35.02 4.45
N GLN B 212 9.53 -34.50 5.46
CA GLN B 212 9.92 -35.29 6.62
C GLN B 212 10.10 -34.38 7.82
N GLN B 213 9.88 -34.94 9.01
CA GLN B 213 10.10 -34.25 10.27
C GLN B 213 10.61 -35.24 11.30
N THR B 214 11.67 -34.87 12.00
CA THR B 214 12.24 -35.70 13.06
C THR B 214 12.45 -34.85 14.29
N ILE B 215 11.98 -35.35 15.44
CA ILE B 215 12.08 -34.64 16.71
C ILE B 215 12.78 -35.54 17.72
N VAL B 216 13.75 -34.99 18.43
CA VAL B 216 14.45 -35.68 19.51
C VAL B 216 13.98 -35.07 20.83
N PRO B 217 13.40 -35.85 21.73
CA PRO B 217 12.87 -35.27 22.98
C PRO B 217 13.97 -34.71 23.86
N ASN B 218 13.60 -33.73 24.67
CA ASN B 218 14.51 -33.06 25.60
C ASN B 218 14.10 -33.36 27.03
N ILE B 219 15.08 -33.67 27.86
CA ILE B 219 14.85 -34.05 29.26
C ILE B 219 15.32 -32.92 30.16
N GLY B 220 14.46 -32.53 31.10
CA GLY B 220 14.81 -31.48 32.04
C GLY B 220 13.63 -31.00 32.86
N SER B 221 13.91 -30.46 34.05
CA SER B 221 12.85 -29.98 34.92
C SER B 221 12.26 -28.68 34.38
N ARG B 222 10.97 -28.53 34.56
CA ARG B 222 10.22 -27.37 34.09
C ARG B 222 9.22 -26.98 35.17
N PRO B 223 8.74 -25.73 35.14
CA PRO B 223 7.82 -25.28 36.21
C PRO B 223 6.57 -26.13 36.28
N TRP B 224 6.11 -26.36 37.52
CA TRP B 224 4.94 -27.19 37.74
C TRP B 224 3.70 -26.53 37.15
N VAL B 225 2.95 -27.30 36.36
CA VAL B 225 1.66 -26.86 35.82
C VAL B 225 0.69 -28.02 36.04
N ARG B 226 -0.27 -27.82 36.94
CA ARG B 226 -1.26 -28.85 37.29
C ARG B 226 -0.59 -30.14 37.71
N GLY B 227 0.50 -30.02 38.46
CA GLY B 227 1.18 -31.17 39.03
C GLY B 227 2.17 -31.87 38.12
N GLN B 228 2.46 -31.31 36.94
CA GLN B 228 3.36 -31.94 35.98
C GLN B 228 4.52 -31.00 35.67
N SER B 229 5.73 -31.53 35.66
CA SER B 229 6.91 -30.80 35.23
C SER B 229 7.34 -31.19 33.81
N SER B 230 6.57 -32.03 33.14
CA SER B 230 6.84 -32.44 31.78
C SER B 230 5.94 -31.68 30.81
N ARG B 231 6.29 -31.75 29.52
CA ARG B 231 5.54 -31.04 28.48
C ARG B 231 5.37 -31.95 27.28
N ILE B 232 4.48 -31.52 26.39
CA ILE B 232 4.22 -32.21 25.13
C ILE B 232 4.27 -31.18 24.01
N SER B 233 4.99 -31.51 22.94
CA SER B 233 5.12 -30.63 21.78
C SER B 233 4.22 -31.15 20.66
N ILE B 234 3.46 -30.25 20.05
CA ILE B 234 2.45 -30.61 19.06
C ILE B 234 2.97 -30.28 17.66
N TYR B 235 2.79 -31.22 16.74
CA TYR B 235 3.20 -31.04 15.35
C TYR B 235 2.07 -31.50 14.45
N TRP B 236 2.11 -31.07 13.19
CA TRP B 236 1.06 -31.40 12.23
C TRP B 236 1.69 -31.76 10.89
N THR B 237 0.97 -32.57 10.12
CA THR B 237 1.41 -33.03 8.81
C THR B 237 0.21 -33.13 7.89
N ILE B 238 0.41 -32.79 6.62
CA ILE B 238 -0.65 -32.81 5.61
C ILE B 238 -0.28 -33.79 4.52
N VAL B 239 -1.21 -34.68 4.18
CA VAL B 239 -0.99 -35.72 3.16
C VAL B 239 -1.90 -35.43 1.99
N LYS B 240 -1.31 -35.25 0.81
CA LYS B 240 -2.06 -35.01 -0.41
C LYS B 240 -2.67 -36.31 -0.94
N PRO B 241 -3.71 -36.23 -1.76
CA PRO B 241 -4.27 -37.46 -2.36
C PRO B 241 -3.23 -38.19 -3.19
N GLY B 242 -3.24 -39.51 -3.07
CA GLY B 242 -2.25 -40.34 -3.73
C GLY B 242 -0.94 -40.50 -3.00
N ASP B 243 -0.77 -39.80 -1.88
CA ASP B 243 0.45 -39.88 -1.09
C ASP B 243 0.28 -40.91 0.03
N VAL B 244 1.31 -41.06 0.85
CA VAL B 244 1.32 -42.04 1.93
C VAL B 244 2.03 -41.43 3.13
N LEU B 245 1.57 -41.81 4.32
CA LEU B 245 2.14 -41.34 5.58
C LEU B 245 2.84 -42.50 6.29
N VAL B 246 4.06 -42.26 6.74
CA VAL B 246 4.85 -43.25 7.46
C VAL B 246 5.27 -42.65 8.80
N ILE B 247 5.02 -43.39 9.88
CA ILE B 247 5.39 -42.97 11.22
C ILE B 247 6.41 -43.98 11.75
N ASN B 248 7.60 -43.49 12.08
CA ASN B 248 8.67 -44.32 12.61
C ASN B 248 9.15 -43.72 13.93
N SER B 249 9.17 -44.53 14.98
CA SER B 249 9.54 -44.04 16.30
C SER B 249 9.98 -45.21 17.17
N ASN B 250 10.72 -44.86 18.23
CA ASN B 250 11.13 -45.85 19.22
C ASN B 250 10.99 -45.30 20.64
N GLY B 251 10.08 -44.36 20.84
CA GLY B 251 9.82 -43.80 22.15
C GLY B 251 9.35 -42.36 22.06
N ASN B 252 8.66 -41.92 23.10
CA ASN B 252 8.22 -40.53 23.25
C ASN B 252 7.31 -40.10 22.10
N LEU B 253 6.38 -40.98 21.72
CA LEU B 253 5.45 -40.70 20.63
C LEU B 253 4.04 -40.55 21.17
N ILE B 254 3.39 -39.44 20.82
CA ILE B 254 1.98 -39.22 21.08
C ILE B 254 1.25 -39.44 19.76
N ALA B 255 0.74 -40.66 19.57
CA ALA B 255 0.22 -41.09 18.29
C ALA B 255 -1.13 -40.43 18.00
N PRO B 256 -1.43 -40.18 16.72
CA PRO B 256 -2.76 -39.69 16.36
C PRO B 256 -3.79 -40.81 16.29
N ARG B 257 -5.05 -40.41 16.36
CA ARG B 257 -6.17 -41.34 16.26
C ARG B 257 -6.88 -41.27 14.91
N GLY B 258 -6.48 -40.35 14.05
CA GLY B 258 -7.16 -40.19 12.78
C GLY B 258 -6.69 -38.92 12.10
N PHE B 259 -7.53 -38.39 11.20
CA PHE B 259 -7.20 -37.20 10.45
C PHE B 259 -8.37 -36.23 10.46
N PHE B 260 -8.05 -34.95 10.29
CA PHE B 260 -9.03 -33.89 10.16
C PHE B 260 -9.26 -33.58 8.68
N LYS B 261 -10.52 -33.37 8.32
CA LYS B 261 -10.86 -32.96 6.96
C LYS B 261 -10.61 -31.47 6.81
N ILE B 262 -9.70 -31.10 5.92
CA ILE B 262 -9.30 -29.72 5.72
C ILE B 262 -9.93 -29.22 4.42
N ARG B 263 -10.61 -28.09 4.49
CA ARG B 263 -11.34 -27.53 3.37
C ARG B 263 -10.83 -26.13 3.05
N THR B 264 -11.33 -25.58 1.95
CA THR B 264 -11.03 -24.22 1.53
C THR B 264 -12.32 -23.42 1.54
N GLY B 265 -12.30 -22.26 2.17
CA GLY B 265 -13.49 -21.44 2.27
C GLY B 265 -13.22 -20.02 2.73
N ARG B 266 -14.14 -19.45 3.50
CA ARG B 266 -14.07 -18.07 3.94
C ARG B 266 -14.28 -17.96 5.44
N SER B 267 -13.78 -18.94 6.20
CA SER B 267 -13.89 -18.92 7.65
C SER B 267 -12.69 -18.21 8.26
N SER B 268 -12.87 -17.75 9.49
CA SER B 268 -11.83 -17.00 10.19
C SER B 268 -12.06 -17.11 11.69
N ILE B 269 -11.25 -16.40 12.47
CA ILE B 269 -11.32 -16.40 13.92
C ILE B 269 -11.13 -14.98 14.42
N MET B 270 -11.85 -14.63 15.48
CA MET B 270 -11.78 -13.29 16.06
C MET B 270 -11.70 -13.39 17.57
N ARG B 271 -10.97 -12.44 18.16
CA ARG B 271 -10.90 -12.29 19.61
C ARG B 271 -11.83 -11.15 20.02
N SER B 272 -12.83 -11.47 20.84
CA SER B 272 -13.80 -10.47 21.25
C SER B 272 -14.47 -10.92 22.53
N ASP B 273 -15.08 -9.95 23.22
CA ASP B 273 -15.83 -10.21 24.44
C ASP B 273 -17.27 -9.75 24.34
N ALA B 274 -17.71 -9.29 23.17
CA ALA B 274 -19.07 -8.81 23.02
C ALA B 274 -20.05 -9.99 23.03
N PRO B 275 -21.21 -9.84 23.65
CA PRO B 275 -22.21 -10.91 23.63
C PRO B 275 -22.84 -11.08 22.26
N ILE B 276 -23.46 -12.24 22.06
CA ILE B 276 -24.09 -12.60 20.80
C ILE B 276 -25.60 -12.56 20.99
N GLU B 277 -26.29 -11.85 20.10
CA GLU B 277 -27.74 -11.71 20.15
C GLU B 277 -28.33 -12.13 18.81
N THR B 278 -29.65 -12.03 18.71
CA THR B 278 -30.39 -12.42 17.50
C THR B 278 -30.71 -11.17 16.70
N CYS B 279 -30.01 -10.99 15.58
CA CYS B 279 -30.24 -9.87 14.68
C CYS B 279 -29.57 -10.20 13.35
N ILE B 280 -29.64 -9.26 12.42
CA ILE B 280 -29.06 -9.41 11.08
C ILE B 280 -28.05 -8.29 10.87
N SER B 281 -26.84 -8.66 10.48
CA SER B 281 -25.78 -7.69 10.19
C SER B 281 -24.70 -8.39 9.38
N GLU B 282 -24.19 -7.70 8.36
CA GLU B 282 -23.20 -8.26 7.46
C GLU B 282 -21.76 -8.00 7.90
N CYS B 283 -21.54 -7.08 8.82
CA CYS B 283 -20.19 -6.71 9.27
C CYS B 283 -20.04 -7.00 10.74
N ILE B 284 -18.93 -7.64 11.11
CA ILE B 284 -18.65 -8.00 12.50
C ILE B 284 -17.29 -7.43 12.88
N THR B 285 -17.25 -6.75 14.02
CA THR B 285 -16.04 -6.19 14.60
C THR B 285 -15.92 -6.66 16.04
N PRO B 286 -14.72 -6.62 16.62
CA PRO B 286 -14.61 -7.00 18.04
C PRO B 286 -15.45 -6.15 18.96
N ASN B 287 -15.74 -4.90 18.59
CA ASN B 287 -16.65 -4.09 19.39
C ASN B 287 -18.10 -4.52 19.21
N GLY B 288 -18.42 -5.23 18.15
CA GLY B 288 -19.76 -5.65 17.83
C GLY B 288 -20.04 -5.46 16.36
N SER B 289 -21.30 -5.63 15.98
CA SER B 289 -21.71 -5.46 14.59
C SER B 289 -22.01 -4.00 14.30
N ILE B 290 -21.71 -3.58 13.07
CA ILE B 290 -21.96 -2.22 12.63
C ILE B 290 -22.70 -2.23 11.30
N PRO B 291 -23.55 -1.25 11.02
CA PRO B 291 -24.16 -1.16 9.69
C PRO B 291 -23.12 -0.79 8.64
N ASN B 292 -23.36 -1.27 7.42
CA ASN B 292 -22.43 -1.07 6.31
C ASN B 292 -23.03 -0.17 5.22
N ASP B 293 -23.85 0.80 5.61
CA ASP B 293 -24.44 1.73 4.66
C ASP B 293 -23.55 2.93 4.38
N LYS B 294 -22.44 3.06 5.09
CA LYS B 294 -21.49 4.14 4.88
C LYS B 294 -20.19 3.61 4.30
N PRO B 295 -19.47 4.43 3.51
CA PRO B 295 -18.24 3.92 2.86
C PRO B 295 -17.07 3.76 3.82
N PHE B 296 -17.07 4.44 4.97
CA PHE B 296 -15.94 4.42 5.87
C PHE B 296 -16.41 4.18 7.30
N GLN B 297 -15.51 3.62 8.12
CA GLN B 297 -15.81 3.36 9.51
C GLN B 297 -14.58 3.67 10.36
N ASN B 298 -14.83 3.95 11.64
CA ASN B 298 -13.77 4.31 12.58
C ASN B 298 -13.78 3.44 13.83
N VAL B 299 -14.52 2.35 13.83
CA VAL B 299 -14.69 1.55 15.05
C VAL B 299 -13.45 0.70 15.31
N ASN B 300 -13.07 -0.12 14.33
CA ASN B 300 -11.96 -1.04 14.50
C ASN B 300 -11.37 -1.38 13.14
N LYS B 301 -10.07 -1.68 13.14
CA LYS B 301 -9.39 -2.12 11.92
C LYS B 301 -9.46 -3.63 11.71
N ILE B 302 -10.07 -4.36 12.64
CA ILE B 302 -10.30 -5.80 12.50
C ILE B 302 -11.76 -5.99 12.14
N THR B 303 -12.02 -6.60 10.99
CA THR B 303 -13.37 -6.73 10.47
C THR B 303 -13.53 -8.09 9.79
N TYR B 304 -14.78 -8.52 9.68
CA TYR B 304 -15.13 -9.75 8.98
C TYR B 304 -16.41 -9.53 8.19
N GLY B 305 -16.38 -9.84 6.90
CA GLY B 305 -17.55 -9.70 6.05
C GLY B 305 -17.50 -8.46 5.19
N ALA B 306 -18.69 -8.00 4.80
CA ALA B 306 -18.83 -6.79 3.99
C ALA B 306 -18.82 -5.60 4.94
N CYS B 307 -17.67 -4.92 5.02
CA CYS B 307 -17.48 -3.86 5.98
C CYS B 307 -16.98 -2.60 5.30
N PRO B 308 -17.28 -1.43 5.86
CA PRO B 308 -16.67 -0.19 5.35
C PRO B 308 -15.17 -0.16 5.62
N LYS B 309 -14.46 0.61 4.81
CA LYS B 309 -13.02 0.74 4.97
C LYS B 309 -12.71 1.54 6.23
N TYR B 310 -11.59 1.20 6.87
CA TYR B 310 -11.18 1.83 8.11
C TYR B 310 -10.34 3.08 7.82
N VAL B 311 -10.68 4.19 8.44
CA VAL B 311 -9.95 5.44 8.29
C VAL B 311 -9.69 6.02 9.68
N LYS B 312 -8.70 6.91 9.74
CA LYS B 312 -8.33 7.53 11.01
C LYS B 312 -9.31 8.62 11.43
N GLN B 313 -9.90 9.32 10.47
CA GLN B 313 -10.81 10.41 10.79
C GLN B 313 -12.08 9.88 11.44
N ASN B 314 -12.67 10.69 12.31
CA ASN B 314 -13.91 10.34 12.98
C ASN B 314 -15.13 11.02 12.39
N THR B 315 -14.96 11.93 11.44
CA THR B 315 -16.08 12.60 10.81
C THR B 315 -15.68 13.11 9.44
N LEU B 316 -16.57 12.95 8.47
CA LEU B 316 -16.36 13.45 7.12
C LEU B 316 -17.73 13.78 6.53
N LYS B 317 -17.96 15.07 6.25
CA LYS B 317 -19.26 15.53 5.81
C LYS B 317 -19.25 15.74 4.29
N LEU B 318 -20.21 15.13 3.61
CA LEU B 318 -20.36 15.26 2.17
C LEU B 318 -21.54 16.17 1.87
N ALA B 319 -21.29 17.21 1.06
CA ALA B 319 -22.33 18.18 0.75
C ALA B 319 -23.43 17.54 -0.09
N THR B 320 -24.67 17.89 0.23
CA THR B 320 -25.83 17.41 -0.51
C THR B 320 -26.63 18.53 -1.16
N GLY B 321 -26.76 19.68 -0.50
CA GLY B 321 -27.44 20.83 -1.07
C GLY B 321 -26.48 21.87 -1.60
N MET B 322 -27.03 23.04 -1.89
CA MET B 322 -26.26 24.15 -2.42
C MET B 322 -25.72 25.01 -1.28
N ARG B 323 -25.06 26.10 -1.64
CA ARG B 323 -24.55 27.04 -0.65
C ARG B 323 -25.71 27.72 0.08
N ASN B 324 -25.53 27.95 1.38
CA ASN B 324 -26.54 28.55 2.23
C ASN B 324 -26.22 30.03 2.43
N VAL B 325 -27.12 30.89 1.95
CA VAL B 325 -26.96 32.34 2.07
C VAL B 325 -28.21 32.88 2.75
N PRO B 326 -28.10 33.51 3.91
CA PRO B 326 -29.28 34.10 4.55
C PRO B 326 -29.82 35.28 3.76
N GLU B 327 -31.13 35.48 3.84
CA GLU B 327 -31.78 36.57 3.14
C GLU B 327 -31.55 37.88 3.88
N LYS B 328 -31.13 38.90 3.15
CA LYS B 328 -30.94 40.23 3.72
C LYS B 328 -32.28 40.98 3.74
N GLN B 329 -32.33 42.02 4.56
CA GLN B 329 -33.53 42.84 4.67
C GLN B 329 -33.28 44.24 4.11
N ALA B 336 -39.92 45.56 -2.51
CA ALA B 336 -38.65 45.56 -3.23
C ALA B 336 -38.01 44.18 -3.20
N ILE B 337 -38.31 43.38 -4.21
CA ILE B 337 -37.77 42.03 -4.29
C ILE B 337 -36.35 42.07 -4.83
N ALA B 338 -35.57 41.04 -4.51
CA ALA B 338 -34.18 40.94 -4.93
C ALA B 338 -33.91 39.53 -5.41
N GLY B 339 -32.89 39.41 -6.25
CA GLY B 339 -32.54 38.14 -6.87
C GLY B 339 -31.54 37.34 -6.07
N PHE B 340 -30.80 36.49 -6.79
CA PHE B 340 -29.87 35.54 -6.18
C PHE B 340 -28.50 36.15 -5.90
N ILE B 341 -28.27 37.40 -6.27
CA ILE B 341 -26.97 38.02 -6.05
C ILE B 341 -26.82 38.33 -4.58
N GLU B 342 -26.02 37.52 -3.88
CA GLU B 342 -25.75 37.68 -2.45
C GLU B 342 -27.03 37.73 -1.63
N ASN B 343 -27.97 36.83 -1.93
CA ASN B 343 -29.25 36.81 -1.24
C ASN B 343 -29.94 35.48 -1.49
N GLY B 344 -30.44 34.84 -0.43
CA GLY B 344 -31.21 33.63 -0.53
C GLY B 344 -32.68 33.89 -0.26
N TRP B 345 -33.48 32.84 -0.47
CA TRP B 345 -34.92 32.89 -0.29
C TRP B 345 -35.33 31.78 0.68
N GLU B 346 -35.67 32.15 1.91
CA GLU B 346 -36.11 31.15 2.88
C GLU B 346 -37.59 30.81 2.75
N GLY B 347 -38.36 31.61 2.02
CA GLY B 347 -39.77 31.39 1.83
C GLY B 347 -40.14 30.39 0.75
N MET B 348 -39.17 29.91 -0.01
CA MET B 348 -39.41 28.93 -1.07
C MET B 348 -39.20 27.53 -0.51
N ILE B 349 -40.22 26.70 -0.60
CA ILE B 349 -40.17 25.33 -0.08
C ILE B 349 -40.60 24.28 -1.11
N ASP B 350 -41.05 24.68 -2.29
CA ASP B 350 -41.50 23.75 -3.31
C ASP B 350 -40.44 23.47 -4.37
N GLY B 351 -39.24 24.04 -4.24
CA GLY B 351 -38.19 23.80 -5.20
C GLY B 351 -36.92 24.49 -4.79
N TRP B 352 -35.86 24.20 -5.53
CA TRP B 352 -34.55 24.79 -5.26
C TRP B 352 -34.37 26.13 -5.97
N TYR B 353 -34.94 26.27 -7.16
CA TYR B 353 -34.86 27.52 -7.92
C TYR B 353 -36.27 27.95 -8.32
N GLY B 354 -36.47 29.25 -8.41
CA GLY B 354 -37.80 29.75 -8.73
C GLY B 354 -37.76 31.20 -9.18
N PHE B 355 -38.95 31.73 -9.44
CA PHE B 355 -39.12 33.09 -9.93
C PHE B 355 -39.95 33.90 -8.94
N ARG B 356 -39.61 35.18 -8.80
CA ARG B 356 -40.41 36.13 -8.04
C ARG B 356 -40.66 37.35 -8.91
N HIS B 357 -41.93 37.74 -9.04
CA HIS B 357 -42.31 38.83 -9.92
C HIS B 357 -43.13 39.86 -9.17
N GLN B 358 -42.92 41.13 -9.51
CA GLN B 358 -43.71 42.23 -9.00
C GLN B 358 -44.52 42.82 -10.15
N ASN B 359 -45.83 42.88 -9.98
CA ASN B 359 -46.75 43.25 -11.05
C ASN B 359 -47.73 44.29 -10.56
N SER B 360 -48.43 44.92 -11.52
CA SER B 360 -49.50 45.84 -11.15
C SER B 360 -50.62 45.11 -10.42
N GLU B 361 -50.94 43.89 -10.86
CA GLU B 361 -51.94 43.10 -10.17
C GLU B 361 -51.47 42.67 -8.78
N GLY B 362 -50.19 42.42 -8.63
CA GLY B 362 -49.64 42.03 -7.34
C GLY B 362 -48.43 41.13 -7.50
N THR B 363 -47.75 40.92 -6.39
CA THR B 363 -46.56 40.08 -6.38
C THR B 363 -46.94 38.60 -6.41
N GLY B 364 -45.95 37.76 -6.68
CA GLY B 364 -46.17 36.33 -6.74
C GLY B 364 -44.86 35.59 -6.62
N GLN B 365 -44.95 34.26 -6.67
CA GLN B 365 -43.79 33.41 -6.55
C GLN B 365 -44.10 32.04 -7.15
N ALA B 366 -43.12 31.47 -7.84
CA ALA B 366 -43.26 30.14 -8.42
C ALA B 366 -41.91 29.46 -8.36
N ALA B 367 -41.88 28.18 -8.76
CA ALA B 367 -40.67 27.37 -8.72
C ALA B 367 -40.42 26.75 -10.08
N ASP B 368 -39.14 26.57 -10.40
CA ASP B 368 -38.73 25.94 -11.65
C ASP B 368 -38.33 24.50 -11.37
N LEU B 369 -39.03 23.56 -12.01
CA LEU B 369 -38.82 22.15 -11.73
C LEU B 369 -37.68 21.54 -12.54
N LYS B 370 -37.41 22.06 -13.73
CA LYS B 370 -36.40 21.44 -14.60
C LYS B 370 -35.00 21.57 -14.00
N SER B 371 -34.61 22.79 -13.60
CA SER B 371 -33.28 22.98 -13.04
C SER B 371 -33.13 22.25 -11.71
N THR B 372 -34.17 22.29 -10.87
CA THR B 372 -34.12 21.58 -9.60
C THR B 372 -33.95 20.08 -9.81
N GLN B 373 -34.71 19.51 -10.76
CA GLN B 373 -34.60 18.09 -11.05
C GLN B 373 -33.22 17.75 -11.60
N ALA B 374 -32.67 18.60 -12.47
CA ALA B 374 -31.34 18.35 -13.01
C ALA B 374 -30.29 18.35 -11.90
N ALA B 375 -30.37 19.35 -11.00
CA ALA B 375 -29.41 19.41 -9.90
C ALA B 375 -29.55 18.20 -8.98
N ILE B 376 -30.78 17.80 -8.67
CA ILE B 376 -31.00 16.66 -7.80
C ILE B 376 -30.46 15.39 -8.44
N ASP B 377 -30.72 15.20 -9.75
CA ASP B 377 -30.24 14.01 -10.44
C ASP B 377 -28.71 13.97 -10.47
N GLN B 378 -28.08 15.12 -10.71
CA GLN B 378 -26.61 15.15 -10.69
C GLN B 378 -26.07 14.84 -9.29
N ILE B 379 -26.70 15.39 -8.26
CA ILE B 379 -26.23 15.16 -6.89
C ILE B 379 -26.48 13.73 -6.45
N ASN B 380 -27.65 13.17 -6.79
CA ASN B 380 -28.01 11.84 -6.34
C ASN B 380 -27.07 10.79 -6.91
N GLY B 381 -26.64 9.87 -6.05
CA GLY B 381 -25.73 8.82 -6.46
C GLY B 381 -24.37 9.31 -6.90
N LYS B 382 -23.88 10.40 -6.31
CA LYS B 382 -22.61 10.97 -6.74
C LYS B 382 -21.43 10.13 -6.27
N LEU B 383 -21.47 9.66 -5.02
CA LEU B 383 -20.35 8.91 -4.47
C LEU B 383 -20.23 7.52 -5.06
N ASN B 384 -21.31 6.96 -5.59
CA ASN B 384 -21.27 5.63 -6.17
C ASN B 384 -20.52 5.58 -7.50
N ARG B 385 -20.21 6.72 -8.09
CA ARG B 385 -19.55 6.75 -9.39
C ARG B 385 -18.07 6.42 -9.32
N VAL B 386 -17.45 6.53 -8.14
CA VAL B 386 -16.01 6.37 -8.01
C VAL B 386 -15.67 5.19 -7.08
N ILE B 387 -16.30 5.13 -5.92
CA ILE B 387 -16.01 4.11 -4.93
C ILE B 387 -17.03 2.99 -5.03
N GLU B 388 -16.62 1.79 -4.67
CA GLU B 388 -17.51 0.64 -4.70
C GLU B 388 -18.43 0.66 -3.48
N LYS B 389 -19.48 -0.17 -3.54
CA LYS B 389 -20.43 -0.23 -2.44
C LYS B 389 -19.78 -0.84 -1.20
N THR B 390 -19.34 -2.10 -1.30
CA THR B 390 -18.70 -2.78 -0.19
C THR B 390 -17.58 -3.68 -0.72
N ASN B 391 -16.62 -3.96 0.15
CA ASN B 391 -15.56 -4.92 -0.12
C ASN B 391 -15.66 -6.04 0.91
N GLU B 392 -15.64 -7.28 0.43
CA GLU B 392 -15.82 -8.44 1.28
C GLU B 392 -14.45 -9.06 1.57
N LYS B 393 -14.03 -9.02 2.84
CA LYS B 393 -12.81 -9.63 3.30
C LYS B 393 -13.14 -10.59 4.45
N PHE B 394 -12.59 -11.80 4.39
CA PHE B 394 -12.94 -12.84 5.35
C PHE B 394 -11.78 -13.22 6.25
N HIS B 395 -10.67 -13.67 5.70
CA HIS B 395 -9.50 -14.08 6.48
C HIS B 395 -8.33 -13.18 6.12
N GLN B 396 -7.71 -12.59 7.15
CA GLN B 396 -6.64 -11.63 6.97
C GLN B 396 -5.55 -11.92 7.98
N ILE B 397 -4.63 -10.98 8.13
CA ILE B 397 -3.52 -11.13 9.06
C ILE B 397 -3.95 -10.66 10.45
N GLU B 398 -3.17 -11.06 11.46
CA GLU B 398 -3.41 -10.59 12.81
C GLU B 398 -2.95 -9.14 12.94
N LYS B 399 -3.69 -8.36 13.74
CA LYS B 399 -3.41 -6.94 13.90
C LYS B 399 -3.17 -6.52 15.34
N GLU B 400 -3.37 -7.40 16.31
CA GLU B 400 -3.07 -7.12 17.71
C GLU B 400 -2.25 -8.27 18.27
N PHE B 401 -1.25 -7.94 19.09
CA PHE B 401 -0.31 -8.92 19.60
C PHE B 401 -0.15 -8.75 21.10
N SER B 402 -0.16 -9.87 21.82
CA SER B 402 -0.04 -9.88 23.28
C SER B 402 1.40 -10.05 23.75
N GLU B 403 2.34 -10.25 22.85
CA GLU B 403 3.74 -10.41 23.23
C GLU B 403 4.61 -9.97 22.08
N VAL B 404 5.87 -9.66 22.39
CA VAL B 404 6.82 -9.18 21.40
C VAL B 404 7.52 -10.38 20.76
N GLU B 405 7.72 -10.29 19.44
CA GLU B 405 8.36 -11.37 18.69
C GLU B 405 9.53 -10.89 17.85
N GLY B 406 9.43 -9.71 17.24
CA GLY B 406 10.52 -9.18 16.45
C GLY B 406 10.19 -8.82 15.01
N ARG B 407 10.81 -9.53 14.08
CA ARG B 407 10.81 -9.11 12.67
C ARG B 407 9.41 -9.20 12.05
N ILE B 408 8.75 -10.35 12.20
CA ILE B 408 7.48 -10.57 11.52
C ILE B 408 6.41 -9.65 12.06
N GLN B 409 6.36 -9.46 13.38
CA GLN B 409 5.39 -8.55 13.97
C GLN B 409 5.60 -7.13 13.48
N ASP B 410 6.86 -6.70 13.39
CA ASP B 410 7.17 -5.37 12.87
C ASP B 410 6.69 -5.23 11.43
N LEU B 411 6.93 -6.25 10.60
CA LEU B 411 6.50 -6.18 9.21
C LEU B 411 4.98 -6.09 9.11
N GLU B 412 4.26 -6.88 9.90
CA GLU B 412 2.80 -6.83 9.88
C GLU B 412 2.27 -5.47 10.30
N LYS B 413 2.84 -4.92 11.38
CA LYS B 413 2.41 -3.60 11.84
C LYS B 413 2.70 -2.53 10.78
N TYR B 414 3.86 -2.61 10.13
CA TYR B 414 4.19 -1.64 9.09
C TYR B 414 3.21 -1.72 7.94
N VAL B 415 2.86 -2.93 7.50
CA VAL B 415 1.93 -3.09 6.39
C VAL B 415 0.57 -2.48 6.76
N GLU B 416 0.08 -2.80 7.96
CA GLU B 416 -1.23 -2.29 8.36
C GLU B 416 -1.22 -0.76 8.45
N ASP B 417 -0.16 -0.19 9.02
CA ASP B 417 -0.09 1.26 9.15
C ASP B 417 -0.06 1.94 7.78
N THR B 418 0.72 1.38 6.83
CA THR B 418 0.79 1.96 5.50
C THR B 418 -0.59 1.94 4.83
N LYS B 419 -1.29 0.80 4.93
CA LYS B 419 -2.62 0.71 4.32
C LYS B 419 -3.58 1.73 4.93
N VAL B 420 -3.56 1.86 6.26
CA VAL B 420 -4.48 2.78 6.92
C VAL B 420 -4.20 4.23 6.49
N ASP B 421 -2.92 4.61 6.45
CA ASP B 421 -2.58 5.97 6.07
C ASP B 421 -3.01 6.28 4.64
N LEU B 422 -2.75 5.34 3.72
CA LEU B 422 -3.11 5.58 2.32
C LEU B 422 -4.63 5.72 2.17
N TRP B 423 -5.41 4.87 2.85
CA TRP B 423 -6.85 4.95 2.70
C TRP B 423 -7.41 6.22 3.33
N SER B 424 -6.82 6.67 4.45
CA SER B 424 -7.26 7.93 5.04
C SER B 424 -7.02 9.11 4.09
N TYR B 425 -5.84 9.14 3.46
CA TYR B 425 -5.57 10.20 2.49
C TYR B 425 -6.56 10.15 1.34
N ASN B 426 -6.85 8.95 0.83
CA ASN B 426 -7.81 8.81 -0.27
C ASN B 426 -9.18 9.35 0.12
N ALA B 427 -9.64 9.01 1.32
CA ALA B 427 -10.96 9.46 1.77
C ALA B 427 -11.02 10.98 1.87
N GLU B 428 -9.98 11.59 2.45
CA GLU B 428 -9.97 13.05 2.60
C GLU B 428 -10.03 13.73 1.24
N LEU B 429 -9.17 13.30 0.31
CA LEU B 429 -9.12 13.93 -1.00
C LEU B 429 -10.45 13.76 -1.74
N LEU B 430 -11.03 12.56 -1.67
CA LEU B 430 -12.30 12.32 -2.36
C LEU B 430 -13.40 13.24 -1.81
N VAL B 431 -13.49 13.37 -0.48
CA VAL B 431 -14.53 14.21 0.09
C VAL B 431 -14.37 15.66 -0.36
N ALA B 432 -13.13 16.17 -0.33
CA ALA B 432 -12.90 17.55 -0.74
C ALA B 432 -13.29 17.77 -2.20
N LEU B 433 -12.87 16.85 -3.07
CA LEU B 433 -13.18 17.00 -4.49
C LEU B 433 -14.68 16.97 -4.75
N GLU B 434 -15.40 16.04 -4.10
CA GLU B 434 -16.83 15.94 -4.32
C GLU B 434 -17.55 17.20 -3.85
N ASN B 435 -17.16 17.74 -2.69
CA ASN B 435 -17.80 18.96 -2.21
C ASN B 435 -17.57 20.12 -3.18
N GLN B 436 -16.33 20.26 -3.67
CA GLN B 436 -16.05 21.33 -4.62
C GLN B 436 -16.90 21.21 -5.87
N HIS B 437 -17.01 20.00 -6.41
CA HIS B 437 -17.78 19.81 -7.63
C HIS B 437 -19.27 20.06 -7.40
N THR B 438 -19.79 19.67 -6.23
CA THR B 438 -21.19 19.94 -5.92
C THR B 438 -21.48 21.43 -5.90
N ILE B 439 -20.62 22.20 -5.21
CA ILE B 439 -20.83 23.65 -5.16
C ILE B 439 -20.77 24.25 -6.57
N ASP B 440 -19.77 23.82 -7.36
CA ASP B 440 -19.63 24.35 -8.71
C ASP B 440 -20.87 24.05 -9.56
N LEU B 441 -21.39 22.83 -9.47
CA LEU B 441 -22.54 22.46 -10.31
C LEU B 441 -23.79 23.23 -9.91
N THR B 442 -23.99 23.45 -8.61
CA THR B 442 -25.16 24.23 -8.19
C THR B 442 -25.06 25.67 -8.70
N ASP B 443 -23.88 26.29 -8.56
CA ASP B 443 -23.71 27.64 -9.06
C ASP B 443 -23.93 27.71 -10.56
N SER B 444 -23.40 26.72 -11.29
CA SER B 444 -23.56 26.69 -12.74
C SER B 444 -25.01 26.55 -13.14
N GLU B 445 -25.78 25.75 -12.40
CA GLU B 445 -27.21 25.61 -12.70
C GLU B 445 -27.93 26.93 -12.52
N MET B 446 -27.65 27.64 -11.42
CA MET B 446 -28.30 28.93 -11.23
C MET B 446 -27.94 29.91 -12.34
N ASN B 447 -26.66 29.97 -12.70
CA ASN B 447 -26.23 30.88 -13.76
C ASN B 447 -26.85 30.51 -15.10
N LYS B 448 -26.98 29.21 -15.39
CA LYS B 448 -27.60 28.78 -16.64
C LYS B 448 -29.06 29.18 -16.70
N LEU B 449 -29.79 29.05 -15.59
CA LEU B 449 -31.18 29.49 -15.57
C LEU B 449 -31.27 30.99 -15.83
N PHE B 450 -30.40 31.77 -15.19
CA PHE B 450 -30.42 33.21 -15.41
C PHE B 450 -30.11 33.54 -16.87
N GLU B 451 -29.13 32.86 -17.46
CA GLU B 451 -28.76 33.13 -18.85
C GLU B 451 -29.89 32.79 -19.80
N LYS B 452 -30.57 31.67 -19.57
CA LYS B 452 -31.71 31.31 -20.43
C LYS B 452 -32.81 32.34 -20.31
N THR B 453 -33.11 32.80 -19.09
CA THR B 453 -34.13 33.82 -18.92
C THR B 453 -33.75 35.11 -19.65
N ARG B 454 -32.48 35.51 -19.56
CA ARG B 454 -32.04 36.70 -20.29
C ARG B 454 -32.14 36.50 -21.79
N ARG B 455 -31.81 35.30 -22.28
CA ARG B 455 -31.87 35.03 -23.71
C ARG B 455 -33.31 35.08 -24.23
N GLN B 456 -34.28 34.68 -23.40
CA GLN B 456 -35.67 34.74 -23.84
C GLN B 456 -36.10 36.18 -24.12
N LEU B 457 -35.72 37.12 -23.25
CA LEU B 457 -36.07 38.52 -23.41
C LEU B 457 -34.96 39.20 -24.20
N ARG B 458 -35.21 39.45 -25.49
CA ARG B 458 -34.15 39.96 -26.36
C ARG B 458 -33.86 41.43 -26.10
N GLU B 459 -34.85 42.30 -26.32
CA GLU B 459 -34.65 43.73 -26.19
C GLU B 459 -35.70 44.40 -25.31
N ASN B 460 -36.58 43.63 -24.67
CA ASN B 460 -37.64 44.20 -23.85
C ASN B 460 -37.27 44.32 -22.39
N ALA B 461 -36.05 43.93 -22.01
CA ALA B 461 -35.64 43.98 -20.61
C ALA B 461 -34.14 44.19 -20.52
N GLU B 462 -33.70 44.65 -19.35
CA GLU B 462 -32.28 44.81 -19.06
C GLU B 462 -32.03 44.44 -17.61
N ASP B 463 -30.91 43.77 -17.36
CA ASP B 463 -30.56 43.36 -16.01
C ASP B 463 -30.20 44.57 -15.17
N MET B 464 -30.74 44.63 -13.95
CA MET B 464 -30.45 45.71 -13.03
C MET B 464 -29.32 45.38 -12.05
N GLY B 465 -28.65 44.24 -12.23
CA GLY B 465 -27.45 43.92 -11.50
C GLY B 465 -27.63 43.17 -10.19
N ASN B 466 -28.87 42.99 -9.73
CA ASN B 466 -29.14 42.26 -8.50
C ASN B 466 -29.79 40.90 -8.77
N GLY B 467 -29.53 40.33 -9.95
CA GLY B 467 -30.13 39.06 -10.31
C GLY B 467 -31.58 39.15 -10.76
N CYS B 468 -32.05 40.35 -11.10
CA CYS B 468 -33.43 40.54 -11.50
C CYS B 468 -33.48 41.28 -12.83
N PHE B 469 -34.58 41.10 -13.55
CA PHE B 469 -34.86 41.81 -14.80
C PHE B 469 -36.00 42.78 -14.58
N LYS B 470 -35.92 43.92 -15.25
CA LYS B 470 -37.02 44.87 -15.32
C LYS B 470 -37.55 44.89 -16.75
N ILE B 471 -38.86 44.77 -16.90
CA ILE B 471 -39.52 44.63 -18.19
C ILE B 471 -40.24 45.93 -18.49
N TYR B 472 -40.03 46.46 -19.69
CA TYR B 472 -40.49 47.79 -20.04
C TYR B 472 -41.87 47.82 -20.70
N HIS B 473 -42.56 46.69 -20.74
CA HIS B 473 -43.94 46.65 -21.22
C HIS B 473 -44.83 46.07 -20.12
N LYS B 474 -46.14 46.12 -20.36
CA LYS B 474 -47.11 45.60 -19.39
C LYS B 474 -47.13 44.09 -19.46
N CYS B 475 -46.77 43.44 -18.37
CA CYS B 475 -46.67 41.97 -18.30
C CYS B 475 -47.57 41.50 -17.16
N ASP B 476 -48.68 40.85 -17.51
CA ASP B 476 -49.63 40.36 -16.53
C ASP B 476 -49.26 38.94 -16.10
N ASN B 477 -50.16 38.26 -15.40
CA ASN B 477 -49.88 36.91 -14.95
C ASN B 477 -49.68 35.95 -16.11
N ALA B 478 -50.48 36.11 -17.18
CA ALA B 478 -50.31 35.27 -18.36
C ALA B 478 -48.95 35.48 -19.00
N CYS B 479 -48.50 36.73 -19.08
CA CYS B 479 -47.20 37.01 -19.67
C CYS B 479 -46.07 36.42 -18.82
N ILE B 480 -46.17 36.53 -17.50
CA ILE B 480 -45.16 35.93 -16.62
C ILE B 480 -45.16 34.41 -16.77
N GLU B 481 -46.34 33.81 -16.85
CA GLU B 481 -46.42 32.36 -17.04
C GLU B 481 -45.82 31.94 -18.36
N SER B 482 -46.03 32.73 -19.41
CA SER B 482 -45.42 32.44 -20.71
C SER B 482 -43.90 32.55 -20.63
N ILE B 483 -43.40 33.53 -19.89
CA ILE B 483 -41.95 33.65 -19.68
C ILE B 483 -41.41 32.43 -18.97
N ARG B 484 -42.11 31.98 -17.93
CA ARG B 484 -41.67 30.78 -17.20
C ARG B 484 -41.68 29.55 -18.10
N ASN B 485 -42.73 29.40 -18.90
CA ASN B 485 -42.86 28.21 -19.75
C ASN B 485 -41.84 28.19 -20.87
N GLY B 486 -41.44 29.36 -21.36
CA GLY B 486 -40.57 29.45 -22.51
C GLY B 486 -41.25 29.77 -23.81
N THR B 487 -42.53 30.14 -23.78
CA THR B 487 -43.28 30.48 -24.97
C THR B 487 -43.40 31.99 -25.18
N TYR B 488 -42.62 32.78 -24.44
CA TYR B 488 -42.68 34.22 -24.56
C TYR B 488 -42.25 34.66 -25.96
N ASP B 489 -43.01 35.59 -26.54
CA ASP B 489 -42.74 36.11 -27.88
C ASP B 489 -42.41 37.59 -27.75
N HIS B 490 -41.16 37.95 -28.07
CA HIS B 490 -40.72 39.34 -27.92
C HIS B 490 -41.28 40.25 -29.01
N ASP B 491 -41.66 39.69 -30.16
CA ASP B 491 -42.13 40.52 -31.27
C ASP B 491 -43.43 41.24 -30.93
N ILE B 492 -44.25 40.66 -30.04
CA ILE B 492 -45.51 41.29 -29.69
C ILE B 492 -45.29 42.61 -28.96
N TYR B 493 -44.37 42.63 -28.00
CA TYR B 493 -44.14 43.80 -27.16
C TYR B 493 -42.88 44.57 -27.52
N ARG B 494 -42.24 44.25 -28.64
CA ARG B 494 -40.98 44.89 -28.99
C ARG B 494 -41.14 46.40 -29.16
N ASP B 495 -42.19 46.81 -29.88
CA ASP B 495 -42.38 48.23 -30.15
C ASP B 495 -42.64 49.02 -28.86
N GLU B 496 -43.52 48.49 -28.01
CA GLU B 496 -43.82 49.15 -26.75
C GLU B 496 -42.59 49.21 -25.85
N ALA B 497 -41.83 48.13 -25.77
CA ALA B 497 -40.63 48.12 -24.94
C ALA B 497 -39.60 49.11 -25.46
N LEU B 498 -39.40 49.17 -26.77
CA LEU B 498 -38.45 50.11 -27.34
C LEU B 498 -38.89 51.55 -27.09
N ASN B 499 -40.19 51.82 -27.21
CA ASN B 499 -40.69 53.16 -26.92
C ASN B 499 -40.47 53.53 -25.45
N ASN B 500 -40.70 52.58 -24.55
CA ASN B 500 -40.54 52.87 -23.12
C ASN B 500 -39.07 53.08 -22.76
N ARG B 501 -38.18 52.26 -23.32
CA ARG B 501 -36.76 52.37 -22.98
C ARG B 501 -36.17 53.69 -23.44
N PHE B 502 -36.52 54.13 -24.65
CA PHE B 502 -35.96 55.36 -25.20
C PHE B 502 -37.04 56.44 -25.33
N THR C 12 -16.59 61.65 -23.84
CA THR C 12 -16.43 60.21 -23.70
C THR C 12 -15.23 59.86 -22.83
N ALA C 13 -15.13 58.60 -22.45
CA ALA C 13 -14.04 58.14 -21.60
C ALA C 13 -13.81 56.65 -21.85
N THR C 14 -12.63 56.18 -21.44
CA THR C 14 -12.25 54.79 -21.60
C THR C 14 -11.84 54.21 -20.26
N LEU C 15 -12.39 53.05 -19.92
CA LEU C 15 -12.05 52.35 -18.68
C LEU C 15 -11.64 50.92 -19.03
N CYS C 16 -10.51 50.49 -18.48
CA CYS C 16 -9.96 49.18 -18.79
C CYS C 16 -9.72 48.39 -17.50
N LEU C 17 -9.78 47.08 -17.62
CA LEU C 17 -9.54 46.16 -16.52
C LEU C 17 -8.39 45.22 -16.88
N GLY C 18 -7.52 44.96 -15.92
CA GLY C 18 -6.36 44.13 -16.20
C GLY C 18 -5.77 43.56 -14.93
N HIS C 19 -4.69 42.81 -15.10
CA HIS C 19 -4.01 42.15 -13.99
C HIS C 19 -2.51 42.33 -14.14
N HIS C 20 -1.81 42.18 -13.01
CA HIS C 20 -0.38 42.43 -12.96
C HIS C 20 0.41 41.28 -13.60
N SER C 21 1.69 41.55 -13.84
CA SER C 21 2.59 40.54 -14.40
C SER C 21 3.99 40.81 -13.88
N VAL C 22 4.86 39.82 -14.03
CA VAL C 22 6.22 39.91 -13.52
C VAL C 22 7.21 39.69 -14.65
N PRO C 23 8.40 40.32 -14.61
CA PRO C 23 9.37 40.11 -15.68
C PRO C 23 9.85 38.68 -15.81
N ASN C 24 9.97 37.95 -14.70
CA ASN C 24 10.44 36.57 -14.72
C ASN C 24 9.43 35.69 -14.01
N GLY C 25 8.95 34.66 -14.70
CA GLY C 25 7.97 33.74 -14.16
C GLY C 25 8.52 32.33 -14.01
N THR C 26 7.68 31.48 -13.43
CA THR C 26 8.01 30.08 -13.21
C THR C 26 7.06 29.19 -14.00
N ILE C 27 7.58 28.07 -14.47
CA ILE C 27 6.81 27.12 -15.28
C ILE C 27 6.33 25.98 -14.38
N VAL C 28 5.02 25.75 -14.37
CA VAL C 28 4.43 24.66 -13.59
C VAL C 28 3.67 23.72 -14.52
N LYS C 29 3.09 22.67 -13.98
CA LYS C 29 2.36 21.67 -14.74
C LYS C 29 0.95 21.53 -14.17
N THR C 30 -0.03 21.48 -15.07
CA THR C 30 -1.44 21.33 -14.70
C THR C 30 -2.02 20.08 -15.36
N ILE C 31 -3.33 19.90 -15.16
CA ILE C 31 -4.00 18.74 -15.74
C ILE C 31 -4.08 18.88 -17.26
N THR C 32 -4.47 20.06 -17.75
CA THR C 32 -4.66 20.27 -19.18
C THR C 32 -3.43 20.84 -19.87
N ASP C 33 -2.48 21.38 -19.12
CA ASP C 33 -1.26 21.95 -19.69
C ASP C 33 -0.05 21.33 -19.04
N ASP C 34 0.95 20.98 -19.86
CA ASP C 34 2.19 20.43 -19.35
C ASP C 34 3.22 21.51 -19.01
N GLN C 35 3.14 22.66 -19.67
CA GLN C 35 4.05 23.78 -19.41
C GLN C 35 3.25 25.07 -19.48
N ILE C 36 3.09 25.73 -18.34
CA ILE C 36 2.42 27.02 -18.26
C ILE C 36 3.21 27.90 -17.30
N GLU C 37 3.37 29.17 -17.66
CA GLU C 37 4.16 30.10 -16.87
C GLU C 37 3.27 30.87 -15.91
N VAL C 38 3.64 30.89 -14.64
CA VAL C 38 2.91 31.60 -13.60
C VAL C 38 3.83 32.64 -12.99
N THR C 39 3.22 33.56 -12.24
CA THR C 39 3.97 34.67 -11.65
C THR C 39 4.79 34.23 -10.44
N ASN C 40 4.37 33.19 -9.73
CA ASN C 40 5.05 32.79 -8.51
C ASN C 40 4.75 31.32 -8.22
N ALA C 41 5.74 30.61 -7.72
CA ALA C 41 5.59 29.20 -7.38
C ALA C 41 6.53 28.84 -6.24
N THR C 42 6.22 27.74 -5.56
CA THR C 42 7.01 27.27 -4.44
C THR C 42 7.35 25.80 -4.61
N GLU C 43 8.49 25.40 -4.07
CA GLU C 43 8.97 24.02 -4.17
C GLU C 43 8.42 23.19 -3.01
N LEU C 44 7.97 21.98 -3.32
CA LEU C 44 7.33 21.11 -2.35
C LEU C 44 8.19 19.91 -1.95
N VAL C 45 9.38 19.75 -2.52
CA VAL C 45 10.24 18.59 -2.27
C VAL C 45 11.55 19.08 -1.67
N GLN C 46 11.90 18.53 -0.51
CA GLN C 46 13.18 18.78 0.11
C GLN C 46 14.20 17.80 -0.43
N ASN C 47 15.29 18.30 -1.00
CA ASN C 47 16.25 17.46 -1.71
C ASN C 47 17.69 17.68 -1.25
N SER C 48 17.89 18.22 -0.05
CA SER C 48 19.24 18.47 0.43
C SER C 48 19.26 18.36 1.95
N SER C 49 20.46 18.11 2.48
CA SER C 49 20.67 18.01 3.92
C SER C 49 21.98 18.69 4.28
N THR C 50 22.08 19.11 5.55
CA THR C 50 23.29 19.75 6.03
C THR C 50 24.42 18.76 6.29
N GLY C 51 24.11 17.47 6.37
CA GLY C 51 25.12 16.47 6.64
C GLY C 51 25.44 16.25 8.10
N LYS C 52 24.69 16.87 9.01
CA LYS C 52 24.90 16.71 10.44
C LYS C 52 23.61 16.27 11.09
N ILE C 53 23.74 15.60 12.24
CA ILE C 53 22.60 15.12 13.01
C ILE C 53 22.46 16.01 14.23
N CYS C 54 21.28 16.62 14.39
CA CYS C 54 21.01 17.48 15.52
C CYS C 54 20.70 16.64 16.75
N ASN C 55 21.14 17.12 17.91
CA ASN C 55 20.99 16.40 19.16
C ASN C 55 19.79 16.87 19.97
N ASN C 56 18.92 17.69 19.40
CA ASN C 56 17.71 18.16 20.06
C ASN C 56 16.55 18.11 19.08
N PRO C 57 15.33 17.84 19.55
CA PRO C 57 14.96 17.54 20.93
C PRO C 57 15.05 16.05 21.26
N HIS C 58 15.37 15.21 20.27
CA HIS C 58 15.51 13.78 20.52
C HIS C 58 16.84 13.50 21.20
N LYS C 59 16.84 12.50 22.09
CA LYS C 59 18.07 12.09 22.76
C LYS C 59 18.79 11.09 21.86
N VAL C 60 19.93 11.51 21.32
CA VAL C 60 20.70 10.71 20.37
C VAL C 60 21.94 10.19 21.07
N LEU C 61 22.14 8.87 21.01
CA LEU C 61 23.28 8.22 21.63
C LEU C 61 24.21 7.72 20.52
N ASP C 62 25.46 8.14 20.57
CA ASP C 62 26.45 7.77 19.56
C ASP C 62 27.09 6.44 19.96
N GLY C 63 26.99 5.45 19.07
CA GLY C 63 27.57 4.15 19.36
C GLY C 63 29.07 4.08 19.24
N ARG C 64 29.68 5.01 18.50
CA ARG C 64 31.13 5.08 18.29
C ARG C 64 31.58 3.76 17.68
N ASP C 65 32.41 2.96 18.34
CA ASP C 65 32.90 1.69 17.79
C ASP C 65 32.24 0.49 18.46
N CYS C 66 31.00 0.65 18.92
CA CYS C 66 30.27 -0.42 19.59
C CYS C 66 28.90 -0.59 18.95
N THR C 67 28.50 -1.83 18.77
CA THR C 67 27.14 -2.13 18.34
C THR C 67 26.22 -2.26 19.56
N LEU C 68 24.92 -2.25 19.29
CA LEU C 68 23.95 -2.35 20.38
C LEU C 68 24.05 -3.70 21.08
N ILE C 69 24.19 -4.78 20.32
CA ILE C 69 24.32 -6.11 20.92
C ILE C 69 25.58 -6.22 21.75
N ASP C 70 26.69 -5.69 21.23
CA ASP C 70 27.95 -5.71 21.97
C ASP C 70 27.84 -4.90 23.26
N ALA C 71 27.20 -3.74 23.20
CA ALA C 71 27.01 -2.93 24.40
C ALA C 71 26.14 -3.64 25.43
N MET C 72 25.08 -4.30 24.96
CA MET C 72 24.20 -5.02 25.88
C MET C 72 24.91 -6.21 26.52
N LEU C 73 25.71 -6.94 25.74
CA LEU C 73 26.38 -8.12 26.27
C LEU C 73 27.43 -7.75 27.32
N GLY C 74 28.12 -6.62 27.14
CA GLY C 74 29.13 -6.22 28.08
C GLY C 74 30.55 -6.36 27.58
N ASP C 75 30.78 -6.01 26.32
CA ASP C 75 32.13 -6.01 25.77
C ASP C 75 33.01 -5.05 26.56
N PRO C 76 34.26 -5.43 26.86
CA PRO C 76 35.10 -4.56 27.71
C PRO C 76 35.32 -3.16 27.15
N HIS C 77 35.44 -3.03 25.84
CA HIS C 77 35.59 -1.70 25.26
C HIS C 77 34.26 -0.98 25.07
N CYS C 78 33.15 -1.63 25.40
CA CYS C 78 31.82 -1.01 25.39
C CYS C 78 31.29 -0.81 26.80
N ASP C 79 32.16 -0.82 27.81
CA ASP C 79 31.71 -0.74 29.20
C ASP C 79 31.16 0.63 29.56
N VAL C 80 31.42 1.66 28.75
CA VAL C 80 30.91 2.99 29.03
C VAL C 80 29.42 3.13 28.76
N PHE C 81 28.81 2.13 28.13
CA PHE C 81 27.40 2.17 27.77
C PHE C 81 26.49 1.51 28.79
N GLN C 82 27.02 1.17 29.96
CA GLN C 82 26.22 0.50 30.98
C GLN C 82 25.11 1.41 31.50
N ASP C 83 23.88 0.89 31.53
CA ASP C 83 22.72 1.62 32.03
C ASP C 83 22.53 2.94 31.29
N GLU C 84 22.30 2.84 29.99
CA GLU C 84 22.15 3.99 29.12
C GLU C 84 20.73 4.07 28.58
N LYS C 85 20.32 5.29 28.24
CA LYS C 85 19.01 5.56 27.66
C LYS C 85 19.18 6.29 26.34
N TRP C 86 18.23 6.10 25.44
CA TRP C 86 18.31 6.75 24.14
C TRP C 86 16.92 6.85 23.52
N ASP C 87 16.75 7.85 22.65
CA ASP C 87 15.62 7.91 21.74
C ASP C 87 15.97 7.35 20.38
N LEU C 88 17.20 7.59 19.91
CA LEU C 88 17.71 7.01 18.68
C LEU C 88 19.14 6.56 18.92
N PHE C 89 19.43 5.30 18.60
CA PHE C 89 20.77 4.74 18.71
C PHE C 89 21.42 4.74 17.34
N VAL C 90 22.59 5.36 17.23
CA VAL C 90 23.29 5.51 15.97
C VAL C 90 24.46 4.54 15.95
N GLU C 91 24.49 3.67 14.94
CA GLU C 91 25.55 2.68 14.78
C GLU C 91 26.46 3.11 13.64
N ARG C 92 27.75 3.17 13.91
CA ARG C 92 28.74 3.54 12.91
C ARG C 92 29.26 2.31 12.18
N SER C 93 29.79 2.54 10.98
CA SER C 93 30.31 1.45 10.17
C SER C 93 31.69 0.98 10.60
N SER C 94 32.34 1.68 11.52
CA SER C 94 33.66 1.30 12.01
C SER C 94 33.61 0.47 13.29
N ALA C 95 32.41 0.10 13.74
CA ALA C 95 32.28 -0.69 14.95
C ALA C 95 32.86 -2.09 14.75
N PHE C 96 33.43 -2.64 15.83
CA PHE C 96 34.04 -3.96 15.79
C PHE C 96 33.83 -4.66 17.12
N SER C 97 34.04 -5.97 17.11
CA SER C 97 33.94 -6.80 18.31
C SER C 97 35.33 -7.18 18.78
N ASN C 98 35.53 -7.16 20.10
CA ASN C 98 36.83 -7.44 20.68
C ASN C 98 36.69 -8.34 21.91
N CYS C 99 35.88 -9.38 21.81
CA CYS C 99 35.67 -10.31 22.91
C CYS C 99 35.59 -11.72 22.33
N TYR C 100 35.08 -12.65 23.13
CA TYR C 100 34.95 -14.04 22.70
C TYR C 100 34.05 -14.12 21.47
N PRO C 101 34.42 -14.88 20.44
CA PRO C 101 33.57 -14.98 19.25
C PRO C 101 32.22 -15.59 19.59
N TYR C 102 31.17 -15.09 18.93
CA TYR C 102 29.81 -15.51 19.24
C TYR C 102 28.94 -15.32 18.01
N ASP C 103 27.76 -15.94 18.04
CA ASP C 103 26.74 -15.75 17.03
C ASP C 103 25.38 -15.77 17.68
N VAL C 104 24.45 -15.05 17.08
CA VAL C 104 23.10 -14.92 17.63
C VAL C 104 22.08 -15.41 16.61
N PRO C 105 21.44 -16.56 16.84
CA PRO C 105 20.30 -16.94 15.99
C PRO C 105 19.19 -15.91 16.12
N ASP C 106 18.61 -15.55 14.98
CA ASP C 106 17.63 -14.46 14.89
C ASP C 106 18.21 -13.17 15.47
N TYR C 107 19.36 -12.79 14.91
CA TYR C 107 20.07 -11.59 15.37
C TYR C 107 19.22 -10.34 15.18
N ALA C 108 18.55 -10.23 14.03
CA ALA C 108 17.77 -9.04 13.73
C ALA C 108 16.63 -8.85 14.73
N SER C 109 15.97 -9.94 15.12
CA SER C 109 14.86 -9.84 16.05
C SER C 109 15.32 -9.31 17.40
N LEU C 110 16.43 -9.85 17.92
CA LEU C 110 16.96 -9.37 19.20
C LEU C 110 17.41 -7.92 19.11
N ARG C 111 18.07 -7.56 18.00
CA ARG C 111 18.50 -6.18 17.81
C ARG C 111 17.31 -5.24 17.81
N SER C 112 16.25 -5.59 17.08
CA SER C 112 15.05 -4.76 17.05
C SER C 112 14.39 -4.67 18.41
N LEU C 113 14.34 -5.79 19.14
CA LEU C 113 13.74 -5.79 20.47
C LEU C 113 14.48 -4.84 21.41
N ILE C 114 15.82 -4.94 21.43
CA ILE C 114 16.61 -4.09 22.31
C ILE C 114 16.48 -2.62 21.90
N ALA C 115 16.51 -2.35 20.59
CA ALA C 115 16.39 -0.98 20.12
C ALA C 115 15.04 -0.38 20.49
N SER C 116 13.97 -1.15 20.34
CA SER C 116 12.64 -0.64 20.66
C SER C 116 12.45 -0.49 22.16
N SER C 117 13.14 -1.29 22.97
CA SER C 117 13.05 -1.13 24.42
C SER C 117 13.56 0.23 24.85
N GLY C 118 14.68 0.67 24.29
CA GLY C 118 15.16 2.02 24.53
C GLY C 118 15.98 2.22 25.78
N THR C 119 16.38 1.14 26.47
CA THR C 119 17.16 1.28 27.68
C THR C 119 18.02 0.04 27.87
N LEU C 120 19.08 0.20 28.64
CA LEU C 120 20.00 -0.89 28.98
C LEU C 120 20.09 -1.05 30.50
N ASP C 121 18.97 -0.84 31.19
CA ASP C 121 18.94 -0.97 32.64
C ASP C 121 19.06 -2.43 33.04
N PHE C 122 20.03 -2.73 33.90
CA PHE C 122 20.33 -4.09 34.31
C PHE C 122 20.23 -4.20 35.83
N ILE C 123 19.55 -5.24 36.30
CA ILE C 123 19.38 -5.51 37.73
C ILE C 123 20.04 -6.85 38.02
N THR C 124 21.00 -6.85 38.95
CA THR C 124 21.68 -8.08 39.33
C THR C 124 20.81 -8.89 40.30
N GLU C 125 20.76 -10.19 40.07
CA GLU C 125 19.98 -11.10 40.90
C GLU C 125 20.90 -12.14 41.53
N SER C 126 20.45 -12.67 42.67
CA SER C 126 21.26 -13.61 43.46
C SER C 126 21.00 -15.02 42.96
N PHE C 127 21.75 -15.43 41.95
CA PHE C 127 21.71 -16.80 41.45
C PHE C 127 22.71 -17.66 42.22
N THR C 128 22.29 -18.87 42.57
CA THR C 128 23.14 -19.81 43.29
C THR C 128 23.48 -20.97 42.37
N TRP C 129 24.78 -21.17 42.15
CA TRP C 129 25.29 -22.26 41.32
C TRP C 129 26.20 -23.12 42.20
N ALA C 130 25.69 -24.27 42.63
CA ALA C 130 26.37 -25.12 43.59
C ALA C 130 27.16 -26.20 42.87
N GLY C 131 28.43 -26.35 43.24
CA GLY C 131 29.26 -27.40 42.70
C GLY C 131 30.02 -27.08 41.44
N VAL C 132 29.99 -25.82 40.98
CA VAL C 132 30.68 -25.42 39.76
C VAL C 132 31.51 -24.18 40.02
N SER C 133 32.47 -23.94 39.15
CA SER C 133 33.29 -22.74 39.19
C SER C 133 32.62 -21.62 38.39
N GLN C 134 32.81 -20.39 38.86
CA GLN C 134 32.19 -19.23 38.24
C GLN C 134 33.25 -18.28 37.71
N ASN C 135 32.78 -17.28 36.96
CA ASN C 135 33.63 -16.19 36.47
C ASN C 135 34.75 -16.70 35.57
N GLY C 136 34.38 -17.48 34.55
CA GLY C 136 35.35 -17.92 33.58
C GLY C 136 35.86 -16.78 32.71
N GLY C 137 37.07 -16.95 32.20
CA GLY C 137 37.69 -15.93 31.39
C GLY C 137 38.43 -16.52 30.21
N SER C 138 38.88 -15.63 29.33
CA SER C 138 39.62 -16.04 28.14
C SER C 138 40.57 -14.92 27.73
N SER C 139 41.58 -15.30 26.95
CA SER C 139 42.54 -14.32 26.44
C SER C 139 42.01 -13.54 25.25
N ALA C 140 40.91 -13.99 24.63
CA ALA C 140 40.29 -13.25 23.55
C ALA C 140 39.46 -12.08 24.04
N CYS C 141 39.26 -11.96 25.35
CA CYS C 141 38.46 -10.88 25.95
C CYS C 141 39.26 -10.38 27.16
N LYS C 142 40.08 -9.36 26.93
CA LYS C 142 41.00 -8.87 27.95
C LYS C 142 40.39 -7.67 28.67
N ARG C 143 40.38 -7.73 30.00
CA ARG C 143 39.98 -6.61 30.85
C ARG C 143 41.25 -5.94 31.35
N GLY C 144 41.84 -5.11 30.49
CA GLY C 144 43.12 -4.51 30.79
C GLY C 144 44.25 -5.50 30.60
N PRO C 145 44.95 -5.83 31.70
CA PRO C 145 46.05 -6.79 31.62
C PRO C 145 45.66 -8.24 31.88
N ALA C 146 44.45 -8.50 32.40
CA ALA C 146 44.03 -9.83 32.77
C ALA C 146 42.93 -10.34 31.85
N ASN C 147 42.75 -11.66 31.85
CA ASN C 147 41.68 -12.27 31.07
C ASN C 147 40.31 -11.90 31.64
N GLY C 148 39.33 -11.83 30.75
CA GLY C 148 37.99 -11.45 31.15
C GLY C 148 36.90 -12.11 30.32
N PHE C 149 35.69 -11.55 30.39
CA PHE C 149 34.54 -12.11 29.71
C PHE C 149 33.48 -11.01 29.60
N PHE C 150 32.33 -11.36 29.03
CA PHE C 150 31.22 -10.43 28.98
C PHE C 150 30.75 -10.10 30.40
N SER C 151 30.52 -8.81 30.64
CA SER C 151 30.20 -8.36 32.00
C SER C 151 28.83 -8.82 32.47
N ARG C 152 27.90 -9.10 31.54
CA ARG C 152 26.54 -9.47 31.89
C ARG C 152 26.30 -10.98 31.84
N LEU C 153 27.36 -11.78 31.62
CA LEU C 153 27.23 -13.22 31.51
C LEU C 153 28.20 -13.90 32.46
N ASN C 154 27.82 -15.11 32.90
CA ASN C 154 28.62 -15.90 33.83
C ASN C 154 28.97 -17.22 33.17
N TRP C 155 30.27 -17.50 33.07
CA TRP C 155 30.77 -18.73 32.45
C TRP C 155 31.04 -19.74 33.55
N LEU C 156 30.33 -20.86 33.51
CA LEU C 156 30.43 -21.90 34.53
C LEU C 156 31.20 -23.09 33.97
N THR C 157 32.17 -23.58 34.74
CA THR C 157 32.95 -24.76 34.40
C THR C 157 32.95 -25.72 35.57
N LYS C 158 33.63 -26.84 35.39
CA LYS C 158 33.67 -27.86 36.44
C LYS C 158 34.42 -27.37 37.66
N SER C 159 34.04 -27.89 38.82
CA SER C 159 34.73 -27.63 40.08
C SER C 159 35.33 -28.94 40.56
N GLY C 160 36.64 -28.94 40.79
CA GLY C 160 37.32 -30.17 41.14
C GLY C 160 37.36 -31.14 39.98
N SER C 161 36.55 -32.20 40.05
CA SER C 161 36.47 -33.14 38.95
C SER C 161 35.02 -33.55 38.66
N SER C 162 34.04 -32.72 39.05
CA SER C 162 32.64 -33.06 38.85
C SER C 162 31.88 -31.83 38.38
N TYR C 163 30.82 -32.07 37.61
CA TYR C 163 29.91 -31.03 37.14
C TYR C 163 28.50 -31.48 37.47
N PRO C 164 28.00 -31.12 38.64
CA PRO C 164 26.66 -31.57 39.04
C PRO C 164 25.57 -30.94 38.19
N LEU C 165 24.44 -31.64 38.12
CA LEU C 165 23.28 -31.13 37.40
C LEU C 165 22.75 -29.88 38.09
N LEU C 166 22.56 -28.81 37.32
CA LEU C 166 22.12 -27.53 37.84
C LEU C 166 20.62 -27.39 37.68
N ASN C 167 19.94 -27.00 38.76
CA ASN C 167 18.49 -26.83 38.77
C ASN C 167 18.17 -25.65 39.68
N VAL C 168 17.95 -24.48 39.10
CA VAL C 168 17.67 -23.27 39.85
C VAL C 168 16.38 -22.64 39.35
N THR C 169 15.79 -21.80 40.17
CA THR C 169 14.54 -21.14 39.86
C THR C 169 14.61 -19.68 40.28
N MET C 170 13.78 -18.86 39.63
CA MET C 170 13.70 -17.43 39.94
C MET C 170 12.31 -16.90 39.59
N PRO C 171 11.53 -16.49 40.57
CA PRO C 171 10.18 -15.98 40.29
C PRO C 171 10.15 -14.49 40.01
N ASN C 172 9.15 -14.09 39.23
CA ASN C 172 8.93 -12.69 38.88
C ASN C 172 7.83 -12.14 39.79
N ASN C 173 8.25 -11.50 40.87
CA ASN C 173 7.33 -10.92 41.84
C ASN C 173 7.07 -9.43 41.59
N TYR C 174 7.65 -8.85 40.54
CA TYR C 174 7.43 -7.46 40.22
C TYR C 174 6.17 -7.32 39.36
N ASN C 175 5.95 -6.14 38.80
CA ASN C 175 4.81 -5.89 37.92
C ASN C 175 5.27 -5.49 36.52
N PHE C 176 6.49 -5.84 36.13
CA PHE C 176 7.01 -5.56 34.81
C PHE C 176 7.71 -6.80 34.27
N ASP C 177 7.81 -6.86 32.95
CA ASP C 177 8.45 -8.00 32.30
C ASP C 177 9.96 -7.99 32.54
N LYS C 178 10.54 -9.19 32.57
CA LYS C 178 11.98 -9.37 32.70
C LYS C 178 12.53 -9.99 31.43
N LEU C 179 13.68 -9.50 30.99
CA LEU C 179 14.38 -10.05 29.83
C LEU C 179 15.69 -10.68 30.31
N TYR C 180 15.87 -11.95 30.01
CA TYR C 180 17.05 -12.70 30.41
C TYR C 180 17.88 -13.05 29.18
N ILE C 181 19.19 -12.86 29.27
CA ILE C 181 20.13 -13.20 28.21
C ILE C 181 21.06 -14.28 28.72
N TRP C 182 21.09 -15.41 28.03
CA TRP C 182 21.92 -16.54 28.40
C TRP C 182 22.55 -17.11 27.14
N GLY C 183 23.43 -18.10 27.31
CA GLY C 183 24.15 -18.64 26.19
C GLY C 183 24.56 -20.09 26.37
N VAL C 184 25.05 -20.67 25.27
CA VAL C 184 25.54 -22.04 25.22
C VAL C 184 26.91 -22.03 24.57
N HIS C 185 27.84 -22.80 25.14
CA HIS C 185 29.21 -22.87 24.64
C HIS C 185 29.37 -24.08 23.73
N HIS C 186 30.00 -23.87 22.57
CA HIS C 186 30.26 -24.94 21.61
C HIS C 186 31.74 -25.24 21.57
N PRO C 187 32.20 -26.32 22.20
CA PRO C 187 33.63 -26.66 22.16
C PRO C 187 34.06 -27.11 20.77
N SER C 188 35.36 -26.99 20.51
CA SER C 188 35.92 -27.35 19.22
C SER C 188 36.28 -28.83 19.12
N THR C 189 36.63 -29.47 20.23
CA THR C 189 37.03 -30.87 20.22
C THR C 189 36.33 -31.60 21.36
N ASN C 190 36.25 -32.92 21.21
CA ASN C 190 35.68 -33.75 22.27
C ASN C 190 36.51 -33.67 23.55
N GLN C 191 37.84 -33.64 23.40
CA GLN C 191 38.71 -33.55 24.57
C GLN C 191 38.47 -32.23 25.31
N GLU C 192 38.30 -31.13 24.59
CA GLU C 192 38.01 -29.85 25.22
C GLU C 192 36.67 -29.89 25.96
N GLN C 193 35.66 -30.51 25.34
CA GLN C 193 34.36 -30.63 25.99
C GLN C 193 34.45 -31.43 27.28
N THR C 194 35.19 -32.55 27.25
CA THR C 194 35.35 -33.36 28.45
C THR C 194 36.15 -32.62 29.51
N ASN C 195 37.16 -31.86 29.11
CA ASN C 195 37.99 -31.15 30.08
C ASN C 195 37.21 -30.04 30.77
N LEU C 196 36.45 -29.25 30.00
CA LEU C 196 35.69 -28.15 30.60
C LEU C 196 34.53 -28.67 31.44
N TYR C 197 33.76 -29.61 30.88
CA TYR C 197 32.63 -30.20 31.57
C TYR C 197 32.76 -31.71 31.56
N VAL C 198 32.46 -32.34 32.70
CA VAL C 198 32.74 -33.77 32.85
C VAL C 198 31.93 -34.58 31.86
N GLN C 199 30.66 -34.23 31.67
CA GLN C 199 29.80 -34.98 30.76
C GLN C 199 30.30 -34.83 29.32
N ALA C 200 30.14 -35.90 28.55
CA ALA C 200 30.56 -35.91 27.15
C ALA C 200 29.57 -35.23 26.23
N SER C 201 28.40 -34.85 26.71
CA SER C 201 27.40 -34.19 25.88
C SER C 201 26.55 -33.30 26.79
N GLY C 202 26.69 -31.99 26.63
CA GLY C 202 25.95 -31.05 27.45
C GLY C 202 24.52 -30.89 27.01
N ARG C 203 23.77 -30.13 27.82
CA ARG C 203 22.36 -29.89 27.55
C ARG C 203 21.91 -28.71 28.41
N VAL C 204 21.26 -27.73 27.78
CA VAL C 204 20.77 -26.55 28.47
C VAL C 204 19.28 -26.42 28.20
N THR C 205 18.50 -26.26 29.27
CA THR C 205 17.05 -26.12 29.16
C THR C 205 16.60 -24.92 29.98
N VAL C 206 15.99 -23.94 29.31
CA VAL C 206 15.43 -22.76 29.97
C VAL C 206 13.95 -22.71 29.60
N SER C 207 13.09 -22.60 30.60
CA SER C 207 11.66 -22.69 30.36
C SER C 207 10.89 -21.86 31.39
N THR C 208 9.67 -21.51 31.02
CA THR C 208 8.71 -20.87 31.92
C THR C 208 7.43 -21.68 31.93
N ARG C 209 6.37 -21.13 32.54
CA ARG C 209 5.10 -21.84 32.60
C ARG C 209 4.42 -21.97 31.25
N ARG C 210 4.88 -21.24 30.23
CA ARG C 210 4.21 -21.25 28.94
C ARG C 210 5.16 -21.45 27.76
N SER C 211 6.46 -21.51 27.98
CA SER C 211 7.41 -21.66 26.89
C SER C 211 8.62 -22.44 27.37
N GLN C 212 9.37 -22.99 26.42
CA GLN C 212 10.56 -23.78 26.74
C GLN C 212 11.54 -23.70 25.59
N GLN C 213 12.83 -23.81 25.92
CA GLN C 213 13.90 -23.87 24.93
C GLN C 213 14.96 -24.85 25.42
N THR C 214 15.40 -25.73 24.53
CA THR C 214 16.47 -26.67 24.84
C THR C 214 17.48 -26.66 23.71
N ILE C 215 18.77 -26.55 24.05
CA ILE C 215 19.85 -26.48 23.08
C ILE C 215 20.85 -27.58 23.41
N VAL C 216 21.28 -28.31 22.39
CA VAL C 216 22.33 -29.31 22.50
C VAL C 216 23.57 -28.76 21.81
N PRO C 217 24.70 -28.63 22.51
CA PRO C 217 25.88 -28.03 21.89
C PRO C 217 26.44 -28.89 20.76
N ASN C 218 27.12 -28.23 19.83
CA ASN C 218 27.75 -28.88 18.69
C ASN C 218 29.26 -28.78 18.82
N ILE C 219 29.96 -29.88 18.57
CA ILE C 219 31.41 -29.95 18.70
C ILE C 219 32.02 -30.02 17.31
N GLY C 220 32.97 -29.14 17.03
CA GLY C 220 33.65 -29.12 15.75
C GLY C 220 34.56 -27.93 15.57
N SER C 221 35.54 -28.06 14.69
CA SER C 221 36.49 -26.98 14.46
C SER C 221 35.84 -25.84 13.67
N ARG C 222 36.30 -24.63 13.92
CA ARG C 222 35.81 -23.41 13.30
C ARG C 222 37.00 -22.52 13.00
N PRO C 223 36.85 -21.57 12.07
CA PRO C 223 37.96 -20.67 11.77
C PRO C 223 38.39 -19.88 12.99
N TRP C 224 39.70 -19.66 13.10
CA TRP C 224 40.25 -18.96 14.26
C TRP C 224 39.80 -17.51 14.26
N VAL C 225 39.28 -17.06 15.41
CA VAL C 225 38.90 -15.68 15.63
C VAL C 225 39.47 -15.27 16.98
N ARG C 226 40.49 -14.40 16.97
CA ARG C 226 41.16 -13.95 18.18
C ARG C 226 41.68 -15.12 19.00
N GLY C 227 42.19 -16.14 18.30
CA GLY C 227 42.83 -17.28 18.94
C GLY C 227 41.89 -18.38 19.41
N GLN C 228 40.60 -18.29 19.11
CA GLN C 228 39.62 -19.26 19.56
C GLN C 228 38.95 -19.92 18.37
N SER C 229 38.86 -21.24 18.39
CA SER C 229 38.09 -21.99 17.40
C SER C 229 36.72 -22.41 17.91
N SER C 230 36.38 -22.02 19.13
CA SER C 230 35.07 -22.30 19.71
C SER C 230 34.14 -21.10 19.52
N ARG C 231 32.86 -21.31 19.78
CA ARG C 231 31.85 -20.29 19.60
C ARG C 231 30.87 -20.33 20.76
N ILE C 232 30.11 -19.26 20.91
CA ILE C 232 29.05 -19.15 21.91
C ILE C 232 27.79 -18.66 21.22
N SER C 233 26.68 -19.35 21.45
CA SER C 233 25.39 -18.95 20.93
C SER C 233 24.62 -18.19 22.00
N ILE C 234 23.81 -17.22 21.57
CA ILE C 234 23.11 -16.32 22.47
C ILE C 234 21.61 -16.52 22.31
N TYR C 235 20.91 -16.67 23.43
CA TYR C 235 19.47 -16.83 23.45
C TYR C 235 18.88 -15.90 24.50
N TRP C 236 17.58 -15.61 24.36
CA TRP C 236 16.89 -14.71 25.28
C TRP C 236 15.53 -15.30 25.66
N THR C 237 15.05 -14.86 26.82
CA THR C 237 13.77 -15.32 27.36
C THR C 237 13.11 -14.18 28.11
N ILE C 238 11.79 -14.09 28.01
CA ILE C 238 11.00 -13.04 28.65
C ILE C 238 10.07 -13.69 29.66
N VAL C 239 10.06 -13.15 30.88
CA VAL C 239 9.23 -13.66 31.96
C VAL C 239 8.20 -12.60 32.32
N LYS C 240 6.92 -12.95 32.19
CA LYS C 240 5.83 -12.06 32.53
C LYS C 240 5.67 -11.97 34.05
N PRO C 241 5.02 -10.92 34.54
CA PRO C 241 4.76 -10.83 35.98
C PRO C 241 3.92 -12.01 36.46
N GLY C 242 4.26 -12.53 37.63
CA GLY C 242 3.59 -13.70 38.17
C GLY C 242 4.07 -15.02 37.62
N ASP C 243 5.07 -15.02 36.74
CA ASP C 243 5.59 -16.23 36.15
C ASP C 243 6.88 -16.65 36.84
N VAL C 244 7.41 -17.80 36.45
CA VAL C 244 8.60 -18.38 37.06
C VAL C 244 9.57 -18.81 35.97
N LEU C 245 10.86 -18.59 36.22
CA LEU C 245 11.92 -19.00 35.31
C LEU C 245 12.70 -20.14 35.95
N VAL C 246 12.90 -21.21 35.18
CA VAL C 246 13.64 -22.39 35.65
C VAL C 246 14.74 -22.68 34.65
N ILE C 247 15.96 -22.84 35.15
CA ILE C 247 17.12 -23.16 34.32
C ILE C 247 17.63 -24.54 34.74
N ASN C 248 17.66 -25.47 33.80
CA ASN C 248 18.14 -26.83 34.04
C ASN C 248 19.22 -27.14 33.02
N SER C 249 20.40 -27.54 33.50
CA SER C 249 21.51 -27.82 32.60
C SER C 249 22.49 -28.76 33.30
N ASN C 250 23.29 -29.45 32.48
CA ASN C 250 24.35 -30.31 32.99
C ASN C 250 25.64 -30.11 32.20
N GLY C 251 25.85 -28.94 31.66
CA GLY C 251 27.06 -28.62 30.93
C GLY C 251 26.81 -27.60 29.83
N ASN C 252 27.86 -26.86 29.48
CA ASN C 252 27.85 -25.92 28.36
C ASN C 252 26.83 -24.79 28.57
N LEU C 253 26.73 -24.30 29.79
CA LEU C 253 25.81 -23.23 30.13
C LEU C 253 26.56 -21.94 30.39
N ILE C 254 26.13 -20.87 29.73
CA ILE C 254 26.61 -19.52 30.00
C ILE C 254 25.50 -18.82 30.77
N ALA C 255 25.61 -18.83 32.09
CA ALA C 255 24.52 -18.39 32.95
C ALA C 255 24.37 -16.88 32.94
N PRO C 256 23.13 -16.38 33.09
CA PRO C 256 22.92 -14.94 33.22
C PRO C 256 23.23 -14.45 34.63
N ARG C 257 23.48 -13.15 34.73
CA ARG C 257 23.72 -12.50 36.01
C ARG C 257 22.54 -11.70 36.51
N GLY C 258 21.50 -11.56 35.70
CA GLY C 258 20.36 -10.76 36.09
C GLY C 258 19.39 -10.62 34.92
N PHE C 259 18.58 -9.57 34.96
CA PHE C 259 17.59 -9.33 33.93
C PHE C 259 17.64 -7.88 33.47
N PHE C 260 17.21 -7.66 32.24
CA PHE C 260 17.09 -6.32 31.66
C PHE C 260 15.64 -5.85 31.78
N LYS C 261 15.46 -4.61 32.21
CA LYS C 261 14.13 -4.02 32.19
C LYS C 261 13.73 -3.69 30.75
N ILE C 262 12.55 -4.12 30.35
CA ILE C 262 12.06 -3.93 29.00
C ILE C 262 10.84 -3.02 29.06
N ARG C 263 10.83 -1.98 28.22
CA ARG C 263 9.81 -0.96 28.23
C ARG C 263 9.18 -0.83 26.86
N THR C 264 8.09 -0.06 26.80
CA THR C 264 7.40 0.26 25.56
C THR C 264 7.49 1.77 25.34
N GLY C 265 7.97 2.17 24.18
CA GLY C 265 8.15 3.58 23.89
C GLY C 265 8.29 3.83 22.41
N ARG C 266 9.09 4.84 22.07
CA ARG C 266 9.27 5.28 20.69
C ARG C 266 10.75 5.35 20.34
N SER C 267 11.53 4.39 20.83
CA SER C 267 12.95 4.34 20.54
C SER C 267 13.23 3.46 19.32
N SER C 268 14.36 3.70 18.67
CA SER C 268 14.73 2.98 17.47
C SER C 268 16.25 3.02 17.31
N ILE C 269 16.73 2.44 16.22
CA ILE C 269 18.15 2.38 15.90
C ILE C 269 18.34 2.75 14.45
N MET C 270 19.46 3.39 14.14
CA MET C 270 19.76 3.85 12.80
C MET C 270 21.24 3.67 12.50
N ARG C 271 21.55 3.30 11.25
CA ARG C 271 22.92 3.16 10.79
C ARG C 271 23.30 4.43 10.02
N SER C 272 24.35 5.10 10.46
CA SER C 272 24.76 6.35 9.83
C SER C 272 26.21 6.64 10.18
N ASP C 273 26.82 7.53 9.40
CA ASP C 273 28.18 8.00 9.63
C ASP C 273 28.25 9.51 9.78
N ALA C 274 27.11 10.19 9.82
CA ALA C 274 27.11 11.64 9.92
C ALA C 274 27.50 12.07 11.34
N PRO C 275 28.27 13.15 11.49
CA PRO C 275 28.61 13.64 12.83
C PRO C 275 27.39 14.26 13.52
N ILE C 276 27.51 14.36 14.84
CA ILE C 276 26.45 14.91 15.68
C ILE C 276 26.88 16.28 16.17
N GLU C 277 26.00 17.27 16.00
CA GLU C 277 26.29 18.64 16.38
C GLU C 277 25.15 19.20 17.23
N THR C 278 25.34 20.42 17.70
CA THR C 278 24.37 21.08 18.57
C THR C 278 23.44 21.93 17.72
N CYS C 279 22.20 21.47 17.56
CA CYS C 279 21.17 22.19 16.82
C CYS C 279 19.83 21.56 17.17
N ILE C 280 18.76 22.10 16.60
CA ILE C 280 17.40 21.64 16.83
C ILE C 280 16.80 21.20 15.51
N SER C 281 16.29 19.97 15.48
CA SER C 281 15.64 19.43 14.28
C SER C 281 14.76 18.27 14.70
N GLU C 282 13.59 18.18 14.09
CA GLU C 282 12.62 17.15 14.42
C GLU C 282 12.70 15.91 13.54
N CYS C 283 13.48 15.96 12.46
CA CYS C 283 13.61 14.86 11.53
C CYS C 283 15.07 14.45 11.40
N ILE C 284 15.32 13.15 11.44
CA ILE C 284 16.67 12.60 11.36
C ILE C 284 16.71 11.56 10.25
N THR C 285 17.69 11.67 9.37
CA THR C 285 17.96 10.74 8.28
C THR C 285 19.41 10.32 8.34
N PRO C 286 19.76 9.18 7.73
CA PRO C 286 21.17 8.79 7.70
C PRO C 286 22.08 9.82 7.06
N ASN C 287 21.58 10.60 6.10
CA ASN C 287 22.36 11.69 5.54
C ASN C 287 22.51 12.85 6.50
N GLY C 288 21.65 12.94 7.50
CA GLY C 288 21.65 14.03 8.46
C GLY C 288 20.23 14.49 8.73
N SER C 289 20.11 15.60 9.44
CA SER C 289 18.81 16.18 9.75
C SER C 289 18.34 17.07 8.62
N ILE C 290 17.03 17.08 8.40
CA ILE C 290 16.43 17.89 7.35
C ILE C 290 15.25 18.67 7.92
N PRO C 291 14.98 19.88 7.43
CA PRO C 291 13.77 20.59 7.87
C PRO C 291 12.52 19.90 7.37
N ASN C 292 11.44 20.05 8.14
CA ASN C 292 10.17 19.41 7.84
C ASN C 292 9.09 20.41 7.47
N ASP C 293 9.47 21.54 6.86
CA ASP C 293 8.50 22.54 6.43
C ASP C 293 7.83 22.18 5.11
N LYS C 294 8.38 21.23 4.37
CA LYS C 294 7.81 20.80 3.10
C LYS C 294 7.12 19.46 3.24
N PRO C 295 6.06 19.20 2.47
CA PRO C 295 5.31 17.95 2.63
C PRO C 295 6.04 16.72 2.11
N PHE C 296 7.03 16.88 1.24
CA PHE C 296 7.71 15.74 0.63
C PHE C 296 9.21 15.95 0.69
N GLN C 297 9.94 14.83 0.65
CA GLN C 297 11.39 14.86 0.67
C GLN C 297 11.93 13.79 -0.28
N ASN C 298 13.18 13.98 -0.70
CA ASN C 298 13.85 13.08 -1.63
C ASN C 298 15.20 12.61 -1.11
N VAL C 299 15.50 12.85 0.16
CA VAL C 299 16.84 12.54 0.69
C VAL C 299 17.00 11.05 0.92
N ASN C 300 16.16 10.48 1.77
CA ASN C 300 16.28 9.07 2.16
C ASN C 300 14.92 8.55 2.58
N LYS C 301 14.71 7.25 2.32
CA LYS C 301 13.49 6.59 2.74
C LYS C 301 13.56 6.08 4.18
N ILE C 302 14.70 6.19 4.83
CA ILE C 302 14.85 5.84 6.24
C ILE C 302 14.80 7.14 7.04
N THR C 303 13.82 7.25 7.94
CA THR C 303 13.60 8.48 8.68
C THR C 303 13.19 8.15 10.12
N TYR C 304 13.35 9.14 10.99
CA TYR C 304 12.94 9.04 12.38
C TYR C 304 12.38 10.39 12.82
N GLY C 305 11.20 10.36 13.43
CA GLY C 305 10.57 11.57 13.91
C GLY C 305 9.51 12.10 12.96
N ALA C 306 9.23 13.39 13.11
CA ALA C 306 8.27 14.08 12.23
C ALA C 306 8.97 14.44 10.94
N CYS C 307 8.74 13.66 9.90
CA CYS C 307 9.47 13.80 8.65
C CYS C 307 8.52 13.88 7.47
N PRO C 308 8.92 14.56 6.40
CA PRO C 308 8.11 14.56 5.18
C PRO C 308 8.11 13.18 4.53
N LYS C 309 7.04 12.92 3.77
CA LYS C 309 6.92 11.66 3.07
C LYS C 309 7.93 11.57 1.93
N TYR C 310 8.44 10.37 1.70
CA TYR C 310 9.46 10.13 0.69
C TYR C 310 8.82 9.88 -0.67
N VAL C 311 9.32 10.57 -1.70
CA VAL C 311 8.84 10.42 -3.06
C VAL C 311 10.04 10.29 -3.99
N LYS C 312 9.78 9.79 -5.20
CA LYS C 312 10.84 9.60 -6.18
C LYS C 312 11.16 10.88 -6.94
N GLN C 313 10.22 11.80 -7.04
CA GLN C 313 10.41 13.00 -7.85
C GLN C 313 11.45 13.92 -7.23
N ASN C 314 12.27 14.51 -8.10
CA ASN C 314 13.30 15.44 -7.64
C ASN C 314 12.73 16.80 -7.27
N THR C 315 11.68 17.25 -7.97
CA THR C 315 11.12 18.57 -7.72
C THR C 315 9.64 18.57 -8.09
N LEU C 316 8.87 19.39 -7.36
CA LEU C 316 7.45 19.56 -7.63
C LEU C 316 7.09 21.00 -7.30
N LYS C 317 6.72 21.77 -8.31
CA LYS C 317 6.40 23.18 -8.15
C LYS C 317 4.89 23.36 -8.01
N LEU C 318 4.49 24.08 -6.97
CA LEU C 318 3.09 24.40 -6.72
C LEU C 318 2.83 25.85 -7.07
N ALA C 319 1.85 26.09 -7.93
CA ALA C 319 1.54 27.44 -8.38
C ALA C 319 1.01 28.28 -7.23
N THR C 320 1.52 29.50 -7.12
CA THR C 320 1.11 30.44 -6.09
C THR C 320 0.44 31.69 -6.65
N GLY C 321 0.91 32.21 -7.78
CA GLY C 321 0.34 33.38 -8.40
C GLY C 321 -0.55 33.05 -9.57
N MET C 322 -0.77 34.05 -10.42
CA MET C 322 -1.62 33.92 -11.58
C MET C 322 -0.81 33.57 -12.82
N ARG C 323 -1.51 33.40 -13.95
CA ARG C 323 -0.84 33.18 -15.22
C ARG C 323 -0.06 34.43 -15.62
N ASN C 324 1.14 34.24 -16.14
CA ASN C 324 2.02 35.33 -16.53
C ASN C 324 1.89 35.57 -18.03
N VAL C 325 1.42 36.76 -18.39
CA VAL C 325 1.21 37.14 -19.78
C VAL C 325 2.05 38.40 -20.04
N PRO C 326 2.92 38.39 -21.05
CA PRO C 326 3.73 39.59 -21.33
C PRO C 326 2.88 40.74 -21.81
N GLU C 327 3.35 41.96 -21.53
CA GLU C 327 2.68 43.16 -21.99
C GLU C 327 3.00 43.41 -23.47
N LYS C 328 1.96 43.64 -24.26
CA LYS C 328 2.16 43.90 -25.68
C LYS C 328 2.75 45.28 -25.90
N GLN C 329 3.81 45.35 -26.70
CA GLN C 329 4.49 46.61 -26.99
C GLN C 329 3.84 47.24 -28.22
N THR C 330 2.95 48.20 -27.97
CA THR C 330 2.26 48.89 -29.06
C THR C 330 2.09 50.37 -28.73
N ALA C 336 -2.90 54.61 -26.34
CA ALA C 336 -4.14 53.87 -26.16
C ALA C 336 -3.94 52.72 -25.17
N ILE C 337 -4.81 52.68 -24.15
CA ILE C 337 -4.72 51.64 -23.14
C ILE C 337 -5.38 50.36 -23.65
N ALA C 338 -5.07 49.26 -22.98
CA ALA C 338 -5.62 47.96 -23.33
C ALA C 338 -5.99 47.20 -22.06
N GLY C 339 -6.91 46.25 -22.21
CA GLY C 339 -7.42 45.49 -21.09
C GLY C 339 -6.66 44.20 -20.85
N PHE C 340 -7.33 43.26 -20.20
CA PHE C 340 -6.73 41.99 -19.80
C PHE C 340 -6.83 40.92 -20.86
N ILE C 341 -7.39 41.22 -22.03
CA ILE C 341 -7.53 40.22 -23.09
C ILE C 341 -6.17 39.99 -23.73
N GLU C 342 -5.51 38.89 -23.33
CA GLU C 342 -4.19 38.52 -23.85
C GLU C 342 -3.18 39.64 -23.68
N ASN C 343 -3.18 40.27 -22.50
CA ASN C 343 -2.25 41.35 -22.22
C ASN C 343 -2.18 41.56 -20.71
N GLY C 344 -0.98 41.56 -20.16
CA GLY C 344 -0.77 41.82 -18.75
C GLY C 344 -0.21 43.20 -18.50
N TRP C 345 -0.40 43.73 -17.30
CA TRP C 345 0.08 45.06 -16.93
C TRP C 345 1.35 44.94 -16.12
N GLU C 346 2.43 45.56 -16.62
CA GLU C 346 3.71 45.50 -15.92
C GLU C 346 3.87 46.62 -14.90
N GLY C 347 3.03 47.65 -14.94
CA GLY C 347 3.16 48.80 -14.09
C GLY C 347 2.39 48.75 -12.77
N MET C 348 1.74 47.63 -12.46
CA MET C 348 0.95 47.50 -11.25
C MET C 348 1.76 46.72 -10.21
N ILE C 349 1.95 47.33 -9.04
CA ILE C 349 2.71 46.70 -7.96
C ILE C 349 1.93 46.73 -6.66
N ASP C 350 0.83 47.49 -6.64
CA ASP C 350 0.04 47.66 -5.43
C ASP C 350 -1.13 46.67 -5.33
N GLY C 351 -1.26 45.76 -6.28
CA GLY C 351 -2.34 44.78 -6.23
C GLY C 351 -2.25 43.84 -7.40
N TRP C 352 -3.19 42.89 -7.42
CA TRP C 352 -3.26 41.91 -8.50
C TRP C 352 -4.19 42.34 -9.63
N TYR C 353 -5.27 43.03 -9.31
CA TYR C 353 -6.21 43.54 -10.30
C TYR C 353 -6.43 45.03 -10.07
N GLY C 354 -6.68 45.76 -11.15
CA GLY C 354 -6.86 47.19 -11.04
C GLY C 354 -7.51 47.77 -12.28
N PHE C 355 -7.73 49.08 -12.23
CA PHE C 355 -8.38 49.82 -13.30
C PHE C 355 -7.40 50.80 -13.94
N ARG C 356 -7.48 50.90 -15.27
CA ARG C 356 -6.76 51.94 -16.02
C ARG C 356 -7.79 52.73 -16.81
N HIS C 357 -7.77 54.05 -16.64
CA HIS C 357 -8.77 54.92 -17.25
C HIS C 357 -8.10 56.02 -18.05
N GLN C 358 -8.67 56.31 -19.22
CA GLN C 358 -8.25 57.42 -20.06
C GLN C 358 -9.36 58.47 -19.98
N ASN C 359 -8.98 59.69 -19.59
CA ASN C 359 -9.96 60.73 -19.30
C ASN C 359 -9.51 62.04 -19.93
N SER C 360 -10.41 63.03 -19.91
CA SER C 360 -10.08 64.36 -20.40
C SER C 360 -8.98 64.99 -19.55
N GLU C 361 -9.05 64.80 -18.22
CA GLU C 361 -7.99 65.29 -17.36
C GLU C 361 -6.68 64.56 -17.63
N GLY C 362 -6.74 63.26 -17.85
CA GLY C 362 -5.56 62.48 -18.14
C GLY C 362 -5.76 61.03 -17.76
N THR C 363 -4.69 60.26 -17.97
CA THR C 363 -4.73 58.84 -17.64
C THR C 363 -4.56 58.64 -16.15
N GLY C 364 -4.60 57.37 -15.73
CA GLY C 364 -4.46 57.05 -14.33
C GLY C 364 -4.48 55.55 -14.13
N GLN C 365 -4.34 55.15 -12.86
CA GLN C 365 -4.33 53.74 -12.51
C GLN C 365 -4.72 53.60 -11.05
N ALA C 366 -5.16 52.40 -10.69
CA ALA C 366 -5.56 52.08 -9.34
C ALA C 366 -5.54 50.57 -9.18
N ALA C 367 -5.97 50.10 -8.00
CA ALA C 367 -6.01 48.67 -7.71
C ALA C 367 -7.30 48.36 -6.96
N ASP C 368 -7.78 47.13 -7.15
CA ASP C 368 -8.98 46.65 -6.48
C ASP C 368 -8.57 45.73 -5.33
N LEU C 369 -8.86 46.14 -4.10
CA LEU C 369 -8.42 45.38 -2.94
C LEU C 369 -9.27 44.15 -2.69
N LYS C 370 -10.56 44.20 -2.99
CA LYS C 370 -11.46 43.10 -2.64
C LYS C 370 -11.12 41.84 -3.42
N SER C 371 -11.00 41.94 -4.74
CA SER C 371 -10.71 40.77 -5.56
C SER C 371 -9.33 40.21 -5.25
N THR C 372 -8.33 41.09 -5.08
CA THR C 372 -6.99 40.63 -4.74
C THR C 372 -6.98 39.91 -3.41
N GLN C 373 -7.67 40.45 -2.41
CA GLN C 373 -7.74 39.81 -1.11
C GLN C 373 -8.44 38.46 -1.19
N ALA C 374 -9.53 38.38 -1.95
CA ALA C 374 -10.23 37.11 -2.10
C ALA C 374 -9.35 36.06 -2.75
N ALA C 375 -8.64 36.45 -3.82
CA ALA C 375 -7.74 35.50 -4.48
C ALA C 375 -6.61 35.05 -3.55
N ILE C 376 -6.03 36.00 -2.81
CA ILE C 376 -4.94 35.64 -1.89
C ILE C 376 -5.45 34.70 -0.80
N ASP C 377 -6.62 34.99 -0.25
CA ASP C 377 -7.18 34.15 0.80
C ASP C 377 -7.46 32.75 0.28
N GLN C 378 -8.00 32.64 -0.95
CA GLN C 378 -8.23 31.33 -1.52
C GLN C 378 -6.93 30.57 -1.75
N ILE C 379 -5.90 31.28 -2.23
CA ILE C 379 -4.62 30.63 -2.51
C ILE C 379 -3.91 30.23 -1.23
N ASN C 380 -3.94 31.10 -0.22
CA ASN C 380 -3.21 30.83 1.02
C ASN C 380 -3.83 29.64 1.76
N GLY C 381 -2.97 28.80 2.32
CA GLY C 381 -3.43 27.63 3.04
C GLY C 381 -4.10 26.59 2.18
N LYS C 382 -3.78 26.54 0.89
CA LYS C 382 -4.48 25.64 -0.03
C LYS C 382 -4.06 24.19 0.20
N LEU C 383 -2.77 23.93 0.37
CA LEU C 383 -2.30 22.56 0.50
C LEU C 383 -2.61 21.95 1.85
N ASN C 384 -2.87 22.76 2.87
CA ASN C 384 -3.18 22.25 4.20
C ASN C 384 -4.57 21.63 4.28
N ARG C 385 -5.43 21.87 3.28
CA ARG C 385 -6.79 21.34 3.31
C ARG C 385 -6.86 19.84 3.04
N VAL C 386 -5.83 19.27 2.39
CA VAL C 386 -5.81 17.87 2.02
C VAL C 386 -4.69 17.12 2.72
N ILE C 387 -3.47 17.64 2.64
CA ILE C 387 -2.31 16.97 3.24
C ILE C 387 -2.24 17.35 4.70
N GLU C 388 -2.17 16.34 5.56
CA GLU C 388 -2.05 16.56 6.99
C GLU C 388 -0.66 17.12 7.28
N LYS C 389 -0.58 17.97 8.32
CA LYS C 389 0.62 18.76 8.59
C LYS C 389 1.90 17.93 8.54
N THR C 390 2.04 16.95 9.42
CA THR C 390 3.23 16.11 9.43
C THR C 390 2.92 14.78 10.10
N ASN C 391 3.58 13.74 9.64
CA ASN C 391 3.40 12.39 10.16
C ASN C 391 4.60 12.01 11.01
N GLU C 392 4.34 11.36 12.14
CA GLU C 392 5.38 11.01 13.11
C GLU C 392 5.50 9.49 13.16
N LYS C 393 6.64 8.98 12.70
CA LYS C 393 6.95 7.56 12.75
C LYS C 393 8.29 7.38 13.47
N PHE C 394 8.36 6.38 14.35
CA PHE C 394 9.53 6.19 15.19
C PHE C 394 10.27 4.89 14.89
N HIS C 395 9.61 3.75 15.02
CA HIS C 395 10.25 2.46 14.79
C HIS C 395 9.56 1.77 13.62
N GLN C 396 10.34 1.38 12.62
CA GLN C 396 9.82 0.80 11.40
C GLN C 396 10.67 -0.42 11.04
N ILE C 397 10.47 -0.94 9.84
CA ILE C 397 11.23 -2.09 9.38
C ILE C 397 12.56 -1.64 8.81
N GLU C 398 13.49 -2.59 8.67
CA GLU C 398 14.76 -2.30 8.03
C GLU C 398 14.56 -2.16 6.53
N LYS C 399 15.30 -1.23 5.92
CA LYS C 399 15.15 -0.94 4.51
C LYS C 399 16.44 -1.11 3.71
N GLU C 400 17.56 -1.39 4.37
CA GLU C 400 18.81 -1.69 3.69
C GLU C 400 19.42 -2.94 4.29
N PHE C 401 20.00 -3.79 3.46
CA PHE C 401 20.53 -5.07 3.88
C PHE C 401 21.93 -5.27 3.32
N SER C 402 22.76 -5.97 4.09
CA SER C 402 24.13 -6.25 3.70
C SER C 402 24.37 -7.70 3.30
N GLU C 403 23.40 -8.59 3.55
CA GLU C 403 23.51 -9.99 3.17
C GLU C 403 22.20 -10.42 2.52
N VAL C 404 22.29 -11.43 1.65
CA VAL C 404 21.11 -11.99 0.99
C VAL C 404 20.52 -13.07 1.89
N GLU C 405 19.20 -13.02 2.05
CA GLU C 405 18.50 -13.97 2.92
C GLU C 405 17.44 -14.76 2.18
N GLY C 406 16.58 -14.08 1.41
CA GLY C 406 15.54 -14.78 0.67
C GLY C 406 14.15 -14.21 0.83
N ARG C 407 13.26 -15.00 1.42
CA ARG C 407 11.83 -14.71 1.40
C ARG C 407 11.51 -13.40 2.13
N ILE C 408 11.97 -13.28 3.37
CA ILE C 408 11.59 -12.15 4.21
C ILE C 408 12.16 -10.84 3.65
N GLN C 409 13.41 -10.87 3.21
CA GLN C 409 14.01 -9.68 2.62
C GLN C 409 13.27 -9.24 1.36
N ASP C 410 12.90 -10.22 0.52
CA ASP C 410 12.13 -9.90 -0.68
C ASP C 410 10.79 -9.26 -0.31
N LEU C 411 10.12 -9.81 0.70
CA LEU C 411 8.83 -9.25 1.12
C LEU C 411 8.99 -7.81 1.61
N GLU C 412 10.03 -7.55 2.41
CA GLU C 412 10.26 -6.20 2.92
C GLU C 412 10.53 -5.22 1.78
N LYS C 413 11.38 -5.63 0.84
CA LYS C 413 11.68 -4.75 -0.30
C LYS C 413 10.43 -4.48 -1.12
N TYR C 414 9.60 -5.51 -1.34
CA TYR C 414 8.37 -5.33 -2.11
C TYR C 414 7.42 -4.35 -1.42
N VAL C 415 7.27 -4.48 -0.10
CA VAL C 415 6.38 -3.59 0.63
C VAL C 415 6.87 -2.14 0.52
N GLU C 416 8.17 -1.94 0.71
CA GLU C 416 8.72 -0.58 0.64
C GLU C 416 8.54 0.01 -0.76
N ASP C 417 8.80 -0.78 -1.79
CA ASP C 417 8.66 -0.29 -3.16
C ASP C 417 7.21 0.08 -3.47
N THR C 418 6.26 -0.75 -3.04
CA THR C 418 4.86 -0.46 -3.26
C THR C 418 4.47 0.86 -2.59
N LYS C 419 4.87 1.05 -1.33
CA LYS C 419 4.53 2.27 -0.63
C LYS C 419 5.12 3.49 -1.34
N VAL C 420 6.38 3.41 -1.76
CA VAL C 420 7.03 4.54 -2.42
C VAL C 420 6.31 4.90 -3.71
N ASP C 421 5.97 3.89 -4.52
CA ASP C 421 5.31 4.14 -5.79
C ASP C 421 3.95 4.81 -5.58
N LEU C 422 3.18 4.29 -4.62
CA LEU C 422 1.85 4.86 -4.37
C LEU C 422 1.95 6.31 -3.91
N TRP C 423 2.89 6.61 -3.02
CA TRP C 423 2.99 7.98 -2.53
C TRP C 423 3.48 8.94 -3.62
N SER C 424 4.39 8.46 -4.49
CA SER C 424 4.83 9.31 -5.60
C SER C 424 3.68 9.65 -6.53
N TYR C 425 2.85 8.66 -6.86
CA TYR C 425 1.68 8.92 -7.71
C TYR C 425 0.74 9.92 -7.04
N ASN C 426 0.50 9.74 -5.73
CA ASN C 426 -0.37 10.66 -5.02
C ASN C 426 0.15 12.09 -5.09
N ALA C 427 1.46 12.27 -4.87
CA ALA C 427 2.04 13.61 -4.89
C ALA C 427 1.89 14.26 -6.25
N GLU C 428 2.19 13.50 -7.31
CA GLU C 428 2.08 14.05 -8.67
C GLU C 428 0.65 14.50 -8.97
N LEU C 429 -0.33 13.62 -8.68
CA LEU C 429 -1.71 13.97 -8.98
C LEU C 429 -2.17 15.18 -8.17
N LEU C 430 -1.80 15.23 -6.89
CA LEU C 430 -2.20 16.36 -6.06
C LEU C 430 -1.64 17.66 -6.58
N VAL C 431 -0.37 17.68 -6.97
CA VAL C 431 0.24 18.92 -7.48
C VAL C 431 -0.47 19.37 -8.74
N ALA C 432 -0.74 18.44 -9.66
CA ALA C 432 -1.41 18.83 -10.90
C ALA C 432 -2.79 19.41 -10.63
N LEU C 433 -3.56 18.74 -9.75
CA LEU C 433 -4.91 19.20 -9.47
C LEU C 433 -4.90 20.59 -8.82
N GLU C 434 -4.00 20.81 -7.86
CA GLU C 434 -3.95 22.10 -7.18
C GLU C 434 -3.58 23.21 -8.15
N ASN C 435 -2.61 22.96 -9.04
CA ASN C 435 -2.25 23.99 -10.01
C ASN C 435 -3.41 24.33 -10.93
N GLN C 436 -4.13 23.30 -11.41
CA GLN C 436 -5.27 23.55 -12.28
C GLN C 436 -6.33 24.39 -11.57
N HIS C 437 -6.64 24.05 -10.31
CA HIS C 437 -7.66 24.79 -9.60
C HIS C 437 -7.24 26.22 -9.31
N THR C 438 -5.95 26.45 -9.03
CA THR C 438 -5.46 27.81 -8.81
C THR C 438 -5.64 28.66 -10.06
N ILE C 439 -5.25 28.12 -11.23
CA ILE C 439 -5.41 28.87 -12.47
C ILE C 439 -6.88 29.18 -12.72
N ASP C 440 -7.75 28.18 -12.53
CA ASP C 440 -9.17 28.39 -12.76
C ASP C 440 -9.75 29.46 -11.85
N LEU C 441 -9.38 29.43 -10.57
CA LEU C 441 -9.93 30.40 -9.63
C LEU C 441 -9.46 31.81 -9.96
N THR C 442 -8.19 31.97 -10.35
CA THR C 442 -7.72 33.30 -10.73
C THR C 442 -8.47 33.84 -11.95
N ASP C 443 -8.64 33.01 -12.98
CA ASP C 443 -9.37 33.45 -14.16
C ASP C 443 -10.80 33.80 -13.82
N SER C 444 -11.43 33.00 -12.95
CA SER C 444 -12.81 33.27 -12.55
C SER C 444 -12.91 34.59 -11.80
N GLU C 445 -11.93 34.89 -10.94
CA GLU C 445 -11.94 36.17 -10.23
C GLU C 445 -11.86 37.35 -11.20
N MET C 446 -10.97 37.26 -12.18
CA MET C 446 -10.87 38.34 -13.16
C MET C 446 -12.17 38.51 -13.94
N ASN C 447 -12.76 37.40 -14.38
CA ASN C 447 -14.01 37.48 -15.14
C ASN C 447 -15.14 38.04 -14.28
N LYS C 448 -15.18 37.67 -12.99
CA LYS C 448 -16.22 38.18 -12.10
C LYS C 448 -16.09 39.68 -11.91
N LEU C 449 -14.85 40.18 -11.76
CA LEU C 449 -14.67 41.62 -11.65
C LEU C 449 -15.13 42.33 -12.91
N PHE C 450 -14.79 41.78 -14.08
CA PHE C 450 -15.25 42.40 -15.32
C PHE C 450 -16.77 42.39 -15.42
N GLU C 451 -17.40 41.29 -15.03
CA GLU C 451 -18.86 41.20 -15.10
C GLU C 451 -19.53 42.19 -14.16
N LYS C 452 -19.00 42.35 -12.94
CA LYS C 452 -19.56 43.34 -12.03
C LYS C 452 -19.42 44.75 -12.59
N THR C 453 -18.25 45.06 -13.16
CA THR C 453 -18.06 46.37 -13.75
C THR C 453 -19.05 46.61 -14.89
N ARG C 454 -19.29 45.59 -15.72
CA ARG C 454 -20.28 45.73 -16.78
C ARG C 454 -21.69 45.92 -16.21
N ARG C 455 -22.01 45.20 -15.14
CA ARG C 455 -23.34 45.31 -14.54
C ARG C 455 -23.58 46.68 -13.95
N GLN C 456 -22.53 47.34 -13.44
CA GLN C 456 -22.71 48.69 -12.90
C GLN C 456 -23.17 49.67 -13.98
N LEU C 457 -22.58 49.58 -15.17
CA LEU C 457 -22.93 50.47 -16.29
C LEU C 457 -24.00 49.77 -17.11
N ARG C 458 -25.26 50.19 -16.93
CA ARG C 458 -26.37 49.50 -17.60
C ARG C 458 -26.40 49.81 -19.09
N GLU C 459 -26.59 51.09 -19.45
CA GLU C 459 -26.68 51.48 -20.85
C GLU C 459 -25.78 52.64 -21.23
N ASN C 460 -24.93 53.11 -20.32
CA ASN C 460 -24.06 54.24 -20.62
C ASN C 460 -22.73 53.82 -21.22
N ALA C 461 -22.47 52.52 -21.37
CA ALA C 461 -21.22 52.06 -21.93
C ALA C 461 -21.44 50.72 -22.62
N GLU C 462 -20.48 50.35 -23.47
CA GLU C 462 -20.51 49.08 -24.18
C GLU C 462 -19.10 48.52 -24.26
N ASP C 463 -19.03 47.19 -24.34
CA ASP C 463 -17.74 46.50 -24.35
C ASP C 463 -17.00 46.79 -25.65
N MET C 464 -15.71 47.11 -25.52
CA MET C 464 -14.87 47.38 -26.68
C MET C 464 -14.24 46.12 -27.26
N GLY C 465 -14.36 44.98 -26.58
CA GLY C 465 -13.86 43.72 -27.08
C GLY C 465 -12.47 43.35 -26.61
N ASN C 466 -11.72 44.28 -26.04
CA ASN C 466 -10.37 44.03 -25.55
C ASN C 466 -10.27 44.22 -24.05
N GLY C 467 -11.35 43.89 -23.33
CA GLY C 467 -11.36 44.06 -21.89
C GLY C 467 -11.49 45.49 -21.42
N CYS C 468 -12.02 46.38 -22.26
CA CYS C 468 -12.17 47.79 -21.92
C CYS C 468 -13.59 48.24 -22.21
N PHE C 469 -14.03 49.26 -21.49
CA PHE C 469 -15.35 49.84 -21.66
C PHE C 469 -15.23 51.24 -22.25
N LYS C 470 -16.15 51.58 -23.14
CA LYS C 470 -16.22 52.91 -23.74
C LYS C 470 -17.44 53.61 -23.15
N ILE C 471 -17.20 54.60 -22.29
CA ILE C 471 -18.27 55.34 -21.64
C ILE C 471 -18.65 56.52 -22.51
N TYR C 472 -19.94 56.67 -22.78
CA TYR C 472 -20.43 57.65 -23.74
C TYR C 472 -20.89 58.94 -23.09
N HIS C 473 -20.30 59.33 -21.96
CA HIS C 473 -20.57 60.60 -21.34
C HIS C 473 -19.30 61.10 -20.66
N LYS C 474 -19.29 62.39 -20.32
CA LYS C 474 -18.13 63.00 -19.67
C LYS C 474 -18.01 62.47 -18.25
N CYS C 475 -17.02 61.61 -18.02
CA CYS C 475 -16.81 60.96 -16.73
C CYS C 475 -15.48 61.47 -16.17
N ASP C 476 -15.56 62.40 -15.21
CA ASP C 476 -14.37 62.99 -14.61
C ASP C 476 -13.76 62.02 -13.59
N ASN C 477 -12.76 62.50 -12.85
CA ASN C 477 -12.09 61.64 -11.88
C ASN C 477 -13.04 61.19 -10.78
N ALA C 478 -13.94 62.08 -10.35
CA ALA C 478 -14.92 61.70 -9.33
C ALA C 478 -15.84 60.60 -9.85
N CYS C 479 -16.24 60.69 -11.12
CA CYS C 479 -17.10 59.65 -11.69
C CYS C 479 -16.37 58.32 -11.78
N ILE C 480 -15.08 58.34 -12.16
CA ILE C 480 -14.29 57.11 -12.19
C ILE C 480 -14.17 56.52 -10.79
N GLU C 481 -13.92 57.36 -9.79
CA GLU C 481 -13.82 56.88 -8.43
C GLU C 481 -15.14 56.29 -7.95
N SER C 482 -16.27 56.90 -8.35
CA SER C 482 -17.57 56.35 -8.01
C SER C 482 -17.78 54.98 -8.66
N ILE C 483 -17.34 54.84 -9.91
CA ILE C 483 -17.44 53.55 -10.58
C ILE C 483 -16.62 52.50 -9.83
N ARG C 484 -15.39 52.86 -9.44
CA ARG C 484 -14.53 51.92 -8.73
C ARG C 484 -15.09 51.57 -7.36
N ASN C 485 -15.72 52.53 -6.69
CA ASN C 485 -16.25 52.28 -5.35
C ASN C 485 -17.51 51.42 -5.39
N GLY C 486 -18.24 51.44 -6.51
CA GLY C 486 -19.49 50.73 -6.61
C GLY C 486 -20.72 51.55 -6.32
N THR C 487 -20.60 52.88 -6.25
CA THR C 487 -21.73 53.77 -5.99
C THR C 487 -22.14 54.54 -7.24
N TYR C 488 -21.80 54.03 -8.42
CA TYR C 488 -22.16 54.71 -9.66
C TYR C 488 -23.67 54.68 -9.89
N ASP C 489 -24.22 55.82 -10.28
CA ASP C 489 -25.64 55.96 -10.56
C ASP C 489 -25.80 56.30 -12.04
N HIS C 490 -26.43 55.40 -12.79
CA HIS C 490 -26.55 55.57 -14.23
C HIS C 490 -27.70 56.48 -14.64
N ASP C 491 -28.64 56.77 -13.73
CA ASP C 491 -29.83 57.52 -14.11
C ASP C 491 -29.49 58.93 -14.53
N ILE C 492 -28.57 59.60 -13.82
CA ILE C 492 -28.26 60.99 -14.12
C ILE C 492 -27.26 61.14 -15.26
N TYR C 493 -26.83 60.03 -15.87
CA TYR C 493 -26.05 60.06 -17.10
C TYR C 493 -26.78 59.40 -18.26
N ARG C 494 -27.93 58.80 -18.02
CA ARG C 494 -28.59 57.97 -19.02
C ARG C 494 -28.97 58.77 -20.27
N ASP C 495 -29.56 59.95 -20.08
CA ASP C 495 -30.02 60.73 -21.22
C ASP C 495 -28.86 61.14 -22.12
N GLU C 496 -27.79 61.66 -21.51
CA GLU C 496 -26.63 62.06 -22.29
C GLU C 496 -25.98 60.85 -22.98
N ALA C 497 -25.90 59.72 -22.29
CA ALA C 497 -25.28 58.54 -22.89
C ALA C 497 -26.09 58.03 -24.08
N LEU C 498 -27.42 57.96 -23.94
CA LEU C 498 -28.24 57.51 -25.05
C LEU C 498 -28.20 58.50 -26.22
N ASN C 499 -28.15 59.79 -25.91
CA ASN C 499 -28.02 60.78 -26.98
C ASN C 499 -26.70 60.62 -27.72
N ASN C 500 -25.61 60.36 -26.99
CA ASN C 500 -24.31 60.20 -27.64
C ASN C 500 -24.23 58.91 -28.45
N ARG C 501 -24.79 57.82 -27.93
CA ARG C 501 -24.69 56.54 -28.63
C ARG C 501 -25.46 56.56 -29.94
N PHE C 502 -26.65 57.15 -29.95
CA PHE C 502 -27.47 57.16 -31.16
C PHE C 502 -27.61 58.58 -31.71
C1 NAG D . 41.14 -27.93 11.24
C2 NAG D . 42.24 -27.89 12.30
C3 NAG D . 42.43 -26.45 12.79
C4 NAG D . 42.68 -25.51 11.62
C5 NAG D . 41.58 -25.67 10.57
C6 NAG D . 41.85 -24.88 9.31
C7 NAG D . 42.50 -29.95 13.61
C8 NAG D . 42.04 -30.72 14.81
N2 NAG D . 41.92 -28.76 13.42
O3 NAG D . 43.53 -26.40 13.69
O4 NAG D . 42.68 -24.17 12.07
O5 NAG D . 41.49 -27.05 10.17
O6 NAG D . 42.97 -25.40 8.60
O7 NAG D . 43.35 -30.37 12.85
C1 NAG D . 44.01 -23.63 12.04
C2 NAG D . 43.91 -22.13 11.77
C3 NAG D . 45.30 -21.49 11.79
C4 NAG D . 46.02 -21.82 13.08
C5 NAG D . 46.03 -23.33 13.31
C6 NAG D . 46.61 -23.73 14.65
C7 NAG D . 42.01 -21.37 10.40
C8 NAG D . 41.49 -21.17 9.02
N2 NAG D . 43.25 -21.87 10.50
O3 NAG D . 45.17 -20.08 11.65
O4 NAG D . 47.35 -21.36 13.03
O5 NAG D . 44.68 -23.84 13.28
O6 NAG D . 46.30 -25.07 14.97
O7 NAG D . 41.35 -21.09 11.40
C1 BMA D . 47.51 -20.22 13.90
C2 BMA D . 48.94 -20.25 14.48
C3 BMA D . 49.25 -18.96 15.24
C4 BMA D . 48.87 -17.73 14.41
C5 BMA D . 47.40 -17.83 13.98
C6 BMA D . 46.94 -16.64 13.16
O2 BMA D . 49.90 -20.35 13.43
O3 BMA D . 50.61 -18.89 15.62
O4 BMA D . 49.06 -16.55 15.18
O5 BMA D . 47.27 -19.01 13.19
O6 BMA D . 47.65 -16.64 11.92
C1 MAN D . 50.84 -19.85 16.68
C2 MAN D . 51.49 -19.09 17.88
C3 MAN D . 52.92 -18.70 17.57
C4 MAN D . 53.71 -19.92 17.05
C5 MAN D . 53.00 -20.51 15.82
C6 MAN D . 53.69 -21.73 15.26
O2 MAN D . 51.55 -19.93 19.04
O3 MAN D . 53.58 -18.15 18.70
O4 MAN D . 55.03 -19.52 16.68
O5 MAN D . 51.67 -20.91 16.21
O6 MAN D . 55.05 -21.39 14.99
C1 MAN D . 47.50 -15.35 11.32
C2 MAN D . 47.77 -15.50 9.80
C3 MAN D . 49.25 -15.77 9.54
C4 MAN D . 50.13 -14.73 10.24
C5 MAN D . 49.81 -14.73 11.74
C6 MAN D . 50.59 -13.69 12.51
O2 MAN D . 47.46 -14.31 9.09
O3 MAN D . 49.55 -15.80 8.14
O4 MAN D . 51.50 -15.05 10.05
O5 MAN D . 48.42 -14.43 11.92
O6 MAN D . 49.94 -12.43 12.36
C1 NAG E . -4.45 -15.76 -17.42
C2 NAG E . -5.96 -15.72 -17.64
C3 NAG E . -6.68 -15.76 -16.30
C4 NAG E . -6.22 -16.95 -15.47
C5 NAG E . -4.69 -16.96 -15.37
C6 NAG E . -4.15 -18.20 -14.69
C7 NAG E . -6.42 -14.50 -19.72
C8 NAG E . -6.83 -13.20 -20.33
N2 NAG E . -6.34 -14.54 -18.39
O3 NAG E . -8.09 -15.86 -16.53
O4 NAG E . -6.76 -16.84 -14.15
O5 NAG E . -4.11 -16.94 -16.68
O6 NAG E . -3.67 -17.90 -13.38
O7 NAG E . -6.17 -15.49 -20.41
C1 NAG E . -7.57 -17.99 -13.83
C2 NAG E . -7.95 -17.89 -12.36
C3 NAG E . -8.84 -19.07 -11.97
C4 NAG E . -10.05 -19.17 -12.91
C5 NAG E . -9.57 -19.20 -14.37
C6 NAG E . -10.71 -19.16 -15.35
C7 NAG E . -6.44 -16.76 -10.80
C8 NAG E . -5.20 -16.88 -9.98
N2 NAG E . -6.78 -17.84 -11.51
O3 NAG E . -9.29 -18.90 -10.64
O4 NAG E . -10.79 -20.34 -12.64
O5 NAG E . -8.75 -18.06 -14.65
O6 NAG E . -11.47 -17.97 -15.23
O7 NAG E . -7.11 -15.74 -10.82
C1 NAG F . 8.38 -49.68 7.48
C2 NAG F . 9.24 -50.74 6.78
C3 NAG F . 9.43 -50.38 5.31
C4 NAG F . 8.08 -50.14 4.63
C5 NAG F . 7.27 -49.13 5.43
C6 NAG F . 5.87 -48.94 4.90
C7 NAG F . 10.85 -51.94 8.19
C8 NAG F . 12.22 -51.92 8.79
N2 NAG F . 10.53 -50.89 7.43
O3 NAG F . 10.12 -51.45 4.65
O4 NAG F . 8.28 -49.64 3.32
O5 NAG F . 7.14 -49.56 6.80
O6 NAG F . 5.03 -50.05 5.24
O7 NAG F . 10.07 -52.86 8.39
C1 NAG F . 7.93 -50.64 2.34
C2 NAG F . 7.42 -49.91 1.10
C3 NAG F . 7.09 -50.92 0.00
C4 NAG F . 8.28 -51.82 -0.27
C5 NAG F . 8.77 -52.46 1.04
C6 NAG F . 10.04 -53.26 0.86
C7 NAG F . 6.29 -47.76 1.48
C8 NAG F . 4.99 -47.09 1.81
N2 NAG F . 6.25 -49.11 1.41
O3 NAG F . 6.72 -50.22 -1.18
O4 NAG F . 7.92 -52.85 -1.17
O5 NAG F . 9.06 -51.44 2.00
O6 NAG F . 10.58 -53.66 2.11
O7 NAG F . 7.32 -47.14 1.30
C1 BMA F . 8.51 -52.57 -2.47
C2 BMA F . 8.75 -53.94 -3.16
C3 BMA F . 9.17 -53.72 -4.61
C4 BMA F . 8.23 -52.75 -5.33
C5 BMA F . 8.15 -51.45 -4.54
C6 BMA F . 7.21 -50.44 -5.18
O2 BMA F . 7.57 -54.71 -3.19
O3 BMA F . 9.23 -54.95 -5.32
O4 BMA F . 8.73 -52.49 -6.64
O5 BMA F . 7.64 -51.76 -3.24
O6 BMA F . 5.90 -50.97 -5.16
C1 MAN F . 10.47 -55.62 -5.03
C2 MAN F . 11.04 -56.16 -6.37
C3 MAN F . 10.18 -57.32 -6.87
C4 MAN F . 9.98 -58.37 -5.77
C5 MAN F . 9.38 -57.71 -4.53
C6 MAN F . 9.21 -58.66 -3.37
O2 MAN F . 12.35 -56.70 -6.20
O3 MAN F . 10.74 -57.92 -8.03
O4 MAN F . 9.10 -59.39 -6.23
O5 MAN F . 10.27 -56.66 -4.09
O6 MAN F . 8.49 -59.80 -3.83
C1 MAN F . 5.11 -50.28 -6.14
C2 MAN F . 3.61 -50.49 -5.77
C3 MAN F . 3.19 -51.94 -6.06
C4 MAN F . 3.57 -52.34 -7.49
C5 MAN F . 5.08 -52.14 -7.69
C6 MAN F . 5.55 -52.48 -9.09
O2 MAN F . 2.76 -49.68 -6.57
O3 MAN F . 1.80 -52.14 -5.86
O4 MAN F . 3.24 -53.71 -7.71
O5 MAN F . 5.40 -50.75 -7.45
O6 MAN F . 5.33 -51.34 -9.91
C1 NAG G . -13.42 -0.65 19.87
C2 NAG G . -13.37 0.77 20.42
C3 NAG G . -11.93 1.27 20.43
C4 NAG G . -11.01 0.29 21.15
C5 NAG G . -11.19 -1.11 20.56
C6 NAG G . -10.42 -2.17 21.32
C7 NAG G . -15.50 1.87 19.93
C8 NAG G . -16.23 2.82 19.03
N2 NAG G . -14.21 1.67 19.66
O3 NAG G . -11.87 2.54 21.08
O4 NAG G . -9.65 0.68 20.97
O5 NAG G . -12.56 -1.50 20.63
O6 NAG G . -9.06 -2.24 20.88
O7 NAG G . -16.06 1.29 20.86
C1 NAG G . -9.05 0.97 22.25
C2 NAG G . -7.58 1.32 22.01
C3 NAG G . -6.89 1.65 23.32
C4 NAG G . -7.66 2.74 24.06
C5 NAG G . -9.13 2.33 24.22
C6 NAG G . -9.98 3.42 24.82
C7 NAG G . -6.50 0.30 20.06
C8 NAG G . -5.80 -0.92 19.52
N2 NAG G . -6.89 0.23 21.33
O3 NAG G . -5.57 2.09 23.07
O4 NAG G . -7.10 2.95 25.35
O5 NAG G . -9.69 2.05 22.93
O6 NAG G . -9.67 4.70 24.27
O7 NAG G . -6.70 1.28 19.36
C1 NAG H . 14.12 -28.10 40.09
C2 NAG H . 13.46 -29.26 40.85
C3 NAG H . 11.94 -29.13 40.78
C4 NAG H . 11.50 -27.74 41.25
C5 NAG H . 12.26 -26.66 40.49
C6 NAG H . 11.97 -25.26 40.99
C7 NAG H . 14.65 -31.39 41.00
C8 NAG H . 14.99 -32.68 40.30
N2 NAG H . 13.89 -30.53 40.31
O3 NAG H . 11.35 -30.12 41.60
O4 NAG H . 10.11 -27.57 41.03
O5 NAG H . 13.66 -26.86 40.62
O6 NAG H . 12.49 -25.08 42.30
O7 NAG H . 15.05 -31.15 42.13
C1 NAG H . 9.41 -27.58 42.29
C2 NAG H . 8.12 -26.80 42.11
C3 NAG H . 7.29 -26.83 43.40
C4 NAG H . 7.08 -28.27 43.85
C5 NAG H . 8.43 -28.98 43.96
C6 NAG H . 8.30 -30.45 44.30
C7 NAG H . 8.30 -24.98 40.46
C8 NAG H . 8.62 -23.53 40.25
N2 NAG H . 8.38 -25.42 41.73
O3 NAG H . 6.04 -26.20 43.18
O4 NAG H . 6.45 -28.30 45.13
O5 NAG H . 9.11 -28.91 42.70
O6 NAG H . 7.08 -30.99 43.79
O7 NAG H . 7.99 -25.73 39.54
C1 BMA H . 5.05 -28.62 44.96
C2 BMA H . 4.59 -29.36 46.24
C3 BMA H . 3.06 -29.51 46.25
C4 BMA H . 2.36 -28.20 45.92
C5 BMA H . 2.88 -27.66 44.59
C6 BMA H . 2.24 -26.33 44.21
O2 BMA H . 4.93 -28.61 47.40
O3 BMA H . 2.61 -30.01 47.50
O4 BMA H . 0.96 -28.41 45.83
O5 BMA H . 4.29 -27.44 44.74
O6 BMA H . 2.53 -25.40 45.24
C1 MAN H . 2.78 -31.44 47.53
C2 MAN H . 1.46 -32.06 48.06
C3 MAN H . 1.28 -31.75 49.54
C4 MAN H . 2.54 -32.11 50.34
C5 MAN H . 3.75 -31.40 49.74
C6 MAN H . 5.05 -31.76 50.43
O2 MAN H . 1.50 -33.49 47.98
O3 MAN H . 0.15 -32.41 50.08
O4 MAN H . 2.38 -31.71 51.69
O5 MAN H . 3.88 -31.78 48.35
O6 MAN H . 4.84 -31.70 51.84
C1 MAN H . 1.69 -24.24 45.06
C2 MAN H . 2.31 -23.08 45.89
C3 MAN H . 2.13 -23.34 47.38
C4 MAN H . 0.66 -23.64 47.70
C5 MAN H . 0.18 -24.84 46.85
C6 MAN H . -1.28 -25.16 47.06
O2 MAN H . 1.65 -21.84 45.63
O3 MAN H . 2.59 -22.25 48.17
O4 MAN H . 0.52 -23.96 49.07
O5 MAN H . 0.36 -24.51 45.45
O6 MAN H . -2.05 -24.19 46.37
C1 NAG I . 21.66 10.15 1.07
C2 NAG I . 21.97 10.63 -0.35
C3 NAG I . 21.66 9.54 -1.36
C4 NAG I . 22.35 8.24 -0.98
C5 NAG I . 22.05 7.88 0.47
C6 NAG I . 22.83 6.68 0.97
C7 NAG I . 21.70 13.08 -0.44
C8 NAG I . 20.79 14.21 -0.82
N2 NAG I . 21.23 11.85 -0.66
O3 NAG I . 22.09 9.97 -2.65
O4 NAG I . 21.89 7.19 -1.82
O5 NAG I . 22.39 8.97 1.34
O6 NAG I . 22.05 5.49 0.87
O7 NAG I . 22.81 13.27 0.04
C1 NAG I . 22.98 6.67 -2.61
C2 NAG I . 22.46 5.43 -3.34
C3 NAG I . 23.56 4.84 -4.22
C4 NAG I . 24.11 5.91 -5.16
C5 NAG I . 24.55 7.13 -4.36
C6 NAG I . 24.98 8.28 -5.24
C7 NAG I . 20.69 4.11 -2.27
C8 NAG I . 20.37 3.06 -1.25
N2 NAG I . 21.99 4.43 -2.39
O3 NAG I . 23.03 3.76 -4.98
O4 NAG I . 25.22 5.40 -5.88
O5 NAG I . 23.46 7.62 -3.56
O6 NAG I . 23.99 8.59 -6.21
O7 NAG I . 19.82 4.65 -2.94
C1 GAL J . 21.78 -53.69 -1.25
C2 GAL J . 20.35 -54.04 -0.80
C3 GAL J . 19.36 -53.84 -1.94
C4 GAL J . 19.45 -52.39 -2.46
C5 GAL J . 20.91 -52.06 -2.79
C6 GAL J . 21.15 -50.59 -3.12
O1 GAL J . 22.69 -53.84 -0.21
O2 GAL J . 20.24 -55.40 -0.39
O3 GAL J . 18.02 -54.04 -1.50
O4 GAL J . 18.96 -51.48 -1.49
O5 GAL J . 21.79 -52.34 -1.69
O6 GAL J . 22.44 -50.48 -3.57
C1 SIA J . 22.23 -48.39 -4.71
C2 SIA J . 23.10 -49.28 -3.74
C3 SIA J . 24.55 -49.54 -4.18
C4 SIA J . 25.46 -48.32 -4.09
C5 SIA J . 25.41 -47.72 -2.69
C6 SIA J . 23.95 -47.50 -2.22
C7 SIA J . 23.89 -47.26 -0.69
C8 SIA J . 22.45 -46.97 -0.24
C9 SIA J . 22.41 -45.90 0.85
C10 SIA J . 27.00 -46.05 -1.72
C11 SIA J . 27.61 -44.67 -1.93
N5 SIA J . 26.12 -46.44 -2.67
O1A SIA J . 22.45 -48.67 -5.93
O1B SIA J . 21.46 -47.55 -4.22
O4 SIA J . 26.82 -48.65 -4.37
O6 SIA J . 23.15 -48.65 -2.41
O7 SIA J . 24.45 -48.36 -0.01
O8 SIA J . 21.64 -46.60 -1.36
O9 SIA J . 21.09 -45.81 1.39
O10 SIA J . 27.33 -46.73 -0.75
C1 GAL K . 45.55 -23.98 26.57
C2 GAL K . 45.99 -24.29 25.14
C3 GAL K . 46.43 -23.02 24.43
C4 GAL K . 45.30 -21.97 24.47
C5 GAL K . 44.81 -21.79 25.91
C6 GAL K . 43.54 -20.94 26.03
O1 GAL K . 45.10 -25.14 27.23
O2 GAL K . 47.09 -25.19 25.11
O3 GAL K . 46.73 -23.27 23.06
O4 GAL K . 44.23 -22.39 23.64
O5 GAL K . 44.48 -23.04 26.53
O6 GAL K . 43.43 -20.62 27.36
C1 SIA K . 41.92 -18.75 27.25
C2 SIA K . 42.27 -20.13 27.95
C3 SIA K . 42.45 -20.07 29.47
C4 SIA K . 41.16 -19.84 30.24
C5 SIA K . 40.10 -20.87 29.84
C6 SIA K . 39.96 -20.97 28.30
C7 SIA K . 39.20 -22.26 27.89
C8 SIA K . 39.06 -22.34 26.36
C9 SIA K . 37.76 -23.05 25.97
C10 SIA K . 37.96 -21.33 31.05
C11 SIA K . 36.66 -20.69 31.55
N5 SIA K . 38.80 -20.49 30.40
O1A SIA K . 42.52 -17.78 27.79
O1B SIA K . 41.14 -18.76 26.27
O4 SIA K . 41.34 -19.96 31.66
O6 SIA K . 41.22 -21.11 27.65
O7 SIA K . 39.87 -23.40 28.43
O8 SIA K . 39.13 -21.04 25.78
O9 SIA K . 37.70 -23.17 24.56
O10 SIA K . 38.18 -22.53 31.26
C1 GAL L . 3.91 -41.10 40.71
C2 GAL L . 4.73 -39.98 41.36
C3 GAL L . 3.81 -38.87 41.85
C4 GAL L . 2.95 -38.34 40.69
C5 GAL L . 2.25 -39.51 40.00
C6 GAL L . 1.54 -39.12 38.69
O1 GAL L . 4.74 -42.12 40.22
O2 GAL L . 5.46 -40.45 42.47
O3 GAL L . 4.57 -37.77 42.35
O4 GAL L . 3.76 -37.64 39.76
O5 GAL L . 3.16 -40.56 39.62
O6 GAL L . 1.04 -40.23 38.07
C1 SIA L . -0.38 -39.10 36.51
C2 SIA L . 0.56 -40.35 36.78
C3 SIA L . -0.08 -41.72 36.59
C4 SIA L . -0.34 -42.09 35.12
C5 SIA L . 0.94 -41.96 34.30
C6 SIA L . 1.62 -40.58 34.53
C7 SIA L . 3.08 -40.59 34.02
C8 SIA L . 3.75 -39.21 34.25
C9 SIA L . 4.81 -38.95 33.18
C10 SIA L . 1.34 -42.85 32.00
C11 SIA L . 0.81 -42.84 30.56
N5 SIA L . 0.64 -42.11 32.88
O1A SIA L . -1.54 -39.26 36.98
O1B SIA L . 0.10 -38.12 35.90
O4 SIA L . -0.79 -43.44 34.99
O6 SIA L . 1.75 -40.26 35.91
O7 SIA L . 3.79 -41.64 34.66
O8 SIA L . 2.77 -38.19 34.27
O9 SIA L . 5.50 -37.75 33.49
O10 SIA L . 2.34 -43.51 32.29
C1 NAG M . -10.32 8.56 -31.83
C2 NAG M . -10.04 8.83 -33.30
C3 NAG M . -8.87 7.97 -33.79
C4 NAG M . -7.67 8.16 -32.88
C5 NAG M . -8.04 7.90 -31.43
C6 NAG M . -6.92 8.20 -30.46
C7 NAG M . -11.64 9.47 -35.04
C8 NAG M . -12.88 9.07 -35.80
N2 NAG M . -11.22 8.60 -34.12
O3 NAG M . -8.54 8.32 -35.13
O4 NAG M . -6.63 7.25 -33.26
O5 NAG M . -9.14 8.76 -31.06
O6 NAG M . -6.99 9.52 -29.96
O7 NAG M . -11.06 10.52 -35.26
C1 NAG N . -30.49 15.80 3.25
C2 NAG N . -32.02 15.80 3.30
C3 NAG N . -32.53 14.46 3.80
C4 NAG N . -31.97 13.33 2.95
C5 NAG N . -30.44 13.42 2.90
C6 NAG N . -29.81 12.40 1.98
C7 NAG N . -33.51 17.68 3.80
C8 NAG N . -33.89 18.75 4.78
N2 NAG N . -32.51 16.88 4.15
O3 NAG N . -33.96 14.44 3.74
O4 NAG N . -32.34 12.07 3.50
O5 NAG N . -30.05 14.71 2.43
O6 NAG N . -29.57 12.95 0.70
O7 NAG N . -34.10 17.56 2.71
C1 NAG O . 5.82 33.79 -3.76
C2 NAG O . 6.12 35.20 -3.23
C3 NAG O . 6.91 35.11 -1.93
C4 NAG O . 6.20 34.22 -0.93
C5 NAG O . 5.90 32.86 -1.54
C6 NAG O . 5.09 31.96 -0.64
C7 NAG O . 6.54 37.27 -4.47
C8 NAG O . 7.37 37.94 -5.52
N2 NAG O . 6.83 35.99 -4.21
O3 NAG O . 7.08 36.42 -1.39
O4 NAG O . 7.01 34.04 0.24
O5 NAG O . 5.15 33.03 -2.75
O6 NAG O . 3.87 31.58 -1.26
O7 NAG O . 5.64 37.86 -3.87
#